data_1TOU
# 
_entry.id   1TOU 
# 
_audit_conform.dict_name       mmcif_pdbx.dic 
_audit_conform.dict_version    5.388 
_audit_conform.dict_location   http://mmcif.pdb.org/dictionaries/ascii/mmcif_pdbx.dic 
# 
loop_
_database_2.database_id 
_database_2.database_code 
_database_2.pdbx_database_accession 
_database_2.pdbx_DOI 
PDB   1TOU         pdb_00001tou 10.2210/pdb1tou/pdb 
RCSB  RCSB022802   ?            ?                   
WWPDB D_1000022802 ?            ?                   
# 
loop_
_pdbx_audit_revision_history.ordinal 
_pdbx_audit_revision_history.data_content_type 
_pdbx_audit_revision_history.major_revision 
_pdbx_audit_revision_history.minor_revision 
_pdbx_audit_revision_history.revision_date 
1 'Structure model' 1 0 2004-08-24 
2 'Structure model' 1 1 2008-04-30 
3 'Structure model' 1 2 2011-07-13 
4 'Structure model' 1 3 2024-03-13 
# 
_pdbx_audit_revision_details.ordinal             1 
_pdbx_audit_revision_details.revision_ordinal    1 
_pdbx_audit_revision_details.data_content_type   'Structure model' 
_pdbx_audit_revision_details.provider            repository 
_pdbx_audit_revision_details.type                'Initial release' 
_pdbx_audit_revision_details.description         ? 
_pdbx_audit_revision_details.details             ? 
# 
loop_
_pdbx_audit_revision_group.ordinal 
_pdbx_audit_revision_group.revision_ordinal 
_pdbx_audit_revision_group.data_content_type 
_pdbx_audit_revision_group.group 
1 2 'Structure model' 'Version format compliance' 
2 3 'Structure model' 'Version format compliance' 
3 4 'Structure model' 'Data collection'           
4 4 'Structure model' 'Database references'       
5 4 'Structure model' 'Derived calculations'      
# 
loop_
_pdbx_audit_revision_category.ordinal 
_pdbx_audit_revision_category.revision_ordinal 
_pdbx_audit_revision_category.data_content_type 
_pdbx_audit_revision_category.category 
1 4 'Structure model' chem_comp_atom 
2 4 'Structure model' chem_comp_bond 
3 4 'Structure model' database_2     
4 4 'Structure model' struct_site    
# 
loop_
_pdbx_audit_revision_item.ordinal 
_pdbx_audit_revision_item.revision_ordinal 
_pdbx_audit_revision_item.data_content_type 
_pdbx_audit_revision_item.item 
1 4 'Structure model' '_database_2.pdbx_DOI'                
2 4 'Structure model' '_database_2.pdbx_database_accession' 
3 4 'Structure model' '_struct_site.pdbx_auth_asym_id'      
4 4 'Structure model' '_struct_site.pdbx_auth_comp_id'      
5 4 'Structure model' '_struct_site.pdbx_auth_seq_id'       
# 
_pdbx_database_status.status_code                     REL 
_pdbx_database_status.entry_id                        1TOU 
_pdbx_database_status.recvd_initial_deposition_date   2004-06-15 
_pdbx_database_status.deposit_site                    RCSB 
_pdbx_database_status.process_site                    PDBJ 
_pdbx_database_status.status_code_sf                  REL 
_pdbx_database_status.SG_entry                        . 
_pdbx_database_status.pdb_format_compatible           Y 
_pdbx_database_status.status_code_mr                  ? 
_pdbx_database_status.status_code_cs                  ? 
_pdbx_database_status.status_code_nmr_data            ? 
_pdbx_database_status.methods_development_category    ? 
# 
_pdbx_database_related.db_name        PDB 
_pdbx_database_related.db_id          1TOW 
_pdbx_database_related.details        'the same protein complexed with different ligand' 
_pdbx_database_related.content_type   unspecified 
# 
loop_
_audit_author.name 
_audit_author.pdbx_ordinal 
'Ringom, R.'    1 
'Axen, E.'      2 
'Uppenberg, J.' 3 
'Lundback, T.'  4 
'Rondahl, L.'   5 
'Barf, T.'      6 
# 
_citation.id                        primary 
_citation.title                     
'Substituted benzylamino-6-(trifluoromethyl)pyrimidin-4(1H)-ones: a novel class of selective human A-FABP inhibitors.' 
_citation.journal_abbrev            Bioorg.Med.Chem.Lett. 
_citation.journal_volume            14 
_citation.page_first                4449 
_citation.page_last                 4452 
_citation.year                      2004 
_citation.journal_id_ASTM           BMCLE8 
_citation.country                   UK 
_citation.journal_id_ISSN           0960-894X 
_citation.journal_id_CSD            1127 
_citation.book_publisher            ? 
_citation.pdbx_database_id_PubMed   15357970 
_citation.pdbx_database_id_DOI      10.1016/j.bmcl.2004.06.058 
# 
loop_
_citation_author.citation_id 
_citation_author.name 
_citation_author.ordinal 
_citation_author.identifier_ORCID 
primary 'Ringom, R.'    1 ? 
primary 'Axen, E.'      2 ? 
primary 'Uppenberg, J.' 3 ? 
primary 'Lundback, T.'  4 ? 
primary 'Rondahl, L.'   5 ? 
primary 'Barf, T.'      6 ? 
# 
loop_
_entity.id 
_entity.type 
_entity.src_method 
_entity.pdbx_description 
_entity.formula_weight 
_entity.pdbx_number_of_molecules 
_entity.pdbx_ec 
_entity.pdbx_mutation 
_entity.pdbx_fragment 
_entity.details 
1 polymer     man 'Fatty acid-binding protein, adipocyte'                                       14608.702 1   ? ? ? ? 
2 non-polymer syn '2-[(2-OXO-2-PIPERIDIN-1-YLETHYL)SULFANYL]-6-(TRIFLUOROMETHYL)PYRIMIDIN-4-OL' 321.319   1   ? ? ? ? 
3 water       nat water                                                                         18.015    134 ? ? ? ? 
# 
_entity_name_com.entity_id   1 
_entity_name_com.name        'AFABP, Adipocyte lipid-binding protein, ALBP, A-FABP' 
# 
_entity_poly.entity_id                      1 
_entity_poly.type                           'polypeptide(L)' 
_entity_poly.nstd_linkage                   no 
_entity_poly.nstd_monomer                   no 
_entity_poly.pdbx_seq_one_letter_code       
;CDAFVGTWKLVSSENFDDYMKEVGVGFATRKVAGMAKPNMIISVNGDVITIKSESTFKNTEISFILGQEFDEVTADDRKV
KSTITLDGGVLVHVQKWDGKSTTIKRKREDDKLVVECVMKGVTSTRVYERA
;
_entity_poly.pdbx_seq_one_letter_code_can   
;CDAFVGTWKLVSSENFDDYMKEVGVGFATRKVAGMAKPNMIISVNGDVITIKSESTFKNTEISFILGQEFDEVTADDRKV
KSTITLDGGVLVHVQKWDGKSTTIKRKREDDKLVVECVMKGVTSTRVYERA
;
_entity_poly.pdbx_strand_id                 A 
_entity_poly.pdbx_target_identifier         ? 
# 
loop_
_pdbx_entity_nonpoly.entity_id 
_pdbx_entity_nonpoly.name 
_pdbx_entity_nonpoly.comp_id 
2 '2-[(2-OXO-2-PIPERIDIN-1-YLETHYL)SULFANYL]-6-(TRIFLUOROMETHYL)PYRIMIDIN-4-OL' B1V 
3 water                                                                         HOH 
# 
loop_
_entity_poly_seq.entity_id 
_entity_poly_seq.num 
_entity_poly_seq.mon_id 
_entity_poly_seq.hetero 
1 1   CYS n 
1 2   ASP n 
1 3   ALA n 
1 4   PHE n 
1 5   VAL n 
1 6   GLY n 
1 7   THR n 
1 8   TRP n 
1 9   LYS n 
1 10  LEU n 
1 11  VAL n 
1 12  SER n 
1 13  SER n 
1 14  GLU n 
1 15  ASN n 
1 16  PHE n 
1 17  ASP n 
1 18  ASP n 
1 19  TYR n 
1 20  MET n 
1 21  LYS n 
1 22  GLU n 
1 23  VAL n 
1 24  GLY n 
1 25  VAL n 
1 26  GLY n 
1 27  PHE n 
1 28  ALA n 
1 29  THR n 
1 30  ARG n 
1 31  LYS n 
1 32  VAL n 
1 33  ALA n 
1 34  GLY n 
1 35  MET n 
1 36  ALA n 
1 37  LYS n 
1 38  PRO n 
1 39  ASN n 
1 40  MET n 
1 41  ILE n 
1 42  ILE n 
1 43  SER n 
1 44  VAL n 
1 45  ASN n 
1 46  GLY n 
1 47  ASP n 
1 48  VAL n 
1 49  ILE n 
1 50  THR n 
1 51  ILE n 
1 52  LYS n 
1 53  SER n 
1 54  GLU n 
1 55  SER n 
1 56  THR n 
1 57  PHE n 
1 58  LYS n 
1 59  ASN n 
1 60  THR n 
1 61  GLU n 
1 62  ILE n 
1 63  SER n 
1 64  PHE n 
1 65  ILE n 
1 66  LEU n 
1 67  GLY n 
1 68  GLN n 
1 69  GLU n 
1 70  PHE n 
1 71  ASP n 
1 72  GLU n 
1 73  VAL n 
1 74  THR n 
1 75  ALA n 
1 76  ASP n 
1 77  ASP n 
1 78  ARG n 
1 79  LYS n 
1 80  VAL n 
1 81  LYS n 
1 82  SER n 
1 83  THR n 
1 84  ILE n 
1 85  THR n 
1 86  LEU n 
1 87  ASP n 
1 88  GLY n 
1 89  GLY n 
1 90  VAL n 
1 91  LEU n 
1 92  VAL n 
1 93  HIS n 
1 94  VAL n 
1 95  GLN n 
1 96  LYS n 
1 97  TRP n 
1 98  ASP n 
1 99  GLY n 
1 100 LYS n 
1 101 SER n 
1 102 THR n 
1 103 THR n 
1 104 ILE n 
1 105 LYS n 
1 106 ARG n 
1 107 LYS n 
1 108 ARG n 
1 109 GLU n 
1 110 ASP n 
1 111 ASP n 
1 112 LYS n 
1 113 LEU n 
1 114 VAL n 
1 115 VAL n 
1 116 GLU n 
1 117 CYS n 
1 118 VAL n 
1 119 MET n 
1 120 LYS n 
1 121 GLY n 
1 122 VAL n 
1 123 THR n 
1 124 SER n 
1 125 THR n 
1 126 ARG n 
1 127 VAL n 
1 128 TYR n 
1 129 GLU n 
1 130 ARG n 
1 131 ALA n 
# 
_entity_src_gen.entity_id                          1 
_entity_src_gen.pdbx_src_id                        1 
_entity_src_gen.pdbx_alt_source_flag               sample 
_entity_src_gen.pdbx_seq_type                      ? 
_entity_src_gen.pdbx_beg_seq_num                   ? 
_entity_src_gen.pdbx_end_seq_num                   ? 
_entity_src_gen.gene_src_common_name               human 
_entity_src_gen.gene_src_genus                     Homo 
_entity_src_gen.pdbx_gene_src_gene                 ? 
_entity_src_gen.gene_src_species                   ? 
_entity_src_gen.gene_src_strain                    ? 
_entity_src_gen.gene_src_tissue                    ? 
_entity_src_gen.gene_src_tissue_fraction           ? 
_entity_src_gen.gene_src_details                   ? 
_entity_src_gen.pdbx_gene_src_fragment             ? 
_entity_src_gen.pdbx_gene_src_scientific_name      'Homo sapiens' 
_entity_src_gen.pdbx_gene_src_ncbi_taxonomy_id     9606 
_entity_src_gen.pdbx_gene_src_variant              ? 
_entity_src_gen.pdbx_gene_src_cell_line            ? 
_entity_src_gen.pdbx_gene_src_atcc                 ? 
_entity_src_gen.pdbx_gene_src_organ                ? 
_entity_src_gen.pdbx_gene_src_organelle            ? 
_entity_src_gen.pdbx_gene_src_cell                 ? 
_entity_src_gen.pdbx_gene_src_cellular_location    ? 
_entity_src_gen.host_org_common_name               ? 
_entity_src_gen.pdbx_host_org_scientific_name      'Escherichia coli' 
_entity_src_gen.pdbx_host_org_ncbi_taxonomy_id     562 
_entity_src_gen.host_org_genus                     Escherichia 
_entity_src_gen.pdbx_host_org_gene                 ? 
_entity_src_gen.pdbx_host_org_organ                ? 
_entity_src_gen.host_org_species                   ? 
_entity_src_gen.pdbx_host_org_tissue               ? 
_entity_src_gen.pdbx_host_org_tissue_fraction      ? 
_entity_src_gen.pdbx_host_org_strain               ? 
_entity_src_gen.pdbx_host_org_variant              ? 
_entity_src_gen.pdbx_host_org_cell_line            ? 
_entity_src_gen.pdbx_host_org_atcc                 ? 
_entity_src_gen.pdbx_host_org_culture_collection   ? 
_entity_src_gen.pdbx_host_org_cell                 ? 
_entity_src_gen.pdbx_host_org_organelle            ? 
_entity_src_gen.pdbx_host_org_cellular_location    ? 
_entity_src_gen.pdbx_host_org_vector_type          ? 
_entity_src_gen.pdbx_host_org_vector               ? 
_entity_src_gen.host_org_details                   ? 
_entity_src_gen.expression_system_id               ? 
_entity_src_gen.plasmid_name                       ? 
_entity_src_gen.plasmid_details                    ? 
_entity_src_gen.pdbx_description                   ? 
# 
loop_
_chem_comp.id 
_chem_comp.type 
_chem_comp.mon_nstd_flag 
_chem_comp.name 
_chem_comp.pdbx_synonyms 
_chem_comp.formula 
_chem_comp.formula_weight 
ALA 'L-peptide linking' y ALANINE                                                                       ? 'C3 H7 N O2'         
89.093  
ARG 'L-peptide linking' y ARGININE                                                                      ? 'C6 H15 N4 O2 1'     
175.209 
ASN 'L-peptide linking' y ASPARAGINE                                                                    ? 'C4 H8 N2 O3'        
132.118 
ASP 'L-peptide linking' y 'ASPARTIC ACID'                                                               ? 'C4 H7 N O4'         
133.103 
B1V non-polymer         . '2-[(2-OXO-2-PIPERIDIN-1-YLETHYL)SULFANYL]-6-(TRIFLUOROMETHYL)PYRIMIDIN-4-OL' 
'2-[(2-OXO-2-PIPERIDIN-1-YLETHYL)THIO]-6-(TRIFLUOROMETHYL)PYRIMIDIN-4(1H)-ONE' 'C12 H14 F3 N3 O2 S' 321.319 
CYS 'L-peptide linking' y CYSTEINE                                                                      ? 'C3 H7 N O2 S'       
121.158 
GLN 'L-peptide linking' y GLUTAMINE                                                                     ? 'C5 H10 N2 O3'       
146.144 
GLU 'L-peptide linking' y 'GLUTAMIC ACID'                                                               ? 'C5 H9 N O4'         
147.129 
GLY 'peptide linking'   y GLYCINE                                                                       ? 'C2 H5 N O2'         
75.067  
HIS 'L-peptide linking' y HISTIDINE                                                                     ? 'C6 H10 N3 O2 1'     
156.162 
HOH non-polymer         . WATER                                                                         ? 'H2 O'               
18.015  
ILE 'L-peptide linking' y ISOLEUCINE                                                                    ? 'C6 H13 N O2'        
131.173 
LEU 'L-peptide linking' y LEUCINE                                                                       ? 'C6 H13 N O2'        
131.173 
LYS 'L-peptide linking' y LYSINE                                                                        ? 'C6 H15 N2 O2 1'     
147.195 
MET 'L-peptide linking' y METHIONINE                                                                    ? 'C5 H11 N O2 S'      
149.211 
PHE 'L-peptide linking' y PHENYLALANINE                                                                 ? 'C9 H11 N O2'        
165.189 
PRO 'L-peptide linking' y PROLINE                                                                       ? 'C5 H9 N O2'         
115.130 
SER 'L-peptide linking' y SERINE                                                                        ? 'C3 H7 N O3'         
105.093 
THR 'L-peptide linking' y THREONINE                                                                     ? 'C4 H9 N O3'         
119.119 
TRP 'L-peptide linking' y TRYPTOPHAN                                                                    ? 'C11 H12 N2 O2'      
204.225 
TYR 'L-peptide linking' y TYROSINE                                                                      ? 'C9 H11 N O3'        
181.189 
VAL 'L-peptide linking' y VALINE                                                                        ? 'C5 H11 N O2'        
117.146 
# 
loop_
_pdbx_poly_seq_scheme.asym_id 
_pdbx_poly_seq_scheme.entity_id 
_pdbx_poly_seq_scheme.seq_id 
_pdbx_poly_seq_scheme.mon_id 
_pdbx_poly_seq_scheme.ndb_seq_num 
_pdbx_poly_seq_scheme.pdb_seq_num 
_pdbx_poly_seq_scheme.auth_seq_num 
_pdbx_poly_seq_scheme.pdb_mon_id 
_pdbx_poly_seq_scheme.auth_mon_id 
_pdbx_poly_seq_scheme.pdb_strand_id 
_pdbx_poly_seq_scheme.pdb_ins_code 
_pdbx_poly_seq_scheme.hetero 
A 1 1   CYS 1   1   1   CYS CYS A . n 
A 1 2   ASP 2   2   2   ASP ASP A . n 
A 1 3   ALA 3   3   3   ALA ALA A . n 
A 1 4   PHE 4   4   4   PHE PHE A . n 
A 1 5   VAL 5   5   5   VAL VAL A . n 
A 1 6   GLY 6   6   6   GLY GLY A . n 
A 1 7   THR 7   7   7   THR THR A . n 
A 1 8   TRP 8   8   8   TRP TRP A . n 
A 1 9   LYS 9   9   9   LYS LYS A . n 
A 1 10  LEU 10  10  10  LEU LEU A . n 
A 1 11  VAL 11  11  11  VAL VAL A . n 
A 1 12  SER 12  12  12  SER SER A . n 
A 1 13  SER 13  13  13  SER SER A . n 
A 1 14  GLU 14  14  14  GLU GLU A . n 
A 1 15  ASN 15  15  15  ASN ASN A . n 
A 1 16  PHE 16  16  16  PHE PHE A . n 
A 1 17  ASP 17  17  17  ASP ASP A . n 
A 1 18  ASP 18  18  18  ASP ASP A . n 
A 1 19  TYR 19  19  19  TYR TYR A . n 
A 1 20  MET 20  20  20  MET MET A . n 
A 1 21  LYS 21  21  21  LYS LYS A . n 
A 1 22  GLU 22  22  22  GLU GLU A . n 
A 1 23  VAL 23  23  23  VAL VAL A . n 
A 1 24  GLY 24  24  24  GLY GLY A . n 
A 1 25  VAL 25  25  25  VAL VAL A . n 
A 1 26  GLY 26  26  26  GLY GLY A . n 
A 1 27  PHE 27  27  27  PHE PHE A . n 
A 1 28  ALA 28  28  28  ALA ALA A . n 
A 1 29  THR 29  29  29  THR THR A . n 
A 1 30  ARG 30  30  30  ARG ARG A . n 
A 1 31  LYS 31  31  31  LYS LYS A . n 
A 1 32  VAL 32  32  32  VAL VAL A . n 
A 1 33  ALA 33  33  33  ALA ALA A . n 
A 1 34  GLY 34  34  34  GLY GLY A . n 
A 1 35  MET 35  35  35  MET MET A . n 
A 1 36  ALA 36  36  36  ALA ALA A . n 
A 1 37  LYS 37  37  37  LYS LYS A . n 
A 1 38  PRO 38  38  38  PRO PRO A . n 
A 1 39  ASN 39  39  39  ASN ASN A . n 
A 1 40  MET 40  40  40  MET MET A . n 
A 1 41  ILE 41  41  41  ILE ILE A . n 
A 1 42  ILE 42  42  42  ILE ILE A . n 
A 1 43  SER 43  43  43  SER SER A . n 
A 1 44  VAL 44  44  44  VAL VAL A . n 
A 1 45  ASN 45  45  45  ASN ASN A . n 
A 1 46  GLY 46  46  46  GLY GLY A . n 
A 1 47  ASP 47  47  47  ASP ASP A . n 
A 1 48  VAL 48  48  48  VAL VAL A . n 
A 1 49  ILE 49  49  49  ILE ILE A . n 
A 1 50  THR 50  50  50  THR THR A . n 
A 1 51  ILE 51  51  51  ILE ILE A . n 
A 1 52  LYS 52  52  52  LYS LYS A . n 
A 1 53  SER 53  53  53  SER SER A . n 
A 1 54  GLU 54  54  54  GLU GLU A . n 
A 1 55  SER 55  55  55  SER SER A . n 
A 1 56  THR 56  56  56  THR THR A . n 
A 1 57  PHE 57  57  57  PHE PHE A . n 
A 1 58  LYS 58  58  58  LYS LYS A . n 
A 1 59  ASN 59  59  59  ASN ASN A . n 
A 1 60  THR 60  60  60  THR THR A . n 
A 1 61  GLU 61  61  61  GLU GLU A . n 
A 1 62  ILE 62  62  62  ILE ILE A . n 
A 1 63  SER 63  63  63  SER SER A . n 
A 1 64  PHE 64  64  64  PHE PHE A . n 
A 1 65  ILE 65  65  65  ILE ILE A . n 
A 1 66  LEU 66  66  66  LEU LEU A . n 
A 1 67  GLY 67  67  67  GLY GLY A . n 
A 1 68  GLN 68  68  68  GLN GLN A . n 
A 1 69  GLU 69  69  69  GLU GLU A . n 
A 1 70  PHE 70  70  70  PHE PHE A . n 
A 1 71  ASP 71  71  71  ASP ASP A . n 
A 1 72  GLU 72  72  72  GLU GLU A . n 
A 1 73  VAL 73  73  73  VAL VAL A . n 
A 1 74  THR 74  74  74  THR THR A . n 
A 1 75  ALA 75  75  75  ALA ALA A . n 
A 1 76  ASP 76  76  76  ASP ASP A . n 
A 1 77  ASP 77  77  77  ASP ASP A . n 
A 1 78  ARG 78  78  78  ARG ARG A . n 
A 1 79  LYS 79  79  79  LYS LYS A . n 
A 1 80  VAL 80  80  80  VAL VAL A . n 
A 1 81  LYS 81  81  81  LYS LYS A . n 
A 1 82  SER 82  82  82  SER SER A . n 
A 1 83  THR 83  83  83  THR THR A . n 
A 1 84  ILE 84  84  84  ILE ILE A . n 
A 1 85  THR 85  85  85  THR THR A . n 
A 1 86  LEU 86  86  86  LEU LEU A . n 
A 1 87  ASP 87  87  87  ASP ASP A . n 
A 1 88  GLY 88  88  88  GLY GLY A . n 
A 1 89  GLY 89  89  89  GLY GLY A . n 
A 1 90  VAL 90  90  90  VAL VAL A . n 
A 1 91  LEU 91  91  91  LEU LEU A . n 
A 1 92  VAL 92  92  92  VAL VAL A . n 
A 1 93  HIS 93  93  93  HIS HIS A . n 
A 1 94  VAL 94  94  94  VAL VAL A . n 
A 1 95  GLN 95  95  95  GLN GLN A . n 
A 1 96  LYS 96  96  96  LYS LYS A . n 
A 1 97  TRP 97  97  97  TRP TRP A . n 
A 1 98  ASP 98  98  98  ASP ASP A . n 
A 1 99  GLY 99  99  99  GLY GLY A . n 
A 1 100 LYS 100 100 100 LYS LYS A . n 
A 1 101 SER 101 101 101 SER SER A . n 
A 1 102 THR 102 102 102 THR THR A . n 
A 1 103 THR 103 103 103 THR THR A . n 
A 1 104 ILE 104 104 104 ILE ILE A . n 
A 1 105 LYS 105 105 105 LYS LYS A . n 
A 1 106 ARG 106 106 106 ARG ARG A . n 
A 1 107 LYS 107 107 107 LYS LYS A . n 
A 1 108 ARG 108 108 108 ARG ARG A . n 
A 1 109 GLU 109 109 109 GLU GLU A . n 
A 1 110 ASP 110 110 110 ASP ASP A . n 
A 1 111 ASP 111 111 111 ASP ASP A . n 
A 1 112 LYS 112 112 112 LYS LYS A . n 
A 1 113 LEU 113 113 113 LEU LEU A . n 
A 1 114 VAL 114 114 114 VAL VAL A . n 
A 1 115 VAL 115 115 115 VAL VAL A . n 
A 1 116 GLU 116 116 116 GLU GLU A . n 
A 1 117 CYS 117 117 117 CYS CYS A . n 
A 1 118 VAL 118 118 118 VAL VAL A . n 
A 1 119 MET 119 119 119 MET MET A . n 
A 1 120 LYS 120 120 120 LYS LYS A . n 
A 1 121 GLY 121 121 121 GLY GLY A . n 
A 1 122 VAL 122 122 122 VAL VAL A . n 
A 1 123 THR 123 123 123 THR THR A . n 
A 1 124 SER 124 124 124 SER SER A . n 
A 1 125 THR 125 125 125 THR THR A . n 
A 1 126 ARG 126 126 126 ARG ARG A . n 
A 1 127 VAL 127 127 127 VAL VAL A . n 
A 1 128 TYR 128 128 128 TYR TYR A . n 
A 1 129 GLU 129 129 129 GLU GLU A . n 
A 1 130 ARG 130 130 130 ARG ARG A . n 
A 1 131 ALA 131 131 131 ALA ALA A . n 
# 
loop_
_pdbx_nonpoly_scheme.asym_id 
_pdbx_nonpoly_scheme.entity_id 
_pdbx_nonpoly_scheme.mon_id 
_pdbx_nonpoly_scheme.ndb_seq_num 
_pdbx_nonpoly_scheme.pdb_seq_num 
_pdbx_nonpoly_scheme.auth_seq_num 
_pdbx_nonpoly_scheme.pdb_mon_id 
_pdbx_nonpoly_scheme.auth_mon_id 
_pdbx_nonpoly_scheme.pdb_strand_id 
_pdbx_nonpoly_scheme.pdb_ins_code 
B 2 B1V 1   501 501 B1V B1V A . 
C 3 HOH 1   502 1   HOH HOH A . 
C 3 HOH 2   503 2   HOH HOH A . 
C 3 HOH 3   504 4   HOH HOH A . 
C 3 HOH 4   505 6   HOH HOH A . 
C 3 HOH 5   506 7   HOH HOH A . 
C 3 HOH 6   507 8   HOH HOH A . 
C 3 HOH 7   508 9   HOH HOH A . 
C 3 HOH 8   509 10  HOH HOH A . 
C 3 HOH 9   510 11  HOH HOH A . 
C 3 HOH 10  511 12  HOH HOH A . 
C 3 HOH 11  512 13  HOH HOH A . 
C 3 HOH 12  513 14  HOH HOH A . 
C 3 HOH 13  514 15  HOH HOH A . 
C 3 HOH 14  515 16  HOH HOH A . 
C 3 HOH 15  516 17  HOH HOH A . 
C 3 HOH 16  517 18  HOH HOH A . 
C 3 HOH 17  518 19  HOH HOH A . 
C 3 HOH 18  519 20  HOH HOH A . 
C 3 HOH 19  520 21  HOH HOH A . 
C 3 HOH 20  521 22  HOH HOH A . 
C 3 HOH 21  522 23  HOH HOH A . 
C 3 HOH 22  523 24  HOH HOH A . 
C 3 HOH 23  524 26  HOH HOH A . 
C 3 HOH 24  525 27  HOH HOH A . 
C 3 HOH 25  526 28  HOH HOH A . 
C 3 HOH 26  527 29  HOH HOH A . 
C 3 HOH 27  528 30  HOH HOH A . 
C 3 HOH 28  529 31  HOH HOH A . 
C 3 HOH 29  530 32  HOH HOH A . 
C 3 HOH 30  531 33  HOH HOH A . 
C 3 HOH 31  532 34  HOH HOH A . 
C 3 HOH 32  533 35  HOH HOH A . 
C 3 HOH 33  534 36  HOH HOH A . 
C 3 HOH 34  535 37  HOH HOH A . 
C 3 HOH 35  536 38  HOH HOH A . 
C 3 HOH 36  537 39  HOH HOH A . 
C 3 HOH 37  538 40  HOH HOH A . 
C 3 HOH 38  539 41  HOH HOH A . 
C 3 HOH 39  540 42  HOH HOH A . 
C 3 HOH 40  541 43  HOH HOH A . 
C 3 HOH 41  542 44  HOH HOH A . 
C 3 HOH 42  543 45  HOH HOH A . 
C 3 HOH 43  544 46  HOH HOH A . 
C 3 HOH 44  545 47  HOH HOH A . 
C 3 HOH 45  546 48  HOH HOH A . 
C 3 HOH 46  547 49  HOH HOH A . 
C 3 HOH 47  548 50  HOH HOH A . 
C 3 HOH 48  549 51  HOH HOH A . 
C 3 HOH 49  550 52  HOH HOH A . 
C 3 HOH 50  551 53  HOH HOH A . 
C 3 HOH 51  552 54  HOH HOH A . 
C 3 HOH 52  553 55  HOH HOH A . 
C 3 HOH 53  554 56  HOH HOH A . 
C 3 HOH 54  555 57  HOH HOH A . 
C 3 HOH 55  556 58  HOH HOH A . 
C 3 HOH 56  557 59  HOH HOH A . 
C 3 HOH 57  558 60  HOH HOH A . 
C 3 HOH 58  559 61  HOH HOH A . 
C 3 HOH 59  560 63  HOH HOH A . 
C 3 HOH 60  561 64  HOH HOH A . 
C 3 HOH 61  562 65  HOH HOH A . 
C 3 HOH 62  563 67  HOH HOH A . 
C 3 HOH 63  564 68  HOH HOH A . 
C 3 HOH 64  565 69  HOH HOH A . 
C 3 HOH 65  566 70  HOH HOH A . 
C 3 HOH 66  567 71  HOH HOH A . 
C 3 HOH 67  568 72  HOH HOH A . 
C 3 HOH 68  569 73  HOH HOH A . 
C 3 HOH 69  570 74  HOH HOH A . 
C 3 HOH 70  571 75  HOH HOH A . 
C 3 HOH 71  572 76  HOH HOH A . 
C 3 HOH 72  573 78  HOH HOH A . 
C 3 HOH 73  574 79  HOH HOH A . 
C 3 HOH 74  575 80  HOH HOH A . 
C 3 HOH 75  576 81  HOH HOH A . 
C 3 HOH 76  577 82  HOH HOH A . 
C 3 HOH 77  578 83  HOH HOH A . 
C 3 HOH 78  579 85  HOH HOH A . 
C 3 HOH 79  580 86  HOH HOH A . 
C 3 HOH 80  581 87  HOH HOH A . 
C 3 HOH 81  582 88  HOH HOH A . 
C 3 HOH 82  583 89  HOH HOH A . 
C 3 HOH 83  584 90  HOH HOH A . 
C 3 HOH 84  585 91  HOH HOH A . 
C 3 HOH 85  586 94  HOH HOH A . 
C 3 HOH 86  587 95  HOH HOH A . 
C 3 HOH 87  588 96  HOH HOH A . 
C 3 HOH 88  589 97  HOH HOH A . 
C 3 HOH 89  590 98  HOH HOH A . 
C 3 HOH 90  591 99  HOH HOH A . 
C 3 HOH 91  592 102 HOH HOH A . 
C 3 HOH 92  593 103 HOH HOH A . 
C 3 HOH 93  594 104 HOH HOH A . 
C 3 HOH 94  595 105 HOH HOH A . 
C 3 HOH 95  596 106 HOH HOH A . 
C 3 HOH 96  597 107 HOH HOH A . 
C 3 HOH 97  598 108 HOH HOH A . 
C 3 HOH 98  599 109 HOH HOH A . 
C 3 HOH 99  600 110 HOH HOH A . 
C 3 HOH 100 601 111 HOH HOH A . 
C 3 HOH 101 602 112 HOH HOH A . 
C 3 HOH 102 603 113 HOH HOH A . 
C 3 HOH 103 604 115 HOH HOH A . 
C 3 HOH 104 605 116 HOH HOH A . 
C 3 HOH 105 606 117 HOH HOH A . 
C 3 HOH 106 607 118 HOH HOH A . 
C 3 HOH 107 608 119 HOH HOH A . 
C 3 HOH 108 609 120 HOH HOH A . 
C 3 HOH 109 610 121 HOH HOH A . 
C 3 HOH 110 611 122 HOH HOH A . 
C 3 HOH 111 612 123 HOH HOH A . 
C 3 HOH 112 613 124 HOH HOH A . 
C 3 HOH 113 614 125 HOH HOH A . 
C 3 HOH 114 615 126 HOH HOH A . 
C 3 HOH 115 616 127 HOH HOH A . 
C 3 HOH 116 617 128 HOH HOH A . 
C 3 HOH 117 618 129 HOH HOH A . 
C 3 HOH 118 619 130 HOH HOH A . 
C 3 HOH 119 620 131 HOH HOH A . 
C 3 HOH 120 621 132 HOH HOH A . 
C 3 HOH 121 622 133 HOH HOH A . 
C 3 HOH 122 623 134 HOH HOH A . 
C 3 HOH 123 624 135 HOH HOH A . 
C 3 HOH 124 625 136 HOH HOH A . 
C 3 HOH 125 626 137 HOH HOH A . 
C 3 HOH 126 627 138 HOH HOH A . 
C 3 HOH 127 628 139 HOH HOH A . 
C 3 HOH 128 629 140 HOH HOH A . 
C 3 HOH 129 630 141 HOH HOH A . 
C 3 HOH 130 631 142 HOH HOH A . 
C 3 HOH 131 632 143 HOH HOH A . 
C 3 HOH 132 633 144 HOH HOH A . 
C 3 HOH 133 634 145 HOH HOH A . 
C 3 HOH 134 635 146 HOH HOH A . 
# 
loop_
_software.name 
_software.classification 
_software.version 
_software.citation_id 
_software.pdbx_ordinal 
REFMAC    refinement       5.2.0003 ? 1 
DENZO     'data reduction' .        ? 2 
SCALEPACK 'data scaling'   .        ? 3 
AMoRE     phasing          .        ? 4 
# 
_cell.entry_id           1TOU 
_cell.length_a           71.829 
_cell.length_b           53.106 
_cell.length_c           31.383 
_cell.angle_alpha        90.00 
_cell.angle_beta         90.00 
_cell.angle_gamma        90.00 
_cell.Z_PDB              4 
_cell.pdbx_unique_axis   ? 
# 
_symmetry.entry_id                         1TOU 
_symmetry.space_group_name_H-M             'P 21 21 2' 
_symmetry.pdbx_full_space_group_name_H-M   ? 
_symmetry.cell_setting                     ? 
_symmetry.Int_Tables_number                18 
# 
_exptl.entry_id          1TOU 
_exptl.method            'X-RAY DIFFRACTION' 
_exptl.crystals_number   1 
# 
_exptl_crystal.id                    1 
_exptl_crystal.density_meas          ? 
_exptl_crystal.density_Matthews      2.05 
_exptl_crystal.density_percent_sol   40 
_exptl_crystal.description           ? 
# 
_exptl_crystal_grow.crystal_id      1 
_exptl_crystal_grow.method          'VAPOR DIFFUSION, HANGING DROP' 
_exptl_crystal_grow.temp            293 
_exptl_crystal_grow.temp_details    ? 
_exptl_crystal_grow.pH              7.0 
_exptl_crystal_grow.pdbx_details    'PEG2000, DMSO, TRIS, pH 7.0, VAPOR DIFFUSION, HANGING DROP, temperature 293K' 
_exptl_crystal_grow.pdbx_pH_range   . 
# 
_diffrn.id                     1 
_diffrn.ambient_temp           100 
_diffrn.ambient_temp_details   ? 
_diffrn.crystal_id             1 
# 
_diffrn_detector.diffrn_id              1 
_diffrn_detector.detector               'IMAGE PLATE' 
_diffrn_detector.type                   'RIGAKU RAXIS IV' 
_diffrn_detector.pdbx_collection_date   2000-10-16 
_diffrn_detector.details                ? 
# 
_diffrn_radiation.diffrn_id                        1 
_diffrn_radiation.wavelength_id                    1 
_diffrn_radiation.pdbx_monochromatic_or_laue_m_l   M 
_diffrn_radiation.monochromator                    'osmic mirrors' 
_diffrn_radiation.pdbx_diffrn_protocol             'SINGLE WAVELENGTH' 
_diffrn_radiation.pdbx_scattering_type             x-ray 
# 
_diffrn_radiation_wavelength.id           1 
_diffrn_radiation_wavelength.wavelength   1.5418 
_diffrn_radiation_wavelength.wt           1.0 
# 
_diffrn_source.diffrn_id                   1 
_diffrn_source.source                      'ROTATING ANODE' 
_diffrn_source.type                        RIGAKU 
_diffrn_source.pdbx_synchrotron_site       ? 
_diffrn_source.pdbx_synchrotron_beamline   ? 
_diffrn_source.pdbx_wavelength             ? 
_diffrn_source.pdbx_wavelength_list        1.5418 
# 
_reflns.entry_id                     1TOU 
_reflns.observed_criterion_sigma_F   0 
_reflns.observed_criterion_sigma_I   0 
_reflns.d_resolution_high            2.0 
_reflns.d_resolution_low             15.0 
_reflns.number_all                   ? 
_reflns.number_obs                   8483 
_reflns.percent_possible_obs         98.5 
_reflns.pdbx_Rmerge_I_obs            0.064 
_reflns.pdbx_Rsym_value              ? 
_reflns.pdbx_netI_over_sigmaI        17.9 
_reflns.B_iso_Wilson_estimate        ? 
_reflns.pdbx_redundancy              3.3 
_reflns.R_free_details               ? 
_reflns.limit_h_max                  ? 
_reflns.limit_h_min                  ? 
_reflns.limit_k_max                  ? 
_reflns.limit_k_min                  ? 
_reflns.limit_l_max                  ? 
_reflns.limit_l_min                  ? 
_reflns.observed_criterion_F_max     ? 
_reflns.observed_criterion_F_min     ? 
_reflns.pdbx_diffrn_id               1 
_reflns.pdbx_ordinal                 1 
# 
_reflns_shell.d_res_high             2.0 
_reflns_shell.d_res_low              2.07 
_reflns_shell.percent_possible_all   93.5 
_reflns_shell.Rmerge_I_obs           0.209 
_reflns_shell.pdbx_Rsym_value        ? 
_reflns_shell.meanI_over_sigI_obs    4.4 
_reflns_shell.pdbx_redundancy        ? 
_reflns_shell.percent_possible_obs   ? 
_reflns_shell.number_unique_all      792 
_reflns_shell.pdbx_diffrn_id         ? 
_reflns_shell.pdbx_ordinal           1 
# 
_refine.entry_id                                 1TOU 
_refine.ls_number_reflns_obs                     7997 
_refine.ls_number_reflns_all                     ? 
_refine.pdbx_ls_sigma_I                          ? 
_refine.pdbx_ls_sigma_F                          0.0 
_refine.pdbx_data_cutoff_high_absF               ? 
_refine.pdbx_data_cutoff_low_absF                ? 
_refine.pdbx_data_cutoff_high_rms_absF           ? 
_refine.ls_d_res_low                             15.00 
_refine.ls_d_res_high                            2.00 
_refine.ls_percent_reflns_obs                    98.01 
_refine.ls_R_factor_obs                          0.20372 
_refine.ls_R_factor_all                          ? 
_refine.ls_R_factor_R_work                       0.20032 
_refine.ls_R_factor_R_free                       0.27947 
_refine.ls_R_factor_R_free_error                 ? 
_refine.ls_R_factor_R_free_error_details         ? 
_refine.ls_percent_reflns_R_free                 4.5 
_refine.ls_number_reflns_R_free                  380 
_refine.ls_number_parameters                     ? 
_refine.ls_number_restraints                     ? 
_refine.occupancy_min                            ? 
_refine.occupancy_max                            ? 
_refine.correlation_coeff_Fo_to_Fc               0.939 
_refine.correlation_coeff_Fo_to_Fc_free          0.889 
_refine.B_iso_mean                               25.467 
_refine.aniso_B[1][1]                            -1.13 
_refine.aniso_B[2][2]                            -0.46 
_refine.aniso_B[3][3]                            1.59 
_refine.aniso_B[1][2]                            0.00 
_refine.aniso_B[1][3]                            0.00 
_refine.aniso_B[2][3]                            0.00 
_refine.solvent_model_details                    'BABINET MODEL WITH MASK' 
_refine.solvent_model_param_ksol                 ? 
_refine.solvent_model_param_bsol                 ? 
_refine.pdbx_solvent_vdw_probe_radii             1.20 
_refine.pdbx_solvent_ion_probe_radii             0.80 
_refine.pdbx_solvent_shrinkage_radii             0.80 
_refine.pdbx_ls_cross_valid_method               THROUGHOUT 
_refine.details                                  ? 
_refine.pdbx_starting_model                      ? 
_refine.pdbx_method_to_determine_struct          'FOURIER SYNTHESIS' 
_refine.pdbx_isotropic_thermal_model             ? 
_refine.pdbx_stereochemistry_target_values       'MAXIMUM LIKELIHOOD' 
_refine.pdbx_stereochem_target_val_spec_case     ? 
_refine.pdbx_R_Free_selection_details            RANDOM 
_refine.pdbx_overall_ESU_R                       0.245 
_refine.pdbx_overall_ESU_R_Free                  0.219 
_refine.overall_SU_ML                            0.142 
_refine.overall_SU_B                             5.057 
_refine.ls_redundancy_reflns_obs                 ? 
_refine.B_iso_min                                ? 
_refine.B_iso_max                                ? 
_refine.overall_SU_R_Cruickshank_DPI             ? 
_refine.overall_SU_R_free                        ? 
_refine.pdbx_refine_id                           'X-RAY DIFFRACTION' 
_refine.pdbx_diffrn_id                           1 
_refine.pdbx_TLS_residual_ADP_flag               ? 
_refine.pdbx_overall_phase_error                 ? 
_refine.pdbx_overall_SU_R_free_Cruickshank_DPI   ? 
_refine.pdbx_overall_SU_R_Blow_DPI               ? 
_refine.pdbx_overall_SU_R_free_Blow_DPI          ? 
# 
_refine_hist.pdbx_refine_id                   'X-RAY DIFFRACTION' 
_refine_hist.cycle_id                         LAST 
_refine_hist.pdbx_number_atoms_protein        1021 
_refine_hist.pdbx_number_atoms_nucleic_acid   0 
_refine_hist.pdbx_number_atoms_ligand         21 
_refine_hist.number_atoms_solvent             134 
_refine_hist.number_atoms_total               1176 
_refine_hist.d_res_high                       2.00 
_refine_hist.d_res_low                        15.00 
# 
loop_
_refine_ls_restr.type 
_refine_ls_restr.dev_ideal 
_refine_ls_restr.dev_ideal_target 
_refine_ls_restr.weight 
_refine_ls_restr.number 
_refine_ls_restr.pdbx_refine_id 
_refine_ls_restr.pdbx_restraint_function 
r_bond_refined_d         0.011  0.022  ? 1056 'X-RAY DIFFRACTION' ? 
r_angle_refined_deg      1.210  1.954  ? 1421 'X-RAY DIFFRACTION' ? 
r_dihedral_angle_1_deg   6.007  5.000  ? 130  'X-RAY DIFFRACTION' ? 
r_dihedral_angle_2_deg   37.262 24.651 ? 43   'X-RAY DIFFRACTION' ? 
r_dihedral_angle_3_deg   13.726 15.000 ? 200  'X-RAY DIFFRACTION' ? 
r_dihedral_angle_4_deg   19.368 15.000 ? 6    'X-RAY DIFFRACTION' ? 
r_chiral_restr           0.310  0.200  ? 166  'X-RAY DIFFRACTION' ? 
r_gen_planes_refined     0.005  0.020  ? 755  'X-RAY DIFFRACTION' ? 
r_nbd_refined            0.185  0.200  ? 424  'X-RAY DIFFRACTION' ? 
r_nbtor_refined          0.303  0.200  ? 705  'X-RAY DIFFRACTION' ? 
r_xyhbond_nbd_refined    0.152  0.200  ? 105  'X-RAY DIFFRACTION' ? 
r_symmetry_vdw_refined   0.239  0.200  ? 41   'X-RAY DIFFRACTION' ? 
r_symmetry_hbond_refined 0.091  0.200  ? 17   'X-RAY DIFFRACTION' ? 
r_mcbond_it              0.811  1.500  ? 667  'X-RAY DIFFRACTION' ? 
r_mcangle_it             1.247  2.000  ? 1049 'X-RAY DIFFRACTION' ? 
r_scbond_it              1.872  3.000  ? 444  'X-RAY DIFFRACTION' ? 
r_scangle_it             3.050  4.500  ? 372  'X-RAY DIFFRACTION' ? 
# 
_refine_ls_shell.pdbx_total_number_of_bins_used   20 
_refine_ls_shell.d_res_high                       2.000 
_refine_ls_shell.d_res_low                        2.051 
_refine_ls_shell.number_reflns_R_work             520 
_refine_ls_shell.R_factor_R_work                  0.223 
_refine_ls_shell.percent_reflns_obs               90.70 
_refine_ls_shell.R_factor_R_free                  0.365 
_refine_ls_shell.R_factor_R_free_error            ? 
_refine_ls_shell.percent_reflns_R_free            ? 
_refine_ls_shell.number_reflns_R_free             26 
_refine_ls_shell.number_reflns_obs                ? 
_refine_ls_shell.redundancy_reflns_obs            ? 
_refine_ls_shell.number_reflns_all                ? 
_refine_ls_shell.pdbx_refine_id                   'X-RAY DIFFRACTION' 
_refine_ls_shell.R_factor_all                     ? 
# 
_struct.entry_id                  1TOU 
_struct.title                     
'Crystal structure of human adipocyte fatty acid binding protein in complex with a non-covalent ligand' 
_struct.pdbx_model_details        ? 
_struct.pdbx_CASP_flag            ? 
_struct.pdbx_model_type_details   ? 
# 
_struct_keywords.entry_id        1TOU 
_struct_keywords.pdbx_keywords   'LIPID TRANSPORT' 
_struct_keywords.text            'Transport, Lipid-binding, LIPID TRANSPORT' 
# 
loop_
_struct_asym.id 
_struct_asym.pdbx_blank_PDB_chainid_flag 
_struct_asym.pdbx_modified 
_struct_asym.entity_id 
_struct_asym.details 
A N N 1 ? 
B N N 2 ? 
C N N 3 ? 
# 
_struct_ref.id                         1 
_struct_ref.db_name                    UNP 
_struct_ref.db_code                    FABPA_HUMAN 
_struct_ref.pdbx_db_accession          P15090 
_struct_ref.entity_id                  1 
_struct_ref.pdbx_seq_one_letter_code   
;CDAFVGTWKLVSSENFDDYMKEVGVGFATRKVAGMAKPNMIISVNGDVITIKSESTFKNTEISFILGQEFDEVTADDRKV
KSTITLDGGVLVHVQKWDGKSTTIKRKREDDKLVVECVMKGVTSTRVYERA
;
_struct_ref.pdbx_align_begin           1 
_struct_ref.pdbx_db_isoform            ? 
# 
_struct_ref_seq.align_id                      1 
_struct_ref_seq.ref_id                        1 
_struct_ref_seq.pdbx_PDB_id_code              1TOU 
_struct_ref_seq.pdbx_strand_id                A 
_struct_ref_seq.seq_align_beg                 1 
_struct_ref_seq.pdbx_seq_align_beg_ins_code   ? 
_struct_ref_seq.seq_align_end                 131 
_struct_ref_seq.pdbx_seq_align_end_ins_code   ? 
_struct_ref_seq.pdbx_db_accession             P15090 
_struct_ref_seq.db_align_beg                  1 
_struct_ref_seq.pdbx_db_align_beg_ins_code    ? 
_struct_ref_seq.db_align_end                  131 
_struct_ref_seq.pdbx_db_align_end_ins_code    ? 
_struct_ref_seq.pdbx_auth_seq_align_beg       1 
_struct_ref_seq.pdbx_auth_seq_align_end       131 
# 
_pdbx_struct_assembly.id                   1 
_pdbx_struct_assembly.details              author_defined_assembly 
_pdbx_struct_assembly.method_details       ? 
_pdbx_struct_assembly.oligomeric_details   monomeric 
_pdbx_struct_assembly.oligomeric_count     1 
# 
_pdbx_struct_assembly_gen.assembly_id       1 
_pdbx_struct_assembly_gen.oper_expression   1 
_pdbx_struct_assembly_gen.asym_id_list      A,B,C 
# 
_pdbx_struct_oper_list.id                   1 
_pdbx_struct_oper_list.type                 'identity operation' 
_pdbx_struct_oper_list.name                 1_555 
_pdbx_struct_oper_list.symmetry_operation   x,y,z 
_pdbx_struct_oper_list.matrix[1][1]         1.0000000000 
_pdbx_struct_oper_list.matrix[1][2]         0.0000000000 
_pdbx_struct_oper_list.matrix[1][3]         0.0000000000 
_pdbx_struct_oper_list.vector[1]            0.0000000000 
_pdbx_struct_oper_list.matrix[2][1]         0.0000000000 
_pdbx_struct_oper_list.matrix[2][2]         1.0000000000 
_pdbx_struct_oper_list.matrix[2][3]         0.0000000000 
_pdbx_struct_oper_list.vector[2]            0.0000000000 
_pdbx_struct_oper_list.matrix[3][1]         0.0000000000 
_pdbx_struct_oper_list.matrix[3][2]         0.0000000000 
_pdbx_struct_oper_list.matrix[3][3]         1.0000000000 
_pdbx_struct_oper_list.vector[3]            0.0000000000 
# 
_struct_biol.id                    1 
_struct_biol.pdbx_parent_biol_id   ? 
_struct_biol.details               ? 
# 
loop_
_struct_conf.conf_type_id 
_struct_conf.id 
_struct_conf.pdbx_PDB_helix_id 
_struct_conf.beg_label_comp_id 
_struct_conf.beg_label_asym_id 
_struct_conf.beg_label_seq_id 
_struct_conf.pdbx_beg_PDB_ins_code 
_struct_conf.end_label_comp_id 
_struct_conf.end_label_asym_id 
_struct_conf.end_label_seq_id 
_struct_conf.pdbx_end_PDB_ins_code 
_struct_conf.beg_auth_comp_id 
_struct_conf.beg_auth_asym_id 
_struct_conf.beg_auth_seq_id 
_struct_conf.end_auth_comp_id 
_struct_conf.end_auth_asym_id 
_struct_conf.end_auth_seq_id 
_struct_conf.pdbx_PDB_helix_class 
_struct_conf.details 
_struct_conf.pdbx_PDB_helix_length 
HELX_P HELX_P1 1 ASN A 15 ? GLY A 24 ? ASN A 15 GLY A 24 1 ? 10 
HELX_P HELX_P2 2 GLY A 26 ? ALA A 36 ? GLY A 26 ALA A 36 1 ? 11 
# 
_struct_conf_type.id          HELX_P 
_struct_conf_type.criteria    ? 
_struct_conf_type.reference   ? 
# 
_struct_sheet.id               A 
_struct_sheet.type             ? 
_struct_sheet.number_strands   10 
_struct_sheet.details          ? 
# 
loop_
_struct_sheet_order.sheet_id 
_struct_sheet_order.range_id_1 
_struct_sheet_order.range_id_2 
_struct_sheet_order.offset 
_struct_sheet_order.sense 
A 1 2  ? anti-parallel 
A 2 3  ? anti-parallel 
A 3 4  ? anti-parallel 
A 4 5  ? anti-parallel 
A 5 6  ? anti-parallel 
A 6 7  ? anti-parallel 
A 7 8  ? anti-parallel 
A 8 9  ? anti-parallel 
A 9 10 ? anti-parallel 
# 
loop_
_struct_sheet_range.sheet_id 
_struct_sheet_range.id 
_struct_sheet_range.beg_label_comp_id 
_struct_sheet_range.beg_label_asym_id 
_struct_sheet_range.beg_label_seq_id 
_struct_sheet_range.pdbx_beg_PDB_ins_code 
_struct_sheet_range.end_label_comp_id 
_struct_sheet_range.end_label_asym_id 
_struct_sheet_range.end_label_seq_id 
_struct_sheet_range.pdbx_end_PDB_ins_code 
_struct_sheet_range.beg_auth_comp_id 
_struct_sheet_range.beg_auth_asym_id 
_struct_sheet_range.beg_auth_seq_id 
_struct_sheet_range.end_auth_comp_id 
_struct_sheet_range.end_auth_asym_id 
_struct_sheet_range.end_auth_seq_id 
A 1  THR A 60  ? ILE A 65  ? THR A 60  ILE A 65  
A 2  VAL A 48  ? GLU A 54  ? VAL A 48  GLU A 54  
A 3  ASN A 39  ? ASN A 45  ? ASN A 39  ASN A 45  
A 4  GLY A 6   ? GLU A 14  ? GLY A 6   GLU A 14  
A 5  VAL A 122 ? ARG A 130 ? VAL A 122 ARG A 130 
A 6  LYS A 112 ? MET A 119 ? LYS A 112 MET A 119 
A 7  LYS A 100 ? GLU A 109 ? LYS A 100 GLU A 109 
A 8  VAL A 90  ? TRP A 97  ? VAL A 90  TRP A 97  
A 9  LYS A 79  ? ASP A 87  ? LYS A 79  ASP A 87  
A 10 PHE A 70  ? VAL A 73  ? PHE A 70  VAL A 73  
# 
loop_
_pdbx_struct_sheet_hbond.sheet_id 
_pdbx_struct_sheet_hbond.range_id_1 
_pdbx_struct_sheet_hbond.range_id_2 
_pdbx_struct_sheet_hbond.range_1_label_atom_id 
_pdbx_struct_sheet_hbond.range_1_label_comp_id 
_pdbx_struct_sheet_hbond.range_1_label_asym_id 
_pdbx_struct_sheet_hbond.range_1_label_seq_id 
_pdbx_struct_sheet_hbond.range_1_PDB_ins_code 
_pdbx_struct_sheet_hbond.range_1_auth_atom_id 
_pdbx_struct_sheet_hbond.range_1_auth_comp_id 
_pdbx_struct_sheet_hbond.range_1_auth_asym_id 
_pdbx_struct_sheet_hbond.range_1_auth_seq_id 
_pdbx_struct_sheet_hbond.range_2_label_atom_id 
_pdbx_struct_sheet_hbond.range_2_label_comp_id 
_pdbx_struct_sheet_hbond.range_2_label_asym_id 
_pdbx_struct_sheet_hbond.range_2_label_seq_id 
_pdbx_struct_sheet_hbond.range_2_PDB_ins_code 
_pdbx_struct_sheet_hbond.range_2_auth_atom_id 
_pdbx_struct_sheet_hbond.range_2_auth_comp_id 
_pdbx_struct_sheet_hbond.range_2_auth_asym_id 
_pdbx_struct_sheet_hbond.range_2_auth_seq_id 
A 1 2  O PHE A 64  ? O PHE A 64  N ILE A 49  ? N ILE A 49  
A 2 3  O THR A 50  ? O THR A 50  N SER A 43  ? N SER A 43  
A 3 4  O MET A 40  ? O MET A 40  N TRP A 8   ? N TRP A 8   
A 4 5  N LYS A 9   ? N LYS A 9   O GLU A 129 ? O GLU A 129 
A 5 6  O ARG A 126 ? O ARG A 126 N VAL A 115 ? N VAL A 115 
A 6 7  O VAL A 114 ? O VAL A 114 N LYS A 107 ? N LYS A 107 
A 7 8  O ILE A 104 ? O ILE A 104 N HIS A 93  ? N HIS A 93  
A 8 9  O VAL A 90  ? O VAL A 90  N ASP A 87  ? N ASP A 87  
A 9 10 O SER A 82  ? O SER A 82  N PHE A 70  ? N PHE A 70  
# 
_struct_site.id                   AC1 
_struct_site.pdbx_evidence_code   Software 
_struct_site.pdbx_auth_asym_id    A 
_struct_site.pdbx_auth_comp_id    B1V 
_struct_site.pdbx_auth_seq_id     501 
_struct_site.pdbx_auth_ins_code   ? 
_struct_site.pdbx_num_residues    14 
_struct_site.details              'BINDING SITE FOR RESIDUE B1V A 501' 
# 
loop_
_struct_site_gen.id 
_struct_site_gen.site_id 
_struct_site_gen.pdbx_num_res 
_struct_site_gen.label_comp_id 
_struct_site_gen.label_asym_id 
_struct_site_gen.label_seq_id 
_struct_site_gen.pdbx_auth_ins_code 
_struct_site_gen.auth_comp_id 
_struct_site_gen.auth_asym_id 
_struct_site_gen.auth_seq_id 
_struct_site_gen.label_atom_id 
_struct_site_gen.label_alt_id 
_struct_site_gen.symmetry 
_struct_site_gen.details 
1  AC1 14 PHE A 16  ? PHE A 16  . ? 1_555 ? 
2  AC1 14 TYR A 19  ? TYR A 19  . ? 1_555 ? 
3  AC1 14 MET A 20  ? MET A 20  . ? 1_555 ? 
4  AC1 14 ALA A 33  ? ALA A 33  . ? 1_555 ? 
5  AC1 14 PHE A 57  ? PHE A 57  . ? 1_555 ? 
6  AC1 14 ALA A 75  ? ALA A 75  . ? 1_555 ? 
7  AC1 14 ASP A 76  ? ASP A 76  . ? 1_555 ? 
8  AC1 14 ARG A 78  ? ARG A 78  . ? 1_555 ? 
9  AC1 14 ILE A 104 ? ILE A 104 . ? 1_555 ? 
10 AC1 14 CYS A 117 ? CYS A 117 . ? 1_555 ? 
11 AC1 14 ARG A 126 ? ARG A 126 . ? 1_555 ? 
12 AC1 14 TYR A 128 ? TYR A 128 . ? 1_555 ? 
13 AC1 14 HOH C .   ? HOH A 578 . ? 1_555 ? 
14 AC1 14 HOH C .   ? HOH A 581 . ? 1_555 ? 
# 
loop_
_pdbx_validate_rmsd_angle.id 
_pdbx_validate_rmsd_angle.PDB_model_num 
_pdbx_validate_rmsd_angle.auth_atom_id_1 
_pdbx_validate_rmsd_angle.auth_asym_id_1 
_pdbx_validate_rmsd_angle.auth_comp_id_1 
_pdbx_validate_rmsd_angle.auth_seq_id_1 
_pdbx_validate_rmsd_angle.PDB_ins_code_1 
_pdbx_validate_rmsd_angle.label_alt_id_1 
_pdbx_validate_rmsd_angle.auth_atom_id_2 
_pdbx_validate_rmsd_angle.auth_asym_id_2 
_pdbx_validate_rmsd_angle.auth_comp_id_2 
_pdbx_validate_rmsd_angle.auth_seq_id_2 
_pdbx_validate_rmsd_angle.PDB_ins_code_2 
_pdbx_validate_rmsd_angle.label_alt_id_2 
_pdbx_validate_rmsd_angle.auth_atom_id_3 
_pdbx_validate_rmsd_angle.auth_asym_id_3 
_pdbx_validate_rmsd_angle.auth_comp_id_3 
_pdbx_validate_rmsd_angle.auth_seq_id_3 
_pdbx_validate_rmsd_angle.PDB_ins_code_3 
_pdbx_validate_rmsd_angle.label_alt_id_3 
_pdbx_validate_rmsd_angle.angle_value 
_pdbx_validate_rmsd_angle.angle_target_value 
_pdbx_validate_rmsd_angle.angle_deviation 
_pdbx_validate_rmsd_angle.angle_standard_deviation 
_pdbx_validate_rmsd_angle.linker_flag 
1 1 CB A ASP 2  ? ? CG A ASP 2  ? ? OD2 A ASP 2  ? ? 123.92 118.30 5.62 0.90 N 
2 1 CB A ASP 87 ? ? CG A ASP 87 ? ? OD2 A ASP 87 ? ? 123.86 118.30 5.56 0.90 N 
# 
loop_
_pdbx_validate_torsion.id 
_pdbx_validate_torsion.PDB_model_num 
_pdbx_validate_torsion.auth_comp_id 
_pdbx_validate_torsion.auth_asym_id 
_pdbx_validate_torsion.auth_seq_id 
_pdbx_validate_torsion.PDB_ins_code 
_pdbx_validate_torsion.label_alt_id 
_pdbx_validate_torsion.phi 
_pdbx_validate_torsion.psi 
1 1 ASP A 2   ? ? -158.72 -2.46   
2 1 ASP A 110 ? ? 56.03   -118.90 
3 1 LYS A 120 ? ? 51.17   -125.22 
# 
loop_
_chem_comp_atom.comp_id 
_chem_comp_atom.atom_id 
_chem_comp_atom.type_symbol 
_chem_comp_atom.pdbx_aromatic_flag 
_chem_comp_atom.pdbx_stereo_config 
_chem_comp_atom.pdbx_ordinal 
ALA N    N N N 1   
ALA CA   C N S 2   
ALA C    C N N 3   
ALA O    O N N 4   
ALA CB   C N N 5   
ALA OXT  O N N 6   
ALA H    H N N 7   
ALA H2   H N N 8   
ALA HA   H N N 9   
ALA HB1  H N N 10  
ALA HB2  H N N 11  
ALA HB3  H N N 12  
ALA HXT  H N N 13  
ARG N    N N N 14  
ARG CA   C N S 15  
ARG C    C N N 16  
ARG O    O N N 17  
ARG CB   C N N 18  
ARG CG   C N N 19  
ARG CD   C N N 20  
ARG NE   N N N 21  
ARG CZ   C N N 22  
ARG NH1  N N N 23  
ARG NH2  N N N 24  
ARG OXT  O N N 25  
ARG H    H N N 26  
ARG H2   H N N 27  
ARG HA   H N N 28  
ARG HB2  H N N 29  
ARG HB3  H N N 30  
ARG HG2  H N N 31  
ARG HG3  H N N 32  
ARG HD2  H N N 33  
ARG HD3  H N N 34  
ARG HE   H N N 35  
ARG HH11 H N N 36  
ARG HH12 H N N 37  
ARG HH21 H N N 38  
ARG HH22 H N N 39  
ARG HXT  H N N 40  
ASN N    N N N 41  
ASN CA   C N S 42  
ASN C    C N N 43  
ASN O    O N N 44  
ASN CB   C N N 45  
ASN CG   C N N 46  
ASN OD1  O N N 47  
ASN ND2  N N N 48  
ASN OXT  O N N 49  
ASN H    H N N 50  
ASN H2   H N N 51  
ASN HA   H N N 52  
ASN HB2  H N N 53  
ASN HB3  H N N 54  
ASN HD21 H N N 55  
ASN HD22 H N N 56  
ASN HXT  H N N 57  
ASP N    N N N 58  
ASP CA   C N S 59  
ASP C    C N N 60  
ASP O    O N N 61  
ASP CB   C N N 62  
ASP CG   C N N 63  
ASP OD1  O N N 64  
ASP OD2  O N N 65  
ASP OXT  O N N 66  
ASP H    H N N 67  
ASP H2   H N N 68  
ASP HA   H N N 69  
ASP HB2  H N N 70  
ASP HB3  H N N 71  
ASP HD2  H N N 72  
ASP HXT  H N N 73  
B1V F27  F N N 74  
B1V C24  C N N 75  
B1V F25  F N N 76  
B1V F26  F N N 77  
B1V C9   C Y N 78  
B1V N11  N Y N 79  
B1V C7   C Y N 80  
B1V C5   C Y N 81  
B1V O13  O N N 82  
B1V N3   N Y N 83  
B1V C1   C Y N 84  
B1V S14  S N N 85  
B1V C15  C N N 86  
B1V C16  C N N 87  
B1V O23  O N N 88  
B1V N17  N N N 89  
B1V C18  C N N 90  
B1V C19  C N N 91  
B1V C20  C N N 92  
B1V C21  C N N 93  
B1V C22  C N N 94  
B1V H7   H N N 95  
B1V H13  H N N 96  
B1V H151 H N N 97  
B1V H152 H N N 98  
B1V H181 H N N 99  
B1V H182 H N N 100 
B1V H191 H N N 101 
B1V H192 H N N 102 
B1V H201 H N N 103 
B1V H202 H N N 104 
B1V H211 H N N 105 
B1V H212 H N N 106 
B1V H221 H N N 107 
B1V H222 H N N 108 
CYS N    N N N 109 
CYS CA   C N R 110 
CYS C    C N N 111 
CYS O    O N N 112 
CYS CB   C N N 113 
CYS SG   S N N 114 
CYS OXT  O N N 115 
CYS H    H N N 116 
CYS H2   H N N 117 
CYS HA   H N N 118 
CYS HB2  H N N 119 
CYS HB3  H N N 120 
CYS HG   H N N 121 
CYS HXT  H N N 122 
GLN N    N N N 123 
GLN CA   C N S 124 
GLN C    C N N 125 
GLN O    O N N 126 
GLN CB   C N N 127 
GLN CG   C N N 128 
GLN CD   C N N 129 
GLN OE1  O N N 130 
GLN NE2  N N N 131 
GLN OXT  O N N 132 
GLN H    H N N 133 
GLN H2   H N N 134 
GLN HA   H N N 135 
GLN HB2  H N N 136 
GLN HB3  H N N 137 
GLN HG2  H N N 138 
GLN HG3  H N N 139 
GLN HE21 H N N 140 
GLN HE22 H N N 141 
GLN HXT  H N N 142 
GLU N    N N N 143 
GLU CA   C N S 144 
GLU C    C N N 145 
GLU O    O N N 146 
GLU CB   C N N 147 
GLU CG   C N N 148 
GLU CD   C N N 149 
GLU OE1  O N N 150 
GLU OE2  O N N 151 
GLU OXT  O N N 152 
GLU H    H N N 153 
GLU H2   H N N 154 
GLU HA   H N N 155 
GLU HB2  H N N 156 
GLU HB3  H N N 157 
GLU HG2  H N N 158 
GLU HG3  H N N 159 
GLU HE2  H N N 160 
GLU HXT  H N N 161 
GLY N    N N N 162 
GLY CA   C N N 163 
GLY C    C N N 164 
GLY O    O N N 165 
GLY OXT  O N N 166 
GLY H    H N N 167 
GLY H2   H N N 168 
GLY HA2  H N N 169 
GLY HA3  H N N 170 
GLY HXT  H N N 171 
HIS N    N N N 172 
HIS CA   C N S 173 
HIS C    C N N 174 
HIS O    O N N 175 
HIS CB   C N N 176 
HIS CG   C Y N 177 
HIS ND1  N Y N 178 
HIS CD2  C Y N 179 
HIS CE1  C Y N 180 
HIS NE2  N Y N 181 
HIS OXT  O N N 182 
HIS H    H N N 183 
HIS H2   H N N 184 
HIS HA   H N N 185 
HIS HB2  H N N 186 
HIS HB3  H N N 187 
HIS HD1  H N N 188 
HIS HD2  H N N 189 
HIS HE1  H N N 190 
HIS HE2  H N N 191 
HIS HXT  H N N 192 
HOH O    O N N 193 
HOH H1   H N N 194 
HOH H2   H N N 195 
ILE N    N N N 196 
ILE CA   C N S 197 
ILE C    C N N 198 
ILE O    O N N 199 
ILE CB   C N S 200 
ILE CG1  C N N 201 
ILE CG2  C N N 202 
ILE CD1  C N N 203 
ILE OXT  O N N 204 
ILE H    H N N 205 
ILE H2   H N N 206 
ILE HA   H N N 207 
ILE HB   H N N 208 
ILE HG12 H N N 209 
ILE HG13 H N N 210 
ILE HG21 H N N 211 
ILE HG22 H N N 212 
ILE HG23 H N N 213 
ILE HD11 H N N 214 
ILE HD12 H N N 215 
ILE HD13 H N N 216 
ILE HXT  H N N 217 
LEU N    N N N 218 
LEU CA   C N S 219 
LEU C    C N N 220 
LEU O    O N N 221 
LEU CB   C N N 222 
LEU CG   C N N 223 
LEU CD1  C N N 224 
LEU CD2  C N N 225 
LEU OXT  O N N 226 
LEU H    H N N 227 
LEU H2   H N N 228 
LEU HA   H N N 229 
LEU HB2  H N N 230 
LEU HB3  H N N 231 
LEU HG   H N N 232 
LEU HD11 H N N 233 
LEU HD12 H N N 234 
LEU HD13 H N N 235 
LEU HD21 H N N 236 
LEU HD22 H N N 237 
LEU HD23 H N N 238 
LEU HXT  H N N 239 
LYS N    N N N 240 
LYS CA   C N S 241 
LYS C    C N N 242 
LYS O    O N N 243 
LYS CB   C N N 244 
LYS CG   C N N 245 
LYS CD   C N N 246 
LYS CE   C N N 247 
LYS NZ   N N N 248 
LYS OXT  O N N 249 
LYS H    H N N 250 
LYS H2   H N N 251 
LYS HA   H N N 252 
LYS HB2  H N N 253 
LYS HB3  H N N 254 
LYS HG2  H N N 255 
LYS HG3  H N N 256 
LYS HD2  H N N 257 
LYS HD3  H N N 258 
LYS HE2  H N N 259 
LYS HE3  H N N 260 
LYS HZ1  H N N 261 
LYS HZ2  H N N 262 
LYS HZ3  H N N 263 
LYS HXT  H N N 264 
MET N    N N N 265 
MET CA   C N S 266 
MET C    C N N 267 
MET O    O N N 268 
MET CB   C N N 269 
MET CG   C N N 270 
MET SD   S N N 271 
MET CE   C N N 272 
MET OXT  O N N 273 
MET H    H N N 274 
MET H2   H N N 275 
MET HA   H N N 276 
MET HB2  H N N 277 
MET HB3  H N N 278 
MET HG2  H N N 279 
MET HG3  H N N 280 
MET HE1  H N N 281 
MET HE2  H N N 282 
MET HE3  H N N 283 
MET HXT  H N N 284 
PHE N    N N N 285 
PHE CA   C N S 286 
PHE C    C N N 287 
PHE O    O N N 288 
PHE CB   C N N 289 
PHE CG   C Y N 290 
PHE CD1  C Y N 291 
PHE CD2  C Y N 292 
PHE CE1  C Y N 293 
PHE CE2  C Y N 294 
PHE CZ   C Y N 295 
PHE OXT  O N N 296 
PHE H    H N N 297 
PHE H2   H N N 298 
PHE HA   H N N 299 
PHE HB2  H N N 300 
PHE HB3  H N N 301 
PHE HD1  H N N 302 
PHE HD2  H N N 303 
PHE HE1  H N N 304 
PHE HE2  H N N 305 
PHE HZ   H N N 306 
PHE HXT  H N N 307 
PRO N    N N N 308 
PRO CA   C N S 309 
PRO C    C N N 310 
PRO O    O N N 311 
PRO CB   C N N 312 
PRO CG   C N N 313 
PRO CD   C N N 314 
PRO OXT  O N N 315 
PRO H    H N N 316 
PRO HA   H N N 317 
PRO HB2  H N N 318 
PRO HB3  H N N 319 
PRO HG2  H N N 320 
PRO HG3  H N N 321 
PRO HD2  H N N 322 
PRO HD3  H N N 323 
PRO HXT  H N N 324 
SER N    N N N 325 
SER CA   C N S 326 
SER C    C N N 327 
SER O    O N N 328 
SER CB   C N N 329 
SER OG   O N N 330 
SER OXT  O N N 331 
SER H    H N N 332 
SER H2   H N N 333 
SER HA   H N N 334 
SER HB2  H N N 335 
SER HB3  H N N 336 
SER HG   H N N 337 
SER HXT  H N N 338 
THR N    N N N 339 
THR CA   C N S 340 
THR C    C N N 341 
THR O    O N N 342 
THR CB   C N R 343 
THR OG1  O N N 344 
THR CG2  C N N 345 
THR OXT  O N N 346 
THR H    H N N 347 
THR H2   H N N 348 
THR HA   H N N 349 
THR HB   H N N 350 
THR HG1  H N N 351 
THR HG21 H N N 352 
THR HG22 H N N 353 
THR HG23 H N N 354 
THR HXT  H N N 355 
TRP N    N N N 356 
TRP CA   C N S 357 
TRP C    C N N 358 
TRP O    O N N 359 
TRP CB   C N N 360 
TRP CG   C Y N 361 
TRP CD1  C Y N 362 
TRP CD2  C Y N 363 
TRP NE1  N Y N 364 
TRP CE2  C Y N 365 
TRP CE3  C Y N 366 
TRP CZ2  C Y N 367 
TRP CZ3  C Y N 368 
TRP CH2  C Y N 369 
TRP OXT  O N N 370 
TRP H    H N N 371 
TRP H2   H N N 372 
TRP HA   H N N 373 
TRP HB2  H N N 374 
TRP HB3  H N N 375 
TRP HD1  H N N 376 
TRP HE1  H N N 377 
TRP HE3  H N N 378 
TRP HZ2  H N N 379 
TRP HZ3  H N N 380 
TRP HH2  H N N 381 
TRP HXT  H N N 382 
TYR N    N N N 383 
TYR CA   C N S 384 
TYR C    C N N 385 
TYR O    O N N 386 
TYR CB   C N N 387 
TYR CG   C Y N 388 
TYR CD1  C Y N 389 
TYR CD2  C Y N 390 
TYR CE1  C Y N 391 
TYR CE2  C Y N 392 
TYR CZ   C Y N 393 
TYR OH   O N N 394 
TYR OXT  O N N 395 
TYR H    H N N 396 
TYR H2   H N N 397 
TYR HA   H N N 398 
TYR HB2  H N N 399 
TYR HB3  H N N 400 
TYR HD1  H N N 401 
TYR HD2  H N N 402 
TYR HE1  H N N 403 
TYR HE2  H N N 404 
TYR HH   H N N 405 
TYR HXT  H N N 406 
VAL N    N N N 407 
VAL CA   C N S 408 
VAL C    C N N 409 
VAL O    O N N 410 
VAL CB   C N N 411 
VAL CG1  C N N 412 
VAL CG2  C N N 413 
VAL OXT  O N N 414 
VAL H    H N N 415 
VAL H2   H N N 416 
VAL HA   H N N 417 
VAL HB   H N N 418 
VAL HG11 H N N 419 
VAL HG12 H N N 420 
VAL HG13 H N N 421 
VAL HG21 H N N 422 
VAL HG22 H N N 423 
VAL HG23 H N N 424 
VAL HXT  H N N 425 
# 
loop_
_chem_comp_bond.comp_id 
_chem_comp_bond.atom_id_1 
_chem_comp_bond.atom_id_2 
_chem_comp_bond.value_order 
_chem_comp_bond.pdbx_aromatic_flag 
_chem_comp_bond.pdbx_stereo_config 
_chem_comp_bond.pdbx_ordinal 
ALA N   CA   sing N N 1   
ALA N   H    sing N N 2   
ALA N   H2   sing N N 3   
ALA CA  C    sing N N 4   
ALA CA  CB   sing N N 5   
ALA CA  HA   sing N N 6   
ALA C   O    doub N N 7   
ALA C   OXT  sing N N 8   
ALA CB  HB1  sing N N 9   
ALA CB  HB2  sing N N 10  
ALA CB  HB3  sing N N 11  
ALA OXT HXT  sing N N 12  
ARG N   CA   sing N N 13  
ARG N   H    sing N N 14  
ARG N   H2   sing N N 15  
ARG CA  C    sing N N 16  
ARG CA  CB   sing N N 17  
ARG CA  HA   sing N N 18  
ARG C   O    doub N N 19  
ARG C   OXT  sing N N 20  
ARG CB  CG   sing N N 21  
ARG CB  HB2  sing N N 22  
ARG CB  HB3  sing N N 23  
ARG CG  CD   sing N N 24  
ARG CG  HG2  sing N N 25  
ARG CG  HG3  sing N N 26  
ARG CD  NE   sing N N 27  
ARG CD  HD2  sing N N 28  
ARG CD  HD3  sing N N 29  
ARG NE  CZ   sing N N 30  
ARG NE  HE   sing N N 31  
ARG CZ  NH1  sing N N 32  
ARG CZ  NH2  doub N N 33  
ARG NH1 HH11 sing N N 34  
ARG NH1 HH12 sing N N 35  
ARG NH2 HH21 sing N N 36  
ARG NH2 HH22 sing N N 37  
ARG OXT HXT  sing N N 38  
ASN N   CA   sing N N 39  
ASN N   H    sing N N 40  
ASN N   H2   sing N N 41  
ASN CA  C    sing N N 42  
ASN CA  CB   sing N N 43  
ASN CA  HA   sing N N 44  
ASN C   O    doub N N 45  
ASN C   OXT  sing N N 46  
ASN CB  CG   sing N N 47  
ASN CB  HB2  sing N N 48  
ASN CB  HB3  sing N N 49  
ASN CG  OD1  doub N N 50  
ASN CG  ND2  sing N N 51  
ASN ND2 HD21 sing N N 52  
ASN ND2 HD22 sing N N 53  
ASN OXT HXT  sing N N 54  
ASP N   CA   sing N N 55  
ASP N   H    sing N N 56  
ASP N   H2   sing N N 57  
ASP CA  C    sing N N 58  
ASP CA  CB   sing N N 59  
ASP CA  HA   sing N N 60  
ASP C   O    doub N N 61  
ASP C   OXT  sing N N 62  
ASP CB  CG   sing N N 63  
ASP CB  HB2  sing N N 64  
ASP CB  HB3  sing N N 65  
ASP CG  OD1  doub N N 66  
ASP CG  OD2  sing N N 67  
ASP OD2 HD2  sing N N 68  
ASP OXT HXT  sing N N 69  
B1V F27 C24  sing N N 70  
B1V C24 F25  sing N N 71  
B1V C24 F26  sing N N 72  
B1V C24 C9   sing N N 73  
B1V C9  N11  doub Y N 74  
B1V C9  C7   sing Y N 75  
B1V N11 C1   sing Y N 76  
B1V C7  C5   doub Y N 77  
B1V C7  H7   sing N N 78  
B1V C5  O13  sing N N 79  
B1V C5  N3   sing Y N 80  
B1V O13 H13  sing N N 81  
B1V N3  C1   doub Y N 82  
B1V C1  S14  sing N N 83  
B1V S14 C15  sing N N 84  
B1V C15 C16  sing N N 85  
B1V C15 H151 sing N N 86  
B1V C15 H152 sing N N 87  
B1V C16 O23  doub N N 88  
B1V C16 N17  sing N N 89  
B1V N17 C18  sing N N 90  
B1V N17 C22  sing N N 91  
B1V C18 C19  sing N N 92  
B1V C18 H181 sing N N 93  
B1V C18 H182 sing N N 94  
B1V C19 C20  sing N N 95  
B1V C19 H191 sing N N 96  
B1V C19 H192 sing N N 97  
B1V C20 C21  sing N N 98  
B1V C20 H201 sing N N 99  
B1V C20 H202 sing N N 100 
B1V C21 C22  sing N N 101 
B1V C21 H211 sing N N 102 
B1V C21 H212 sing N N 103 
B1V C22 H221 sing N N 104 
B1V C22 H222 sing N N 105 
CYS N   CA   sing N N 106 
CYS N   H    sing N N 107 
CYS N   H2   sing N N 108 
CYS CA  C    sing N N 109 
CYS CA  CB   sing N N 110 
CYS CA  HA   sing N N 111 
CYS C   O    doub N N 112 
CYS C   OXT  sing N N 113 
CYS CB  SG   sing N N 114 
CYS CB  HB2  sing N N 115 
CYS CB  HB3  sing N N 116 
CYS SG  HG   sing N N 117 
CYS OXT HXT  sing N N 118 
GLN N   CA   sing N N 119 
GLN N   H    sing N N 120 
GLN N   H2   sing N N 121 
GLN CA  C    sing N N 122 
GLN CA  CB   sing N N 123 
GLN CA  HA   sing N N 124 
GLN C   O    doub N N 125 
GLN C   OXT  sing N N 126 
GLN CB  CG   sing N N 127 
GLN CB  HB2  sing N N 128 
GLN CB  HB3  sing N N 129 
GLN CG  CD   sing N N 130 
GLN CG  HG2  sing N N 131 
GLN CG  HG3  sing N N 132 
GLN CD  OE1  doub N N 133 
GLN CD  NE2  sing N N 134 
GLN NE2 HE21 sing N N 135 
GLN NE2 HE22 sing N N 136 
GLN OXT HXT  sing N N 137 
GLU N   CA   sing N N 138 
GLU N   H    sing N N 139 
GLU N   H2   sing N N 140 
GLU CA  C    sing N N 141 
GLU CA  CB   sing N N 142 
GLU CA  HA   sing N N 143 
GLU C   O    doub N N 144 
GLU C   OXT  sing N N 145 
GLU CB  CG   sing N N 146 
GLU CB  HB2  sing N N 147 
GLU CB  HB3  sing N N 148 
GLU CG  CD   sing N N 149 
GLU CG  HG2  sing N N 150 
GLU CG  HG3  sing N N 151 
GLU CD  OE1  doub N N 152 
GLU CD  OE2  sing N N 153 
GLU OE2 HE2  sing N N 154 
GLU OXT HXT  sing N N 155 
GLY N   CA   sing N N 156 
GLY N   H    sing N N 157 
GLY N   H2   sing N N 158 
GLY CA  C    sing N N 159 
GLY CA  HA2  sing N N 160 
GLY CA  HA3  sing N N 161 
GLY C   O    doub N N 162 
GLY C   OXT  sing N N 163 
GLY OXT HXT  sing N N 164 
HIS N   CA   sing N N 165 
HIS N   H    sing N N 166 
HIS N   H2   sing N N 167 
HIS CA  C    sing N N 168 
HIS CA  CB   sing N N 169 
HIS CA  HA   sing N N 170 
HIS C   O    doub N N 171 
HIS C   OXT  sing N N 172 
HIS CB  CG   sing N N 173 
HIS CB  HB2  sing N N 174 
HIS CB  HB3  sing N N 175 
HIS CG  ND1  sing Y N 176 
HIS CG  CD2  doub Y N 177 
HIS ND1 CE1  doub Y N 178 
HIS ND1 HD1  sing N N 179 
HIS CD2 NE2  sing Y N 180 
HIS CD2 HD2  sing N N 181 
HIS CE1 NE2  sing Y N 182 
HIS CE1 HE1  sing N N 183 
HIS NE2 HE2  sing N N 184 
HIS OXT HXT  sing N N 185 
HOH O   H1   sing N N 186 
HOH O   H2   sing N N 187 
ILE N   CA   sing N N 188 
ILE N   H    sing N N 189 
ILE N   H2   sing N N 190 
ILE CA  C    sing N N 191 
ILE CA  CB   sing N N 192 
ILE CA  HA   sing N N 193 
ILE C   O    doub N N 194 
ILE C   OXT  sing N N 195 
ILE CB  CG1  sing N N 196 
ILE CB  CG2  sing N N 197 
ILE CB  HB   sing N N 198 
ILE CG1 CD1  sing N N 199 
ILE CG1 HG12 sing N N 200 
ILE CG1 HG13 sing N N 201 
ILE CG2 HG21 sing N N 202 
ILE CG2 HG22 sing N N 203 
ILE CG2 HG23 sing N N 204 
ILE CD1 HD11 sing N N 205 
ILE CD1 HD12 sing N N 206 
ILE CD1 HD13 sing N N 207 
ILE OXT HXT  sing N N 208 
LEU N   CA   sing N N 209 
LEU N   H    sing N N 210 
LEU N   H2   sing N N 211 
LEU CA  C    sing N N 212 
LEU CA  CB   sing N N 213 
LEU CA  HA   sing N N 214 
LEU C   O    doub N N 215 
LEU C   OXT  sing N N 216 
LEU CB  CG   sing N N 217 
LEU CB  HB2  sing N N 218 
LEU CB  HB3  sing N N 219 
LEU CG  CD1  sing N N 220 
LEU CG  CD2  sing N N 221 
LEU CG  HG   sing N N 222 
LEU CD1 HD11 sing N N 223 
LEU CD1 HD12 sing N N 224 
LEU CD1 HD13 sing N N 225 
LEU CD2 HD21 sing N N 226 
LEU CD2 HD22 sing N N 227 
LEU CD2 HD23 sing N N 228 
LEU OXT HXT  sing N N 229 
LYS N   CA   sing N N 230 
LYS N   H    sing N N 231 
LYS N   H2   sing N N 232 
LYS CA  C    sing N N 233 
LYS CA  CB   sing N N 234 
LYS CA  HA   sing N N 235 
LYS C   O    doub N N 236 
LYS C   OXT  sing N N 237 
LYS CB  CG   sing N N 238 
LYS CB  HB2  sing N N 239 
LYS CB  HB3  sing N N 240 
LYS CG  CD   sing N N 241 
LYS CG  HG2  sing N N 242 
LYS CG  HG3  sing N N 243 
LYS CD  CE   sing N N 244 
LYS CD  HD2  sing N N 245 
LYS CD  HD3  sing N N 246 
LYS CE  NZ   sing N N 247 
LYS CE  HE2  sing N N 248 
LYS CE  HE3  sing N N 249 
LYS NZ  HZ1  sing N N 250 
LYS NZ  HZ2  sing N N 251 
LYS NZ  HZ3  sing N N 252 
LYS OXT HXT  sing N N 253 
MET N   CA   sing N N 254 
MET N   H    sing N N 255 
MET N   H2   sing N N 256 
MET CA  C    sing N N 257 
MET CA  CB   sing N N 258 
MET CA  HA   sing N N 259 
MET C   O    doub N N 260 
MET C   OXT  sing N N 261 
MET CB  CG   sing N N 262 
MET CB  HB2  sing N N 263 
MET CB  HB3  sing N N 264 
MET CG  SD   sing N N 265 
MET CG  HG2  sing N N 266 
MET CG  HG3  sing N N 267 
MET SD  CE   sing N N 268 
MET CE  HE1  sing N N 269 
MET CE  HE2  sing N N 270 
MET CE  HE3  sing N N 271 
MET OXT HXT  sing N N 272 
PHE N   CA   sing N N 273 
PHE N   H    sing N N 274 
PHE N   H2   sing N N 275 
PHE CA  C    sing N N 276 
PHE CA  CB   sing N N 277 
PHE CA  HA   sing N N 278 
PHE C   O    doub N N 279 
PHE C   OXT  sing N N 280 
PHE CB  CG   sing N N 281 
PHE CB  HB2  sing N N 282 
PHE CB  HB3  sing N N 283 
PHE CG  CD1  doub Y N 284 
PHE CG  CD2  sing Y N 285 
PHE CD1 CE1  sing Y N 286 
PHE CD1 HD1  sing N N 287 
PHE CD2 CE2  doub Y N 288 
PHE CD2 HD2  sing N N 289 
PHE CE1 CZ   doub Y N 290 
PHE CE1 HE1  sing N N 291 
PHE CE2 CZ   sing Y N 292 
PHE CE2 HE2  sing N N 293 
PHE CZ  HZ   sing N N 294 
PHE OXT HXT  sing N N 295 
PRO N   CA   sing N N 296 
PRO N   CD   sing N N 297 
PRO N   H    sing N N 298 
PRO CA  C    sing N N 299 
PRO CA  CB   sing N N 300 
PRO CA  HA   sing N N 301 
PRO C   O    doub N N 302 
PRO C   OXT  sing N N 303 
PRO CB  CG   sing N N 304 
PRO CB  HB2  sing N N 305 
PRO CB  HB3  sing N N 306 
PRO CG  CD   sing N N 307 
PRO CG  HG2  sing N N 308 
PRO CG  HG3  sing N N 309 
PRO CD  HD2  sing N N 310 
PRO CD  HD3  sing N N 311 
PRO OXT HXT  sing N N 312 
SER N   CA   sing N N 313 
SER N   H    sing N N 314 
SER N   H2   sing N N 315 
SER CA  C    sing N N 316 
SER CA  CB   sing N N 317 
SER CA  HA   sing N N 318 
SER C   O    doub N N 319 
SER C   OXT  sing N N 320 
SER CB  OG   sing N N 321 
SER CB  HB2  sing N N 322 
SER CB  HB3  sing N N 323 
SER OG  HG   sing N N 324 
SER OXT HXT  sing N N 325 
THR N   CA   sing N N 326 
THR N   H    sing N N 327 
THR N   H2   sing N N 328 
THR CA  C    sing N N 329 
THR CA  CB   sing N N 330 
THR CA  HA   sing N N 331 
THR C   O    doub N N 332 
THR C   OXT  sing N N 333 
THR CB  OG1  sing N N 334 
THR CB  CG2  sing N N 335 
THR CB  HB   sing N N 336 
THR OG1 HG1  sing N N 337 
THR CG2 HG21 sing N N 338 
THR CG2 HG22 sing N N 339 
THR CG2 HG23 sing N N 340 
THR OXT HXT  sing N N 341 
TRP N   CA   sing N N 342 
TRP N   H    sing N N 343 
TRP N   H2   sing N N 344 
TRP CA  C    sing N N 345 
TRP CA  CB   sing N N 346 
TRP CA  HA   sing N N 347 
TRP C   O    doub N N 348 
TRP C   OXT  sing N N 349 
TRP CB  CG   sing N N 350 
TRP CB  HB2  sing N N 351 
TRP CB  HB3  sing N N 352 
TRP CG  CD1  doub Y N 353 
TRP CG  CD2  sing Y N 354 
TRP CD1 NE1  sing Y N 355 
TRP CD1 HD1  sing N N 356 
TRP CD2 CE2  doub Y N 357 
TRP CD2 CE3  sing Y N 358 
TRP NE1 CE2  sing Y N 359 
TRP NE1 HE1  sing N N 360 
TRP CE2 CZ2  sing Y N 361 
TRP CE3 CZ3  doub Y N 362 
TRP CE3 HE3  sing N N 363 
TRP CZ2 CH2  doub Y N 364 
TRP CZ2 HZ2  sing N N 365 
TRP CZ3 CH2  sing Y N 366 
TRP CZ3 HZ3  sing N N 367 
TRP CH2 HH2  sing N N 368 
TRP OXT HXT  sing N N 369 
TYR N   CA   sing N N 370 
TYR N   H    sing N N 371 
TYR N   H2   sing N N 372 
TYR CA  C    sing N N 373 
TYR CA  CB   sing N N 374 
TYR CA  HA   sing N N 375 
TYR C   O    doub N N 376 
TYR C   OXT  sing N N 377 
TYR CB  CG   sing N N 378 
TYR CB  HB2  sing N N 379 
TYR CB  HB3  sing N N 380 
TYR CG  CD1  doub Y N 381 
TYR CG  CD2  sing Y N 382 
TYR CD1 CE1  sing Y N 383 
TYR CD1 HD1  sing N N 384 
TYR CD2 CE2  doub Y N 385 
TYR CD2 HD2  sing N N 386 
TYR CE1 CZ   doub Y N 387 
TYR CE1 HE1  sing N N 388 
TYR CE2 CZ   sing Y N 389 
TYR CE2 HE2  sing N N 390 
TYR CZ  OH   sing N N 391 
TYR OH  HH   sing N N 392 
TYR OXT HXT  sing N N 393 
VAL N   CA   sing N N 394 
VAL N   H    sing N N 395 
VAL N   H2   sing N N 396 
VAL CA  C    sing N N 397 
VAL CA  CB   sing N N 398 
VAL CA  HA   sing N N 399 
VAL C   O    doub N N 400 
VAL C   OXT  sing N N 401 
VAL CB  CG1  sing N N 402 
VAL CB  CG2  sing N N 403 
VAL CB  HB   sing N N 404 
VAL CG1 HG11 sing N N 405 
VAL CG1 HG12 sing N N 406 
VAL CG1 HG13 sing N N 407 
VAL CG2 HG21 sing N N 408 
VAL CG2 HG22 sing N N 409 
VAL CG2 HG23 sing N N 410 
VAL OXT HXT  sing N N 411 
# 
_atom_sites.entry_id                    1TOU 
_atom_sites.fract_transf_matrix[1][1]   -0.00976214 
_atom_sites.fract_transf_matrix[1][2]   -0.00201534 
_atom_sites.fract_transf_matrix[1][3]   -0.00971911 
_atom_sites.fract_transf_matrix[2][1]   -0.00136706 
_atom_sites.fract_transf_matrix[2][2]   -0.01806895 
_atom_sites.fract_transf_matrix[2][3]   0.00511986 
_atom_sites.fract_transf_matrix[3][1]   -0.02259974 
_atom_sites.fract_transf_matrix[3][2]   0.00769003 
_atom_sites.fract_transf_matrix[3][3]   0.02110520 
_atom_sites.fract_transf_vector[1]      0.242524 
_atom_sites.fract_transf_vector[2]      0.070302 
_atom_sites.fract_transf_vector[3]      0.176356 
# 
loop_
_atom_type.symbol 
C 
F 
N 
O 
S 
# 
loop_
_atom_site.group_PDB 
_atom_site.id 
_atom_site.type_symbol 
_atom_site.label_atom_id 
_atom_site.label_alt_id 
_atom_site.label_comp_id 
_atom_site.label_asym_id 
_atom_site.label_entity_id 
_atom_site.label_seq_id 
_atom_site.pdbx_PDB_ins_code 
_atom_site.Cartn_x 
_atom_site.Cartn_y 
_atom_site.Cartn_z 
_atom_site.occupancy 
_atom_site.B_iso_or_equiv 
_atom_site.pdbx_formal_charge 
_atom_site.auth_seq_id 
_atom_site.auth_comp_id 
_atom_site.auth_asym_id 
_atom_site.auth_atom_id 
_atom_site.pdbx_PDB_model_num 
ATOM   1    N N   . CYS A 1 1   ? 3.749   8.375   12.374  1.00 48.62 ? 1   CYS A N   1 
ATOM   2    C CA  . CYS A 1 1   ? 4.471   7.069   12.280  1.00 48.82 ? 1   CYS A CA  1 
ATOM   3    C C   . CYS A 1 1   ? 5.920   7.317   11.928  1.00 47.54 ? 1   CYS A C   1 
ATOM   4    O O   . CYS A 1 1   ? 6.208   8.199   11.122  1.00 47.64 ? 1   CYS A O   1 
ATOM   5    C CB  . CYS A 1 1   ? 3.868   6.210   11.171  1.00 49.21 ? 1   CYS A CB  1 
ATOM   6    S SG  . CYS A 1 1   ? 4.827   6.255   9.626   1.00 53.55 ? 1   CYS A SG  1 
ATOM   7    N N   . ASP A 1 2   ? 6.828   6.542   12.519  1.00 46.27 ? 2   ASP A N   1 
ATOM   8    C CA  . ASP A 1 2   ? 8.243   6.582   12.126  1.00 44.66 ? 2   ASP A CA  1 
ATOM   9    C C   . ASP A 1 2   ? 9.115   5.336   12.480  1.00 42.66 ? 2   ASP A C   1 
ATOM   10   O O   . ASP A 1 2   ? 10.303  5.275   12.130  1.00 42.22 ? 2   ASP A O   1 
ATOM   11   C CB  . ASP A 1 2   ? 8.940   7.943   12.462  1.00 45.53 ? 2   ASP A CB  1 
ATOM   12   C CG  . ASP A 1 2   ? 8.170   8.830   13.501  1.00 48.12 ? 2   ASP A CG  1 
ATOM   13   O OD1 . ASP A 1 2   ? 7.266   9.609   13.102  1.00 49.77 ? 2   ASP A OD1 1 
ATOM   14   O OD2 . ASP A 1 2   ? 8.451   8.880   14.724  1.00 50.45 ? 2   ASP A OD2 1 
ATOM   15   N N   . ALA A 1 3   ? 8.525   4.343   13.159  1.00 39.89 ? 3   ALA A N   1 
ATOM   16   C CA  . ALA A 1 3   ? 9.137   3.001   13.275  1.00 36.45 ? 3   ALA A CA  1 
ATOM   17   C C   . ALA A 1 3   ? 8.961   2.239   11.953  1.00 34.05 ? 3   ALA A C   1 
ATOM   18   O O   . ALA A 1 3   ? 9.318   1.062   11.830  1.00 34.14 ? 3   ALA A O   1 
ATOM   19   C CB  . ALA A 1 3   ? 8.504   2.224   14.420  1.00 36.95 ? 3   ALA A CB  1 
ATOM   20   N N   . PHE A 1 4   ? 8.411   2.942   10.969  1.00 30.53 ? 4   PHE A N   1 
ATOM   21   C CA  . PHE A 1 4   ? 8.165   2.412   9.636   1.00 27.53 ? 4   PHE A CA  1 
ATOM   22   C C   . PHE A 1 4   ? 9.264   2.878   8.692   1.00 25.91 ? 4   PHE A C   1 
ATOM   23   O O   . PHE A 1 4   ? 9.387   2.364   7.585   1.00 24.92 ? 4   PHE A O   1 
ATOM   24   C CB  . PHE A 1 4   ? 6.843   2.956   9.110   1.00 26.86 ? 4   PHE A CB  1 
ATOM   25   C CG  . PHE A 1 4   ? 5.640   2.368   9.757   1.00 25.75 ? 4   PHE A CG  1 
ATOM   26   C CD1 . PHE A 1 4   ? 5.047   1.231   9.228   1.00 24.09 ? 4   PHE A CD1 1 
ATOM   27   C CD2 . PHE A 1 4   ? 5.066   2.971   10.865  1.00 24.55 ? 4   PHE A CD2 1 
ATOM   28   C CE1 . PHE A 1 4   ? 3.918   0.689   9.802   1.00 23.81 ? 4   PHE A CE1 1 
ATOM   29   C CE2 . PHE A 1 4   ? 3.927   2.440   11.446  1.00 24.83 ? 4   PHE A CE2 1 
ATOM   30   C CZ  . PHE A 1 4   ? 3.355   1.290   10.921  1.00 25.18 ? 4   PHE A CZ  1 
ATOM   31   N N   . VAL A 1 5   ? 10.038  3.871   9.136   1.00 24.10 ? 5   VAL A N   1 
ATOM   32   C CA  . VAL A 1 5   ? 11.066  4.489   8.303   1.00 22.25 ? 5   VAL A CA  1 
ATOM   33   C C   . VAL A 1 5   ? 12.101  3.460   7.877   1.00 21.93 ? 5   VAL A C   1 
ATOM   34   O O   . VAL A 1 5   ? 12.593  2.679   8.700   1.00 21.05 ? 5   VAL A O   1 
ATOM   35   C CB  . VAL A 1 5   ? 11.757  5.696   9.018   1.00 22.64 ? 5   VAL A CB  1 
ATOM   36   C CG1 . VAL A 1 5   ? 12.977  6.179   8.218   1.00 20.85 ? 5   VAL A CG1 1 
ATOM   37   C CG2 . VAL A 1 5   ? 10.767  6.842   9.215   1.00 20.29 ? 5   VAL A CG2 1 
ATOM   38   N N   . GLY A 1 6   ? 12.400  3.447   6.584   1.00 21.49 ? 6   GLY A N   1 
ATOM   39   C CA  . GLY A 1 6   ? 13.431  2.565   6.045   1.00 21.52 ? 6   GLY A CA  1 
ATOM   40   C C   . GLY A 1 6   ? 13.142  2.163   4.613   1.00 21.31 ? 6   GLY A C   1 
ATOM   41   O O   . GLY A 1 6   ? 12.197  2.655   3.980   1.00 20.78 ? 6   GLY A O   1 
ATOM   42   N N   . THR A 1 7   ? 13.980  1.276   4.102   1.00 21.18 ? 7   THR A N   1 
ATOM   43   C CA  . THR A 1 7   ? 13.778  0.700   2.780   1.00 21.14 ? 7   THR A CA  1 
ATOM   44   C C   . THR A 1 7   ? 13.430  -0.752  3.002   1.00 21.38 ? 7   THR A C   1 
ATOM   45   O O   . THR A 1 7   ? 14.116  -1.445  3.777   1.00 20.91 ? 7   THR A O   1 
ATOM   46   C CB  . THR A 1 7   ? 15.043  0.895   1.933   1.00 21.09 ? 7   THR A CB  1 
ATOM   47   O OG1 . THR A 1 7   ? 15.241  2.302   1.768   1.00 20.61 ? 7   THR A OG1 1 
ATOM   48   C CG2 . THR A 1 7   ? 14.847  0.371   0.495   1.00 21.96 ? 7   THR A CG2 1 
ATOM   49   N N   . TRP A 1 8   ? 12.344  -1.177  2.351   1.00 20.70 ? 8   TRP A N   1 
ATOM   50   C CA  . TRP A 1 8   ? 11.727  -2.487  2.559   1.00 20.70 ? 8   TRP A CA  1 
ATOM   51   C C   . TRP A 1 8   ? 11.532  -3.256  1.248   1.00 21.22 ? 8   TRP A C   1 
ATOM   52   O O   . TRP A 1 8   ? 11.063  -2.685  0.256   1.00 21.61 ? 8   TRP A O   1 
ATOM   53   C CB  . TRP A 1 8   ? 10.368  -2.295  3.232   1.00 20.16 ? 8   TRP A CB  1 
ATOM   54   C CG  . TRP A 1 8   ? 10.417  -1.525  4.509   1.00 19.57 ? 8   TRP A CG  1 
ATOM   55   C CD1 . TRP A 1 8   ? 10.266  -0.161  4.670   1.00 19.80 ? 8   TRP A CD1 1 
ATOM   56   C CD2 . TRP A 1 8   ? 10.620  -2.059  5.827   1.00 19.46 ? 8   TRP A CD2 1 
ATOM   57   N NE1 . TRP A 1 8   ? 10.357  0.171   6.002   1.00 20.01 ? 8   TRP A NE1 1 
ATOM   58   C CE2 . TRP A 1 8   ? 10.579  -0.971  6.733   1.00 20.07 ? 8   TRP A CE2 1 
ATOM   59   C CE3 . TRP A 1 8   ? 10.830  -3.351  6.335   1.00 18.14 ? 8   TRP A CE3 1 
ATOM   60   C CZ2 . TRP A 1 8   ? 10.734  -1.136  8.117   1.00 20.52 ? 8   TRP A CZ2 1 
ATOM   61   C CZ3 . TRP A 1 8   ? 10.973  -3.516  7.708   1.00 19.83 ? 8   TRP A CZ3 1 
ATOM   62   C CH2 . TRP A 1 8   ? 10.930  -2.408  8.586   1.00 20.09 ? 8   TRP A CH2 1 
ATOM   63   N N   . LYS A 1 9   ? 11.869  -4.548  1.244   1.00 20.78 ? 9   LYS A N   1 
ATOM   64   C CA  . LYS A 1 9   ? 11.840  -5.359  0.030   1.00 21.84 ? 9   LYS A CA  1 
ATOM   65   C C   . LYS A 1 9   ? 10.732  -6.403  0.168   1.00 20.82 ? 9   LYS A C   1 
ATOM   66   O O   . LYS A 1 9   ? 10.652  -7.079  1.185   1.00 20.74 ? 9   LYS A O   1 
ATOM   67   C CB  . LYS A 1 9   ? 13.206  -6.054  -0.170  1.00 22.23 ? 9   LYS A CB  1 
ATOM   68   C CG  . LYS A 1 9   ? 13.339  -6.926  -1.419  1.00 24.48 ? 9   LYS A CG  1 
ATOM   69   C CD  . LYS A 1 9   ? 14.776  -7.529  -1.511  1.00 25.31 ? 9   LYS A CD  1 
ATOM   70   C CE  . LYS A 1 9   ? 15.163  -7.942  -2.961  1.00 28.30 ? 9   LYS A CE  1 
ATOM   71   N NZ  . LYS A 1 9   ? 16.542  -8.557  -3.072  1.00 30.06 ? 9   LYS A NZ  1 
ATOM   72   N N   . LEU A 1 10  ? 9.876   -6.538  -0.841  1.00 19.99 ? 10  LEU A N   1 
ATOM   73   C CA  . LEU A 1 10  ? 8.842   -7.568  -0.770  1.00 19.03 ? 10  LEU A CA  1 
ATOM   74   C C   . LEU A 1 10  ? 9.490   -8.950  -0.732  1.00 18.69 ? 10  LEU A C   1 
ATOM   75   O O   . LEU A 1 10  ? 10.293  -9.273  -1.606  1.00 18.26 ? 10  LEU A O   1 
ATOM   76   C CB  . LEU A 1 10  ? 7.879   -7.481  -1.949  1.00 19.01 ? 10  LEU A CB  1 
ATOM   77   C CG  . LEU A 1 10  ? 6.699   -8.485  -1.874  1.00 18.85 ? 10  LEU A CG  1 
ATOM   78   C CD1 . LEU A 1 10  ? 5.576   -7.997  -0.951  1.00 18.96 ? 10  LEU A CD1 1 
ATOM   79   C CD2 . LEU A 1 10  ? 6.167   -8.797  -3.255  1.00 18.14 ? 10  LEU A CD2 1 
ATOM   80   N N   . VAL A 1 11  ? 9.141   -9.752  0.284   1.00 18.34 ? 11  VAL A N   1 
ATOM   81   C CA  . VAL A 1 11  ? 9.631   -11.131 0.398   1.00 17.79 ? 11  VAL A CA  1 
ATOM   82   C C   . VAL A 1 11  ? 8.536   -12.224 0.289   1.00 18.33 ? 11  VAL A C   1 
ATOM   83   O O   . VAL A 1 11  ? 8.842   -13.360 -0.070  1.00 18.26 ? 11  VAL A O   1 
ATOM   84   C CB  . VAL A 1 11  ? 10.530  -11.357 1.664   1.00 17.73 ? 11  VAL A CB  1 
ATOM   85   C CG1 . VAL A 1 11  ? 11.801  -10.454 1.619   1.00 16.21 ? 11  VAL A CG1 1 
ATOM   86   C CG2 . VAL A 1 11  ? 9.744   -11.157 2.947   1.00 16.66 ? 11  VAL A CG2 1 
ATOM   87   N N   . SER A 1 12  ? 7.274   -11.885 0.583   1.00 18.02 ? 12  SER A N   1 
ATOM   88   C CA  . SER A 1 12  ? 6.160   -12.823 0.326   1.00 18.11 ? 12  SER A CA  1 
ATOM   89   C C   . SER A 1 12  ? 4.854   -12.096 0.016   1.00 18.27 ? 12  SER A C   1 
ATOM   90   O O   . SER A 1 12  ? 4.655   -10.954 0.452   1.00 17.66 ? 12  SER A O   1 
ATOM   91   C CB  . SER A 1 12  ? 5.972   -13.802 1.493   1.00 18.20 ? 12  SER A CB  1 
ATOM   92   O OG  . SER A 1 12  ? 5.609   -13.123 2.677   1.00 20.16 ? 12  SER A OG  1 
ATOM   93   N N   . SER A 1 13  ? 3.978   -12.749 -0.751  1.00 17.68 ? 13  SER A N   1 
ATOM   94   C CA  . SER A 1 13  ? 2.670   -12.175 -1.087  1.00 17.57 ? 13  SER A CA  1 
ATOM   95   C C   . SER A 1 13  ? 1.605   -13.270 -1.141  1.00 17.93 ? 13  SER A C   1 
ATOM   96   O O   . SER A 1 13  ? 1.825   -14.315 -1.745  1.00 18.48 ? 13  SER A O   1 
ATOM   97   C CB  . SER A 1 13  ? 2.758   -11.460 -2.441  1.00 17.56 ? 13  SER A CB  1 
ATOM   98   O OG  . SER A 1 13  ? 1.553   -10.812 -2.793  1.00 15.63 ? 13  SER A OG  1 
ATOM   99   N N   . GLU A 1 14  ? 0.458   -13.041 -0.505  1.00 18.58 ? 14  GLU A N   1 
ATOM   100  C CA  . GLU A 1 14  ? -0.646  -14.017 -0.537  1.00 18.98 ? 14  GLU A CA  1 
ATOM   101  C C   . GLU A 1 14  ? -1.909  -13.324 -1.010  1.00 18.50 ? 14  GLU A C   1 
ATOM   102  O O   . GLU A 1 14  ? -2.270  -12.282 -0.480  1.00 18.17 ? 14  GLU A O   1 
ATOM   103  C CB  . GLU A 1 14  ? -0.878  -14.631 0.852   1.00 18.96 ? 14  GLU A CB  1 
ATOM   104  C CG  . GLU A 1 14  ? 0.243   -15.583 1.284   1.00 22.06 ? 14  GLU A CG  1 
ATOM   105  C CD  . GLU A 1 14  ? 0.606   -15.477 2.754   1.00 24.74 ? 14  GLU A CD  1 
ATOM   106  O OE1 . GLU A 1 14  ? 1.824   -15.487 3.052   1.00 26.33 ? 14  GLU A OE1 1 
ATOM   107  O OE2 . GLU A 1 14  ? -0.306  -15.391 3.608   1.00 25.12 ? 14  GLU A OE2 1 
ATOM   108  N N   . ASN A 1 15  ? -2.564  -13.911 -2.005  1.00 18.13 ? 15  ASN A N   1 
ATOM   109  C CA  . ASN A 1 15  ? -3.882  -13.449 -2.510  1.00 18.26 ? 15  ASN A CA  1 
ATOM   110  C C   . ASN A 1 15  ? -3.890  -12.113 -3.250  1.00 17.84 ? 15  ASN A C   1 
ATOM   111  O O   . ASN A 1 15  ? -4.955  -11.507 -3.413  1.00 17.43 ? 15  ASN A O   1 
ATOM   112  C CB  . ASN A 1 15  ? -4.964  -13.433 -1.407  1.00 17.82 ? 15  ASN A CB  1 
ATOM   113  C CG  . ASN A 1 15  ? -5.065  -14.741 -0.654  1.00 18.45 ? 15  ASN A CG  1 
ATOM   114  O OD1 . ASN A 1 15  ? -4.788  -15.808 -1.201  1.00 17.66 ? 15  ASN A OD1 1 
ATOM   115  N ND2 . ASN A 1 15  ? -5.449  -14.661 0.631   1.00 18.88 ? 15  ASN A ND2 1 
ATOM   116  N N   . PHE A 1 16  ? -2.718  -11.657 -3.692  1.00 18.57 ? 16  PHE A N   1 
ATOM   117  C CA  . PHE A 1 16  ? -2.604  -10.346 -4.352  1.00 18.99 ? 16  PHE A CA  1 
ATOM   118  C C   . PHE A 1 16  ? -3.356  -10.270 -5.678  1.00 19.16 ? 16  PHE A C   1 
ATOM   119  O O   . PHE A 1 16  ? -4.009  -9.256  -5.973  1.00 19.59 ? 16  PHE A O   1 
ATOM   120  C CB  . PHE A 1 16  ? -1.145  -9.898  -4.531  1.00 18.61 ? 16  PHE A CB  1 
ATOM   121  C CG  . PHE A 1 16  ? -1.003  -8.408  -4.806  1.00 20.45 ? 16  PHE A CG  1 
ATOM   122  C CD1 . PHE A 1 16  ? -1.579  -7.466  -3.943  1.00 20.19 ? 16  PHE A CD1 1 
ATOM   123  C CD2 . PHE A 1 16  ? -0.292  -7.949  -5.914  1.00 20.66 ? 16  PHE A CD2 1 
ATOM   124  C CE1 . PHE A 1 16  ? -1.450  -6.074  -4.191  1.00 20.10 ? 16  PHE A CE1 1 
ATOM   125  C CE2 . PHE A 1 16  ? -0.145  -6.557  -6.168  1.00 19.66 ? 16  PHE A CE2 1 
ATOM   126  C CZ  . PHE A 1 16  ? -0.735  -5.629  -5.306  1.00 21.17 ? 16  PHE A CZ  1 
ATOM   127  N N   . ASP A 1 17  ? -3.281  -11.340 -6.468  1.00 19.50 ? 17  ASP A N   1 
ATOM   128  C CA  . ASP A 1 17  ? -4.029  -11.398 -7.728  1.00 19.72 ? 17  ASP A CA  1 
ATOM   129  C C   . ASP A 1 17  ? -5.536  -11.271 -7.469  1.00 19.81 ? 17  ASP A C   1 
ATOM   130  O O   . ASP A 1 17  ? -6.219  -10.462 -8.119  1.00 19.15 ? 17  ASP A O   1 
ATOM   131  C CB  . ASP A 1 17  ? -3.699  -12.676 -8.493  1.00 19.92 ? 17  ASP A CB  1 
ATOM   132  C CG  . ASP A 1 17  ? -4.291  -12.685 -9.883  1.00 22.08 ? 17  ASP A CG  1 
ATOM   133  O OD1 . ASP A 1 17  ? -4.025  -11.740 -10.673 1.00 23.00 ? 17  ASP A OD1 1 
ATOM   134  O OD2 . ASP A 1 17  ? -5.053  -13.588 -10.263 1.00 24.10 ? 17  ASP A OD2 1 
ATOM   135  N N   . ASP A 1 18  ? -6.040  -12.053 -6.502  1.00 19.88 ? 18  ASP A N   1 
ATOM   136  C CA  . ASP A 1 18  ? -7.448  -12.012 -6.093  1.00 20.01 ? 18  ASP A CA  1 
ATOM   137  C C   . ASP A 1 18  ? -7.824  -10.604 -5.643  1.00 19.63 ? 18  ASP A C   1 
ATOM   138  O O   . ASP A 1 18  ? -8.875  -10.101 -5.994  1.00 18.87 ? 18  ASP A O   1 
ATOM   139  C CB  . ASP A 1 18  ? -7.721  -12.967 -4.919  1.00 20.64 ? 18  ASP A CB  1 
ATOM   140  C CG  . ASP A 1 18  ? -7.878  -14.427 -5.346  1.00 23.50 ? 18  ASP A CG  1 
ATOM   141  O OD1 . ASP A 1 18  ? -7.980  -14.723 -6.568  1.00 22.45 ? 18  ASP A OD1 1 
ATOM   142  O OD2 . ASP A 1 18  ? -7.880  -15.350 -4.496  1.00 25.67 ? 18  ASP A OD2 1 
ATOM   143  N N   . TYR A 1 19  ? -6.956  -9.981  -4.850  1.00 19.57 ? 19  TYR A N   1 
ATOM   144  C CA  . TYR A 1 19  ? -7.197  -8.613  -4.384  1.00 18.89 ? 19  TYR A CA  1 
ATOM   145  C C   . TYR A 1 19  ? -7.299  -7.655  -5.573  1.00 18.73 ? 19  TYR A C   1 
ATOM   146  O O   . TYR A 1 19  ? -8.244  -6.900  -5.670  1.00 19.82 ? 19  TYR A O   1 
ATOM   147  C CB  . TYR A 1 19  ? -6.130  -8.174  -3.368  1.00 18.37 ? 19  TYR A CB  1 
ATOM   148  C CG  . TYR A 1 19  ? -6.187  -6.692  -3.027  1.00 19.19 ? 19  TYR A CG  1 
ATOM   149  C CD1 . TYR A 1 19  ? -7.142  -6.185  -2.129  1.00 16.79 ? 19  TYR A CD1 1 
ATOM   150  C CD2 . TYR A 1 19  ? -5.306  -5.790  -3.629  1.00 18.88 ? 19  TYR A CD2 1 
ATOM   151  C CE1 . TYR A 1 19  ? -7.203  -4.814  -1.838  1.00 17.82 ? 19  TYR A CE1 1 
ATOM   152  C CE2 . TYR A 1 19  ? -5.358  -4.410  -3.336  1.00 17.11 ? 19  TYR A CE2 1 
ATOM   153  C CZ  . TYR A 1 19  ? -6.300  -3.934  -2.455  1.00 18.42 ? 19  TYR A CZ  1 
ATOM   154  O OH  . TYR A 1 19  ? -6.339  -2.579  -2.190  1.00 19.87 ? 19  TYR A OH  1 
ATOM   155  N N   . MET A 1 20  ? -6.326  -7.698  -6.474  1.00 19.19 ? 20  MET A N   1 
ATOM   156  C CA  . MET A 1 20  ? -6.347  -6.864  -7.675  1.00 19.34 ? 20  MET A CA  1 
ATOM   157  C C   . MET A 1 20  ? -7.602  -7.098  -8.527  1.00 20.19 ? 20  MET A C   1 
ATOM   158  O O   . MET A 1 20  ? -8.239  -6.152  -8.987  1.00 19.23 ? 20  MET A O   1 
ATOM   159  C CB  . MET A 1 20  ? -5.101  -7.114  -8.504  1.00 18.93 ? 20  MET A CB  1 
ATOM   160  C CG  . MET A 1 20  ? -3.826  -6.540  -7.908  1.00 18.66 ? 20  MET A CG  1 
ATOM   161  S SD  . MET A 1 20  ? -2.478  -6.631  -9.102  1.00 19.33 ? 20  MET A SD  1 
ATOM   162  C CE  . MET A 1 20  ? -2.116  -8.390  -9.081  1.00 18.82 ? 20  MET A CE  1 
ATOM   163  N N   . LYS A 1 21  ? -7.962  -8.366  -8.719  1.00 20.75 ? 21  LYS A N   1 
ATOM   164  C CA  . LYS A 1 21  ? -9.186  -8.696  -9.428  1.00 21.87 ? 21  LYS A CA  1 
ATOM   165  C C   . LYS A 1 21  ? -10.411 -8.006  -8.792  1.00 22.23 ? 21  LYS A C   1 
ATOM   166  O O   . LYS A 1 21  ? -11.212 -7.357  -9.490  1.00 21.24 ? 21  LYS A O   1 
ATOM   167  C CB  . LYS A 1 21  ? -9.372  -10.211 -9.486  1.00 21.82 ? 21  LYS A CB  1 
ATOM   168  C CG  . LYS A 1 21  ? -10.512 -10.637 -10.389 1.00 25.03 ? 21  LYS A CG  1 
ATOM   169  C CD  . LYS A 1 21  ? -10.426 -12.111 -10.740 1.00 27.21 ? 21  LYS A CD  1 
ATOM   170  C CE  . LYS A 1 21  ? -11.605 -12.521 -11.621 1.00 30.87 ? 21  LYS A CE  1 
ATOM   171  N NZ  . LYS A 1 21  ? -11.739 -14.014 -11.674 1.00 34.14 ? 21  LYS A NZ  1 
ATOM   172  N N   . GLU A 1 22  ? -10.531 -8.138  -7.469  1.00 22.34 ? 22  GLU A N   1 
ATOM   173  C CA  . GLU A 1 22  ? -11.632 -7.553  -6.701  1.00 22.92 ? 22  GLU A CA  1 
ATOM   174  C C   . GLU A 1 22  ? -11.694 -6.027  -6.796  1.00 22.62 ? 22  GLU A C   1 
ATOM   175  O O   . GLU A 1 22  ? -12.777 -5.436  -6.894  1.00 22.41 ? 22  GLU A O   1 
ATOM   176  C CB  . GLU A 1 22  ? -11.501 -7.975  -5.230  1.00 23.90 ? 22  GLU A CB  1 
ATOM   177  C CG  . GLU A 1 22  ? -12.828 -8.186  -4.530  1.00 25.58 ? 22  GLU A CG  1 
ATOM   178  C CD  . GLU A 1 22  ? -13.639 -9.340  -5.109  1.00 28.48 ? 22  GLU A CD  1 
ATOM   179  O OE1 . GLU A 1 22  ? -13.073 -10.230 -5.766  1.00 31.29 ? 22  GLU A OE1 1 
ATOM   180  O OE2 . GLU A 1 22  ? -14.856 -9.367  -4.897  1.00 30.87 ? 22  GLU A OE2 1 
ATOM   181  N N   . VAL A 1 23  ? -10.529 -5.395  -6.779  1.00 22.12 ? 23  VAL A N   1 
ATOM   182  C CA  . VAL A 1 23  ? -10.421 -3.951  -6.951  1.00 22.08 ? 23  VAL A CA  1 
ATOM   183  C C   . VAL A 1 23  ? -10.894 -3.522  -8.370  1.00 22.54 ? 23  VAL A C   1 
ATOM   184  O O   . VAL A 1 23  ? -11.371 -2.414  -8.557  1.00 23.08 ? 23  VAL A O   1 
ATOM   185  C CB  . VAL A 1 23  ? -8.958  -3.484  -6.635  1.00 22.46 ? 23  VAL A CB  1 
ATOM   186  C CG1 . VAL A 1 23  ? -8.703  -2.079  -7.107  1.00 21.29 ? 23  VAL A CG1 1 
ATOM   187  C CG2 . VAL A 1 23  ? -8.682  -3.600  -5.127  1.00 21.91 ? 23  VAL A CG2 1 
ATOM   188  N N   . GLY A 1 24  ? -10.782 -4.415  -9.348  1.00 22.48 ? 24  GLY A N   1 
ATOM   189  C CA  . GLY A 1 24  ? -11.231 -4.123  -10.708 1.00 22.66 ? 24  GLY A CA  1 
ATOM   190  C C   . GLY A 1 24  ? -10.095 -4.013  -11.695 1.00 23.06 ? 24  GLY A C   1 
ATOM   191  O O   . GLY A 1 24  ? -10.293 -3.572  -12.833 1.00 23.73 ? 24  GLY A O   1 
ATOM   192  N N   . VAL A 1 25  ? -8.903  -4.429  -11.273 1.00 23.18 ? 25  VAL A N   1 
ATOM   193  C CA  . VAL A 1 25  ? -7.693  -4.347  -12.107 1.00 23.82 ? 25  VAL A CA  1 
ATOM   194  C C   . VAL A 1 25  ? -7.784  -5.295  -13.313 1.00 24.44 ? 25  VAL A C   1 
ATOM   195  O O   . VAL A 1 25  ? -8.076  -6.472  -13.151 1.00 24.01 ? 25  VAL A O   1 
ATOM   196  C CB  . VAL A 1 25  ? -6.412  -4.648  -11.264 1.00 24.12 ? 25  VAL A CB  1 
ATOM   197  C CG1 . VAL A 1 25  ? -5.145  -4.561  -12.115 1.00 23.28 ? 25  VAL A CG1 1 
ATOM   198  C CG2 . VAL A 1 25  ? -6.311  -3.702  -10.054 1.00 24.32 ? 25  VAL A CG2 1 
ATOM   199  N N   . GLY A 1 26  ? -7.545  -4.767  -14.512 1.00 25.12 ? 26  GLY A N   1 
ATOM   200  C CA  . GLY A 1 26  ? -7.516  -5.572  -15.738 1.00 26.10 ? 26  GLY A CA  1 
ATOM   201  C C   . GLY A 1 26  ? -6.420  -6.621  -15.722 1.00 26.84 ? 26  GLY A C   1 
ATOM   202  O O   . GLY A 1 26  ? -5.415  -6.463  -15.031 1.00 26.86 ? 26  GLY A O   1 
ATOM   203  N N   . PHE A 1 27  ? -6.614  -7.691  -16.492 1.00 27.69 ? 27  PHE A N   1 
ATOM   204  C CA  . PHE A 1 27  ? -5.710  -8.835  -16.481 1.00 27.80 ? 27  PHE A CA  1 
ATOM   205  C C   . PHE A 1 27  ? -4.249  -8.523  -16.818 1.00 27.65 ? 27  PHE A C   1 
ATOM   206  O O   . PHE A 1 27  ? -3.347  -9.024  -16.150 1.00 27.41 ? 27  PHE A O   1 
ATOM   207  C CB  . PHE A 1 27  ? -6.224  -9.963  -17.386 1.00 28.53 ? 27  PHE A CB  1 
ATOM   208  C CG  . PHE A 1 27  ? -5.337  -11.184 -17.386 1.00 29.09 ? 27  PHE A CG  1 
ATOM   209  C CD1 . PHE A 1 27  ? -5.489  -12.167 -16.413 1.00 30.06 ? 27  PHE A CD1 1 
ATOM   210  C CD2 . PHE A 1 27  ? -4.331  -11.331 -18.339 1.00 30.42 ? 27  PHE A CD2 1 
ATOM   211  C CE1 . PHE A 1 27  ? -4.669  -13.288 -16.401 1.00 30.59 ? 27  PHE A CE1 1 
ATOM   212  C CE2 . PHE A 1 27  ? -3.501  -12.450 -18.332 1.00 30.26 ? 27  PHE A CE2 1 
ATOM   213  C CZ  . PHE A 1 27  ? -3.674  -13.431 -17.370 1.00 30.44 ? 27  PHE A CZ  1 
ATOM   214  N N   . ALA A 1 28  ? -4.015  -7.720  -17.855 1.00 27.93 ? 28  ALA A N   1 
ATOM   215  C CA  . ALA A 1 28  ? -2.644  -7.420  -18.292 1.00 27.67 ? 28  ALA A CA  1 
ATOM   216  C C   . ALA A 1 28  ? -1.852  -6.721  -17.190 1.00 27.04 ? 28  ALA A C   1 
ATOM   217  O O   . ALA A 1 28  ? -0.675  -7.014  -16.986 1.00 27.02 ? 28  ALA A O   1 
ATOM   218  C CB  . ALA A 1 28  ? -2.637  -6.580  -19.589 1.00 28.03 ? 28  ALA A CB  1 
ATOM   219  N N   . THR A 1 29  ? -2.503  -5.807  -16.480 1.00 26.53 ? 29  THR A N   1 
ATOM   220  C CA  . THR A 1 29  ? -1.873  -5.147  -15.343 1.00 26.02 ? 29  THR A CA  1 
ATOM   221  C C   . THR A 1 29  ? -1.599  -6.152  -14.213 1.00 26.18 ? 29  THR A C   1 
ATOM   222  O O   . THR A 1 29  ? -0.471  -6.226  -13.715 1.00 25.91 ? 29  THR A O   1 
ATOM   223  C CB  . THR A 1 29  ? -2.708  -3.940  -14.881 1.00 26.14 ? 29  THR A CB  1 
ATOM   224  O OG1 . THR A 1 29  ? -2.751  -2.959  -15.937 1.00 25.54 ? 29  THR A OG1 1 
ATOM   225  C CG2 . THR A 1 29  ? -2.035  -3.190  -13.714 1.00 24.48 ? 29  THR A CG2 1 
ATOM   226  N N   . ARG A 1 30  ? -2.606  -6.946  -13.841 1.00 25.69 ? 30  ARG A N   1 
ATOM   227  C CA  . ARG A 1 30  ? -2.425  -7.999  -12.821 1.00 25.68 ? 30  ARG A CA  1 
ATOM   228  C C   . ARG A 1 30  ? -1.228  -8.914  -13.101 1.00 25.88 ? 30  ARG A C   1 
ATOM   229  O O   . ARG A 1 30  ? -0.470  -9.257  -12.189 1.00 24.98 ? 30  ARG A O   1 
ATOM   230  C CB  . ARG A 1 30  ? -3.677  -8.867  -12.693 1.00 25.15 ? 30  ARG A CB  1 
ATOM   231  C CG  . ARG A 1 30  ? -4.860  -8.183  -12.089 1.00 25.06 ? 30  ARG A CG  1 
ATOM   232  C CD  . ARG A 1 30  ? -5.860  -9.118  -11.451 1.00 27.70 ? 30  ARG A CD  1 
ATOM   233  N NE  . ARG A 1 30  ? -6.267  -10.214 -12.328 1.00 29.73 ? 30  ARG A NE  1 
ATOM   234  C CZ  . ARG A 1 30  ? -7.265  -10.145 -13.202 1.00 32.46 ? 30  ARG A CZ  1 
ATOM   235  N NH1 . ARG A 1 30  ? -7.971  -9.026  -13.345 1.00 33.69 ? 30  ARG A NH1 1 
ATOM   236  N NH2 . ARG A 1 30  ? -7.560  -11.194 -13.943 1.00 32.85 ? 30  ARG A NH2 1 
ATOM   237  N N   . LYS A 1 31  ? -1.076  -9.321  -14.364 1.00 26.79 ? 31  LYS A N   1 
ATOM   238  C CA  . LYS A 1 31  ? 0.041   -10.166 -14.769 1.00 27.55 ? 31  LYS A CA  1 
ATOM   239  C C   . LYS A 1 31  ? 1.382   -9.502  -14.441 1.00 27.46 ? 31  LYS A C   1 
ATOM   240  O O   . LYS A 1 31  ? 2.255   -10.133 -13.842 1.00 28.00 ? 31  LYS A O   1 
ATOM   241  C CB  . LYS A 1 31  ? -0.045  -10.567 -16.262 1.00 28.06 ? 31  LYS A CB  1 
ATOM   242  C CG  . LYS A 1 31  ? 1.233   -11.275 -16.770 1.00 29.81 ? 31  LYS A CG  1 
ATOM   243  C CD  . LYS A 1 31  ? 0.959   -12.440 -17.745 1.00 33.47 ? 31  LYS A CD  1 
ATOM   244  C CE  . LYS A 1 31  ? 2.185   -13.408 -17.796 1.00 32.46 ? 31  LYS A CE  1 
ATOM   245  N NZ  . LYS A 1 31  ? 1.861   -14.860 -18.108 1.00 33.48 ? 31  LYS A NZ  1 
ATOM   246  N N   . VAL A 1 32  ? 1.539   -8.233  -14.808 1.00 26.84 ? 32  VAL A N   1 
ATOM   247  C CA  . VAL A 1 32  ? 2.799   -7.542  -14.538 1.00 27.21 ? 32  VAL A CA  1 
ATOM   248  C C   . VAL A 1 32  ? 2.956   -7.148  -13.061 1.00 27.13 ? 32  VAL A C   1 
ATOM   249  O O   . VAL A 1 32  ? 4.023   -7.354  -12.477 1.00 27.82 ? 32  VAL A O   1 
ATOM   250  C CB  . VAL A 1 32  ? 3.011   -6.334  -15.469 1.00 26.95 ? 32  VAL A CB  1 
ATOM   251  C CG1 . VAL A 1 32  ? 4.323   -5.658  -15.154 1.00 27.75 ? 32  VAL A CG1 1 
ATOM   252  C CG2 . VAL A 1 32  ? 3.037   -6.794  -16.921 1.00 28.11 ? 32  VAL A CG2 1 
ATOM   253  N N   . ALA A 1 33  ? 1.897   -6.597  -12.463 1.00 26.64 ? 33  ALA A N   1 
ATOM   254  C CA  . ALA A 1 33  ? 1.917   -6.199  -11.041 1.00 26.80 ? 33  ALA A CA  1 
ATOM   255  C C   . ALA A 1 33  ? 2.160   -7.367  -10.082 1.00 27.18 ? 33  ALA A C   1 
ATOM   256  O O   . ALA A 1 33  ? 2.844   -7.205  -9.066  1.00 27.44 ? 33  ALA A O   1 
ATOM   257  C CB  . ALA A 1 33  ? 0.636   -5.466  -10.668 1.00 26.10 ? 33  ALA A CB  1 
ATOM   258  N N   . GLY A 1 34  ? 1.588   -8.528  -10.396 1.00 27.68 ? 34  GLY A N   1 
ATOM   259  C CA  . GLY A 1 34  ? 1.699   -9.710  -9.547  1.00 29.16 ? 34  GLY A CA  1 
ATOM   260  C C   . GLY A 1 34  ? 3.065   -10.379 -9.566  1.00 30.14 ? 34  GLY A C   1 
ATOM   261  O O   . GLY A 1 34  ? 3.419   -11.090 -8.619  1.00 29.99 ? 34  GLY A O   1 
ATOM   262  N N   . MET A 1 35  ? 3.815   -10.185 -10.653 1.00 31.18 ? 35  MET A N   1 
ATOM   263  C CA  . MET A 1 35  ? 5.181   -10.717 -10.765 1.00 32.77 ? 35  MET A CA  1 
ATOM   264  C C   . MET A 1 35  ? 6.209   -9.809  -10.100 1.00 31.18 ? 35  MET A C   1 
ATOM   265  O O   . MET A 1 35  ? 7.263   -10.282 -9.694  1.00 31.09 ? 35  MET A O   1 
ATOM   266  C CB  . MET A 1 35  ? 5.588   -10.902 -12.227 1.00 32.78 ? 35  MET A CB  1 
ATOM   267  C CG  . MET A 1 35  ? 5.029   -12.132 -12.913 1.00 34.95 ? 35  MET A CG  1 
ATOM   268  S SD  . MET A 1 35  ? 5.736   -12.365 -14.568 1.00 38.94 ? 35  MET A SD  1 
ATOM   269  C CE  . MET A 1 35  ? 5.241   -10.845 -15.415 1.00 38.51 ? 35  MET A CE  1 
ATOM   270  N N   . ALA A 1 36  ? 5.895   -8.515  -10.003 1.00 30.27 ? 36  ALA A N   1 
ATOM   271  C CA  . ALA A 1 36  ? 6.819   -7.494  -9.478  1.00 29.25 ? 36  ALA A CA  1 
ATOM   272  C C   . ALA A 1 36  ? 7.116   -7.736  -8.020  1.00 28.00 ? 36  ALA A C   1 
ATOM   273  O O   . ALA A 1 36  ? 6.265   -8.208  -7.282  1.00 28.17 ? 36  ALA A O   1 
ATOM   274  C CB  . ALA A 1 36  ? 6.243   -6.084  -9.663  1.00 28.98 ? 36  ALA A CB  1 
ATOM   275  N N   . LYS A 1 37  ? 8.339   -7.431  -7.611  1.00 27.25 ? 37  LYS A N   1 
ATOM   276  C CA  . LYS A 1 37  ? 8.707   -7.510  -6.209  1.00 26.77 ? 37  LYS A CA  1 
ATOM   277  C C   . LYS A 1 37  ? 9.227   -6.131  -5.776  1.00 25.78 ? 37  LYS A C   1 
ATOM   278  O O   . LYS A 1 37  ? 10.435  -5.861  -5.805  1.00 25.35 ? 37  LYS A O   1 
ATOM   279  C CB  . LYS A 1 37  ? 9.720   -8.637  -5.950  1.00 27.54 ? 37  LYS A CB  1 
ATOM   280  C CG  . LYS A 1 37  ? 9.163   -10.046 -6.204  1.00 30.15 ? 37  LYS A CG  1 
ATOM   281  C CD  . LYS A 1 37  ? 10.032  -11.105 -5.531  1.00 35.12 ? 37  LYS A CD  1 
ATOM   282  C CE  . LYS A 1 37  ? 9.338   -12.474 -5.493  1.00 38.26 ? 37  LYS A CE  1 
ATOM   283  N NZ  . LYS A 1 37  ? 10.113  -13.499 -4.690  1.00 39.84 ? 37  LYS A NZ  1 
ATOM   284  N N   . PRO A 1 38  ? 8.296   -5.254  -5.409  1.00 24.88 ? 38  PRO A N   1 
ATOM   285  C CA  . PRO A 1 38  ? 8.623   -3.856  -5.141  1.00 24.48 ? 38  PRO A CA  1 
ATOM   286  C C   . PRO A 1 38  ? 9.478   -3.619  -3.910  1.00 24.29 ? 38  PRO A C   1 
ATOM   287  O O   . PRO A 1 38  ? 9.505   -4.429  -2.958  1.00 23.15 ? 38  PRO A O   1 
ATOM   288  C CB  . PRO A 1 38  ? 7.247   -3.186  -4.948  1.00 24.59 ? 38  PRO A CB  1 
ATOM   289  C CG  . PRO A 1 38  ? 6.290   -4.300  -4.648  1.00 25.00 ? 38  PRO A CG  1 
ATOM   290  C CD  . PRO A 1 38  ? 6.855   -5.539  -5.242  1.00 24.51 ? 38  PRO A CD  1 
ATOM   291  N N   . ASN A 1 39  ? 10.189  -2.502  -3.952  1.00 24.24 ? 39  ASN A N   1 
ATOM   292  C CA  . ASN A 1 39  ? 10.761  -1.938  -2.757  1.00 24.57 ? 39  ASN A CA  1 
ATOM   293  C C   . ASN A 1 39  ? 9.842   -0.827  -2.301  1.00 24.56 ? 39  ASN A C   1 
ATOM   294  O O   . ASN A 1 39  ? 9.282   -0.093  -3.117  1.00 24.88 ? 39  ASN A O   1 
ATOM   295  C CB  . ASN A 1 39  ? 12.160  -1.403  -3.027  1.00 24.86 ? 39  ASN A CB  1 
ATOM   296  C CG  . ASN A 1 39  ? 13.151  -2.518  -3.309  1.00 27.14 ? 39  ASN A CG  1 
ATOM   297  O OD1 . ASN A 1 39  ? 13.445  -3.333  -2.435  1.00 28.41 ? 39  ASN A OD1 1 
ATOM   298  N ND2 . ASN A 1 39  ? 13.654  -2.571  -4.537  1.00 27.02 ? 39  ASN A ND2 1 
ATOM   299  N N   . MET A 1 40  ? 9.676   -0.710  -0.996  1.00 24.17 ? 40  MET A N   1 
ATOM   300  C CA  . MET A 1 40  ? 8.908   0.387   -0.437  1.00 24.20 ? 40  MET A CA  1 
ATOM   301  C C   . MET A 1 40  ? 9.859   1.216   0.417   1.00 23.17 ? 40  MET A C   1 
ATOM   302  O O   . MET A 1 40  ? 10.621  0.666   1.215   1.00 23.38 ? 40  MET A O   1 
ATOM   303  C CB  . MET A 1 40  ? 7.723   -0.162  0.343   1.00 23.88 ? 40  MET A CB  1 
ATOM   304  C CG  . MET A 1 40  ? 6.918   0.858   1.136   1.00 25.27 ? 40  MET A CG  1 
ATOM   305  S SD  . MET A 1 40  ? 5.420   0.088   1.758   1.00 27.13 ? 40  MET A SD  1 
ATOM   306  C CE  . MET A 1 40  ? 6.106   -1.290  2.647   1.00 27.47 ? 40  MET A CE  1 
ATOM   307  N N   . ILE A 1 41  ? 9.858   2.528   0.197   1.00 21.80 ? 41  ILE A N   1 
ATOM   308  C CA  . ILE A 1 41  ? 10.742  3.444   0.935   1.00 20.80 ? 41  ILE A CA  1 
ATOM   309  C C   . ILE A 1 41  ? 9.904   4.454   1.714   1.00 20.18 ? 41  ILE A C   1 
ATOM   310  O O   . ILE A 1 41  ? 9.213   5.293   1.133   1.00 18.75 ? 41  ILE A O   1 
ATOM   311  C CB  . ILE A 1 41  ? 11.720  4.172   -0.014  1.00 20.85 ? 41  ILE A CB  1 
ATOM   312  C CG1 . ILE A 1 41  ? 12.413  3.161   -0.935  1.00 21.72 ? 41  ILE A CG1 1 
ATOM   313  C CG2 . ILE A 1 41  ? 12.739  5.003   0.814   1.00 20.86 ? 41  ILE A CG2 1 
ATOM   314  C CD1 . ILE A 1 41  ? 12.703  3.658   -2.334  1.00 25.45 ? 41  ILE A CD1 1 
ATOM   315  N N   . ILE A 1 42  ? 9.959   4.337   3.033   1.00 19.98 ? 42  ILE A N   1 
ATOM   316  C CA  . ILE A 1 42  ? 9.173   5.191   3.908   1.00 20.40 ? 42  ILE A CA  1 
ATOM   317  C C   . ILE A 1 42  ? 10.096  6.181   4.597   1.00 20.50 ? 42  ILE A C   1 
ATOM   318  O O   . ILE A 1 42  ? 11.111  5.796   5.162   1.00 20.11 ? 42  ILE A O   1 
ATOM   319  C CB  . ILE A 1 42  ? 8.384   4.351   4.940   1.00 20.25 ? 42  ILE A CB  1 
ATOM   320  C CG1 . ILE A 1 42  ? 7.525   3.315   4.196   1.00 22.04 ? 42  ILE A CG1 1 
ATOM   321  C CG2 . ILE A 1 42  ? 7.529   5.265   5.841   1.00 20.79 ? 42  ILE A CG2 1 
ATOM   322  C CD1 . ILE A 1 42  ? 6.699   2.433   5.069   1.00 22.82 ? 42  ILE A CD1 1 
ATOM   323  N N   . SER A 1 43  ? 9.726   7.455   4.520   1.00 20.81 ? 43  SER A N   1 
ATOM   324  C CA  . SER A 1 43  ? 10.465  8.548   5.142   1.00 21.29 ? 43  SER A CA  1 
ATOM   325  C C   . SER A 1 43  ? 9.487   9.547   5.763   1.00 22.11 ? 43  SER A C   1 
ATOM   326  O O   . SER A 1 43  ? 8.295   9.592   5.397   1.00 22.18 ? 43  SER A O   1 
ATOM   327  C CB  . SER A 1 43  ? 11.366  9.233   4.115   1.00 20.80 ? 43  SER A CB  1 
ATOM   328  O OG  . SER A 1 43  ? 10.583  9.837   3.100   1.00 19.69 ? 43  SER A OG  1 
ATOM   329  N N   . VAL A 1 44  ? 9.971   10.325  6.728   1.00 22.75 ? 44  VAL A N   1 
ATOM   330  C CA  . VAL A 1 44  ? 9.110   11.274  7.437   1.00 23.50 ? 44  VAL A CA  1 
ATOM   331  C C   . VAL A 1 44  ? 9.877   12.572  7.611   1.00 24.21 ? 44  VAL A C   1 
ATOM   332  O O   . VAL A 1 44  ? 11.055  12.551  7.968   1.00 23.32 ? 44  VAL A O   1 
ATOM   333  C CB  . VAL A 1 44  ? 8.635   10.732  8.838   1.00 23.77 ? 44  VAL A CB  1 
ATOM   334  C CG1 . VAL A 1 44  ? 7.684   11.715  9.519   1.00 24.09 ? 44  VAL A CG1 1 
ATOM   335  C CG2 . VAL A 1 44  ? 7.943   9.357   8.717   1.00 24.57 ? 44  VAL A CG2 1 
ATOM   336  N N   . ASN A 1 45  ? 9.199   13.687  7.337   1.00 25.54 ? 45  ASN A N   1 
ATOM   337  C CA  . ASN A 1 45  ? 9.732   15.034  7.537   1.00 27.59 ? 45  ASN A CA  1 
ATOM   338  C C   . ASN A 1 45  ? 8.667   15.884  8.249   1.00 27.65 ? 45  ASN A C   1 
ATOM   339  O O   . ASN A 1 45  ? 7.729   16.356  7.619   1.00 27.82 ? 45  ASN A O   1 
ATOM   340  C CB  . ASN A 1 45  ? 10.093  15.684  6.191   1.00 28.19 ? 45  ASN A CB  1 
ATOM   341  C CG  . ASN A 1 45  ? 11.337  15.083  5.550   1.00 31.42 ? 45  ASN A CG  1 
ATOM   342  O OD1 . ASN A 1 45  ? 12.407  15.017  6.169   1.00 36.06 ? 45  ASN A OD1 1 
ATOM   343  N ND2 . ASN A 1 45  ? 11.209  14.666  4.291   1.00 32.83 ? 45  ASN A ND2 1 
ATOM   344  N N   . GLY A 1 46  ? 8.818   16.074  9.557   1.00 27.97 ? 46  GLY A N   1 
ATOM   345  C CA  . GLY A 1 46  ? 7.786   16.718  10.375  1.00 28.22 ? 46  GLY A CA  1 
ATOM   346  C C   . GLY A 1 46  ? 6.469   15.946  10.388  1.00 27.91 ? 46  GLY A C   1 
ATOM   347  O O   . GLY A 1 46  ? 6.413   14.790  10.806  1.00 28.05 ? 46  GLY A O   1 
ATOM   348  N N   . ASP A 1 47  ? 5.395   16.576  9.926   1.00 28.03 ? 47  ASP A N   1 
ATOM   349  C CA  . ASP A 1 47  ? 4.110   15.876  9.887   1.00 27.72 ? 47  ASP A CA  1 
ATOM   350  C C   . ASP A 1 47  ? 3.811   15.224  8.518   1.00 26.39 ? 47  ASP A C   1 
ATOM   351  O O   . ASP A 1 47  ? 2.783   14.559  8.343   1.00 26.12 ? 47  ASP A O   1 
ATOM   352  C CB  . ASP A 1 47  ? 2.967   16.778  10.378  1.00 29.30 ? 47  ASP A CB  1 
ATOM   353  C CG  . ASP A 1 47  ? 3.148   18.216  9.971   1.00 31.67 ? 47  ASP A CG  1 
ATOM   354  O OD1 . ASP A 1 47  ? 3.347   18.456  8.757   1.00 37.68 ? 47  ASP A OD1 1 
ATOM   355  O OD2 . ASP A 1 47  ? 3.116   19.168  10.784  1.00 31.57 ? 47  ASP A OD2 1 
ATOM   356  N N   . VAL A 1 48  ? 4.717   15.398  7.563   1.00 24.85 ? 48  VAL A N   1 
ATOM   357  C CA  . VAL A 1 48  ? 4.575   14.736  6.252   1.00 23.69 ? 48  VAL A CA  1 
ATOM   358  C C   . VAL A 1 48  ? 5.295   13.388  6.187   1.00 22.52 ? 48  VAL A C   1 
ATOM   359  O O   . VAL A 1 48  ? 6.519   13.292  6.376   1.00 21.63 ? 48  VAL A O   1 
ATOM   360  C CB  . VAL A 1 48  ? 5.030   15.618  5.070   1.00 23.78 ? 48  VAL A CB  1 
ATOM   361  C CG1 . VAL A 1 48  ? 4.707   14.936  3.758   1.00 23.21 ? 48  VAL A CG1 1 
ATOM   362  C CG2 . VAL A 1 48  ? 4.372   16.983  5.122   1.00 24.19 ? 48  VAL A CG2 1 
ATOM   363  N N   . ILE A 1 49  ? 4.515   12.349  5.914   1.00 21.16 ? 49  ILE A N   1 
ATOM   364  C CA  . ILE A 1 49  ? 5.051   11.019  5.676   1.00 20.25 ? 49  ILE A CA  1 
ATOM   365  C C   . ILE A 1 49  ? 5.068   10.744  4.165   1.00 20.03 ? 49  ILE A C   1 
ATOM   366  O O   . ILE A 1 49  ? 4.086   11.006  3.462   1.00 18.95 ? 49  ILE A O   1 
ATOM   367  C CB  . ILE A 1 49  ? 4.195   9.965   6.429   1.00 20.24 ? 49  ILE A CB  1 
ATOM   368  C CG1 . ILE A 1 49  ? 4.234   10.227  7.946   1.00 20.78 ? 49  ILE A CG1 1 
ATOM   369  C CG2 . ILE A 1 49  ? 4.630   8.534   6.063   1.00 19.91 ? 49  ILE A CG2 1 
ATOM   370  C CD1 . ILE A 1 49  ? 3.126   9.525   8.747   1.00 20.95 ? 49  ILE A CD1 1 
ATOM   371  N N   . THR A 1 50  ? 6.187   10.216  3.674   1.00 19.37 ? 50  THR A N   1 
ATOM   372  C CA  . THR A 1 50  ? 6.315   9.846   2.265   1.00 18.78 ? 50  THR A CA  1 
ATOM   373  C C   . THR A 1 50  ? 6.476   8.328   2.136   1.00 18.65 ? 50  THR A C   1 
ATOM   374  O O   . THR A 1 50  ? 7.338   7.737   2.784   1.00 18.66 ? 50  THR A O   1 
ATOM   375  C CB  . THR A 1 50  ? 7.502   10.594  1.643   1.00 18.44 ? 50  THR A CB  1 
ATOM   376  O OG1 . THR A 1 50  ? 7.180   11.986  1.549   1.00 18.74 ? 50  THR A OG1 1 
ATOM   377  C CG2 . THR A 1 50  ? 7.746   10.168  0.156   1.00 19.52 ? 50  THR A CG2 1 
ATOM   378  N N   . ILE A 1 51  ? 5.611   7.702   1.338   1.00 18.86 ? 51  ILE A N   1 
ATOM   379  C CA  . ILE A 1 51  ? 5.760   6.279   0.990   1.00 18.88 ? 51  ILE A CA  1 
ATOM   380  C C   . ILE A 1 51  ? 5.947   6.126   -0.531  1.00 18.71 ? 51  ILE A C   1 
ATOM   381  O O   . ILE A 1 51  ? 5.047   6.459   -1.321  1.00 17.74 ? 51  ILE A O   1 
ATOM   382  C CB  . ILE A 1 51  ? 4.568   5.420   1.479   1.00 19.20 ? 51  ILE A CB  1 
ATOM   383  C CG1 . ILE A 1 51  ? 4.382   5.546   2.999   1.00 19.63 ? 51  ILE A CG1 1 
ATOM   384  C CG2 . ILE A 1 51  ? 4.768   3.951   1.045   1.00 19.29 ? 51  ILE A CG2 1 
ATOM   385  C CD1 . ILE A 1 51  ? 3.160   4.828   3.541   1.00 19.31 ? 51  ILE A CD1 1 
ATOM   386  N N   . LYS A 1 52  ? 7.136   5.649   -0.904  1.00 18.00 ? 52  LYS A N   1 
ATOM   387  C CA  . LYS A 1 52  ? 7.503   5.347   -2.268  1.00 18.58 ? 52  LYS A CA  1 
ATOM   388  C C   . LYS A 1 52  ? 7.415   3.849   -2.473  1.00 19.14 ? 52  LYS A C   1 
ATOM   389  O O   . LYS A 1 52  ? 7.792   3.068   -1.601  1.00 18.65 ? 52  LYS A O   1 
ATOM   390  C CB  . LYS A 1 52  ? 8.959   5.757   -2.541  1.00 18.23 ? 52  LYS A CB  1 
ATOM   391  C CG  . LYS A 1 52  ? 9.239   7.256   -2.435  1.00 19.74 ? 52  LYS A CG  1 
ATOM   392  C CD  . LYS A 1 52  ? 10.722  7.535   -2.542  1.00 19.73 ? 52  LYS A CD  1 
ATOM   393  C CE  . LYS A 1 52  ? 11.005  9.030   -2.452  1.00 20.67 ? 52  LYS A CE  1 
ATOM   394  N NZ  . LYS A 1 52  ? 12.368  9.249   -2.941  1.00 21.90 ? 52  LYS A NZ  1 
ATOM   395  N N   . SER A 1 53  ? 6.961   3.459   -3.652  1.00 19.71 ? 53  SER A N   1 
ATOM   396  C CA  . SER A 1 53  ? 7.029   2.078   -4.076  1.00 20.98 ? 53  SER A CA  1 
ATOM   397  C C   . SER A 1 53  ? 7.759   2.076   -5.393  1.00 22.08 ? 53  SER A C   1 
ATOM   398  O O   . SER A 1 53  ? 7.385   2.830   -6.307  1.00 21.78 ? 53  SER A O   1 
ATOM   399  C CB  . SER A 1 53  ? 5.621   1.511   -4.256  1.00 21.18 ? 53  SER A CB  1 
ATOM   400  O OG  . SER A 1 53  ? 5.658   0.180   -4.748  1.00 22.11 ? 53  SER A OG  1 
ATOM   401  N N   . GLU A 1 54  ? 8.792   1.239   -5.499  1.00 22.41 ? 54  GLU A N   1 
ATOM   402  C CA  . GLU A 1 54  ? 9.577   1.126   -6.730  1.00 23.78 ? 54  GLU A CA  1 
ATOM   403  C C   . GLU A 1 54  ? 9.563   -0.297  -7.258  1.00 22.72 ? 54  GLU A C   1 
ATOM   404  O O   . GLU A 1 54  ? 9.959   -1.221  -6.551  1.00 22.54 ? 54  GLU A O   1 
ATOM   405  C CB  . GLU A 1 54  ? 11.035  1.571   -6.500  1.00 23.53 ? 54  GLU A CB  1 
ATOM   406  C CG  . GLU A 1 54  ? 11.173  3.058   -6.181  1.00 26.71 ? 54  GLU A CG  1 
ATOM   407  C CD  . GLU A 1 54  ? 12.600  3.520   -5.947  1.00 27.85 ? 54  GLU A CD  1 
ATOM   408  O OE1 . GLU A 1 54  ? 13.551  2.710   -6.087  1.00 32.80 ? 54  GLU A OE1 1 
ATOM   409  O OE2 . GLU A 1 54  ? 12.770  4.721   -5.627  1.00 34.47 ? 54  GLU A OE2 1 
ATOM   410  N N   . SER A 1 55  ? 9.145   -0.479  -8.504  1.00 22.94 ? 55  SER A N   1 
ATOM   411  C CA  . SER A 1 55  ? 9.206   -1.818  -9.136  1.00 22.89 ? 55  SER A CA  1 
ATOM   412  C C   . SER A 1 55  ? 9.364   -1.754  -10.648 1.00 22.91 ? 55  SER A C   1 
ATOM   413  O O   . SER A 1 55  ? 9.214   -0.683  -11.240 1.00 22.07 ? 55  SER A O   1 
ATOM   414  C CB  . SER A 1 55  ? 7.976   -2.666  -8.780  1.00 22.76 ? 55  SER A CB  1 
ATOM   415  O OG  . SER A 1 55  ? 6.880   -2.390  -9.629  1.00 22.82 ? 55  SER A OG  1 
ATOM   416  N N   . THR A 1 56  ? 9.662   -2.913  -11.255 1.00 22.81 ? 56  THR A N   1 
ATOM   417  C CA  . THR A 1 56  ? 9.720   -3.053  -12.709 1.00 23.49 ? 56  THR A CA  1 
ATOM   418  C C   . THR A 1 56  ? 8.344   -2.800  -13.335 1.00 23.37 ? 56  THR A C   1 
ATOM   419  O O   . THR A 1 56  ? 8.231   -2.466  -14.516 1.00 23.71 ? 56  THR A O   1 
ATOM   420  C CB  . THR A 1 56  ? 10.239  -4.462  -13.103 1.00 23.88 ? 56  THR A CB  1 
ATOM   421  O OG1 . THR A 1 56  ? 9.372   -5.469  -12.571 1.00 24.37 ? 56  THR A OG1 1 
ATOM   422  C CG2 . THR A 1 56  ? 11.592  -4.753  -12.416 1.00 23.92 ? 56  THR A CG2 1 
ATOM   423  N N   . PHE A 1 57  ? 7.297   -2.965  -12.541 1.00 23.18 ? 57  PHE A N   1 
ATOM   424  C CA  . PHE A 1 57  ? 5.945   -2.685  -13.012 1.00 22.92 ? 57  PHE A CA  1 
ATOM   425  C C   . PHE A 1 57  ? 5.699   -1.167  -13.055 1.00 23.15 ? 57  PHE A C   1 
ATOM   426  O O   . PHE A 1 57  ? 5.580   -0.573  -14.145 1.00 22.84 ? 57  PHE A O   1 
ATOM   427  C CB  . PHE A 1 57  ? 4.911   -3.422  -12.135 1.00 23.29 ? 57  PHE A CB  1 
ATOM   428  C CG  . PHE A 1 57  ? 3.533   -2.832  -12.196 1.00 21.59 ? 57  PHE A CG  1 
ATOM   429  C CD1 . PHE A 1 57  ? 2.917   -2.585  -13.414 1.00 22.49 ? 57  PHE A CD1 1 
ATOM   430  C CD2 . PHE A 1 57  ? 2.862   -2.507  -11.030 1.00 23.06 ? 57  PHE A CD2 1 
ATOM   431  C CE1 . PHE A 1 57  ? 1.639   -2.006  -13.478 1.00 23.33 ? 57  PHE A CE1 1 
ATOM   432  C CE2 . PHE A 1 57  ? 1.581   -1.941  -11.078 1.00 22.22 ? 57  PHE A CE2 1 
ATOM   433  C CZ  . PHE A 1 57  ? 0.977   -1.699  -12.294 1.00 23.72 ? 57  PHE A CZ  1 
ATOM   434  N N   . LYS A 1 58  ? 5.659   -0.532  -11.884 1.00 22.76 ? 58  LYS A N   1 
ATOM   435  C CA  . LYS A 1 58  ? 5.375   0.905   -11.816 1.00 23.37 ? 58  LYS A CA  1 
ATOM   436  C C   . LYS A 1 58  ? 5.989   1.516   -10.560 1.00 22.42 ? 58  LYS A C   1 
ATOM   437  O O   . LYS A 1 58  ? 6.002   0.879   -9.525  1.00 22.49 ? 58  LYS A O   1 
ATOM   438  C CB  . LYS A 1 58  ? 3.857   1.133   -11.818 1.00 24.01 ? 58  LYS A CB  1 
ATOM   439  C CG  . LYS A 1 58  ? 3.432   2.454   -12.430 1.00 27.05 ? 58  LYS A CG  1 
ATOM   440  C CD  . LYS A 1 58  ? 2.031   2.384   -13.009 1.00 34.54 ? 58  LYS A CD  1 
ATOM   441  C CE  . LYS A 1 58  ? 1.515   3.789   -13.350 1.00 38.01 ? 58  LYS A CE  1 
ATOM   442  N NZ  . LYS A 1 58  ? 0.010   3.852   -13.497 1.00 40.73 ? 58  LYS A NZ  1 
ATOM   443  N N   . ASN A 1 59  ? 6.526   2.729   -10.644 1.00 21.23 ? 59  ASN A N   1 
ATOM   444  C CA  . ASN A 1 59  ? 6.849   3.444   -9.409  1.00 20.95 ? 59  ASN A CA  1 
ATOM   445  C C   . ASN A 1 59  ? 5.654   4.280   -8.979  1.00 20.79 ? 59  ASN A C   1 
ATOM   446  O O   . ASN A 1 59  ? 4.946   4.835   -9.823  1.00 20.89 ? 59  ASN A O   1 
ATOM   447  C CB  . ASN A 1 59  ? 8.068   4.349   -9.580  1.00 21.61 ? 59  ASN A CB  1 
ATOM   448  C CG  . ASN A 1 59  ? 9.339   3.580   -9.906  1.00 22.14 ? 59  ASN A CG  1 
ATOM   449  O OD1 . ASN A 1 59  ? 9.393   2.345   -9.826  1.00 21.64 ? 59  ASN A OD1 1 
ATOM   450  N ND2 . ASN A 1 59  ? 10.371  4.316   -10.280 1.00 23.14 ? 59  ASN A ND2 1 
ATOM   451  N N   . THR A 1 60  ? 5.400   4.365   -7.678  1.00 19.67 ? 60  THR A N   1 
ATOM   452  C CA  . THR A 1 60  ? 4.394   5.305   -7.205  1.00 19.64 ? 60  THR A CA  1 
ATOM   453  C C   . THR A 1 60  ? 4.924   6.002   -5.969  1.00 19.17 ? 60  THR A C   1 
ATOM   454  O O   . THR A 1 60  ? 5.874   5.519   -5.333  1.00 18.96 ? 60  THR A O   1 
ATOM   455  C CB  . THR A 1 60  ? 3.074   4.597   -6.833  1.00 19.59 ? 60  THR A CB  1 
ATOM   456  O OG1 . THR A 1 60  ? 3.336   3.656   -5.789  1.00 19.89 ? 60  THR A OG1 1 
ATOM   457  C CG2 . THR A 1 60  ? 2.513   3.768   -7.994  1.00 20.13 ? 60  THR A CG2 1 
ATOM   458  N N   . GLU A 1 61  ? 4.303   7.123   -5.631  1.00 18.54 ? 61  GLU A N   1 
ATOM   459  C CA  . GLU A 1 61  ? 4.625   7.833   -4.397  1.00 18.47 ? 61  GLU A CA  1 
ATOM   460  C C   . GLU A 1 61  ? 3.406   8.532   -3.849  1.00 19.05 ? 61  GLU A C   1 
ATOM   461  O O   . GLU A 1 61  ? 2.652   9.156   -4.598  1.00 18.88 ? 61  GLU A O   1 
ATOM   462  C CB  . GLU A 1 61  ? 5.733   8.860   -4.649  1.00 17.92 ? 61  GLU A CB  1 
ATOM   463  C CG  . GLU A 1 61  ? 6.152   9.659   -3.417  1.00 18.33 ? 61  GLU A CG  1 
ATOM   464  C CD  . GLU A 1 61  ? 7.322   10.569  -3.721  1.00 18.32 ? 61  GLU A CD  1 
ATOM   465  O OE1 . GLU A 1 61  ? 8.330   10.088  -4.292  1.00 19.00 ? 61  GLU A OE1 1 
ATOM   466  O OE2 . GLU A 1 61  ? 7.228   11.770  -3.401  1.00 17.56 ? 61  GLU A OE2 1 
ATOM   467  N N   . ILE A 1 62  ? 3.218   8.435   -2.536  1.00 19.28 ? 62  ILE A N   1 
ATOM   468  C CA  . ILE A 1 62  ? 2.270   9.297   -1.830  1.00 20.61 ? 62  ILE A CA  1 
ATOM   469  C C   . ILE A 1 62  ? 2.963   10.032  -0.698  1.00 20.69 ? 62  ILE A C   1 
ATOM   470  O O   . ILE A 1 62  ? 3.784   9.445   0.006   1.00 20.55 ? 62  ILE A O   1 
ATOM   471  C CB  . ILE A 1 62  ? 1.056   8.515   -1.281  1.00 20.38 ? 62  ILE A CB  1 
ATOM   472  C CG1 . ILE A 1 62  ? 1.504   7.320   -0.415  1.00 20.70 ? 62  ILE A CG1 1 
ATOM   473  C CG2 . ILE A 1 62  ? 0.117   8.112   -2.428  1.00 20.81 ? 62  ILE A CG2 1 
ATOM   474  C CD1 . ILE A 1 62  ? 0.387   6.654   0.388   1.00 20.49 ? 62  ILE A CD1 1 
ATOM   475  N N   . SER A 1 63  ? 2.619   11.311  -0.531  1.00 20.61 ? 63  SER A N   1 
ATOM   476  C CA  . SER A 1 63  ? 3.015   12.080  0.649   1.00 20.90 ? 63  SER A CA  1 
ATOM   477  C C   . SER A 1 63  ? 1.741   12.591  1.306   1.00 20.96 ? 63  SER A C   1 
ATOM   478  O O   . SER A 1 63  ? 0.819   13.052  0.624   1.00 20.80 ? 63  SER A O   1 
ATOM   479  C CB  . SER A 1 63  ? 3.942   13.256  0.298   1.00 21.23 ? 63  SER A CB  1 
ATOM   480  O OG  . SER A 1 63  ? 5.227   12.794  -0.071  1.00 21.88 ? 63  SER A OG  1 
ATOM   481  N N   . PHE A 1 64  ? 1.673   12.479  2.628   1.00 20.21 ? 64  PHE A N   1 
ATOM   482  C CA  . PHE A 1 64  ? 0.440   12.757  3.317   1.00 20.19 ? 64  PHE A CA  1 
ATOM   483  C C   . PHE A 1 64  ? 0.715   13.167  4.746   1.00 21.09 ? 64  PHE A C   1 
ATOM   484  O O   . PHE A 1 64  ? 1.803   12.901  5.300   1.00 20.77 ? 64  PHE A O   1 
ATOM   485  C CB  . PHE A 1 64  ? -0.490  11.528  3.299   1.00 19.86 ? 64  PHE A CB  1 
ATOM   486  C CG  . PHE A 1 64  ? 0.160   10.277  3.838   1.00 19.31 ? 64  PHE A CG  1 
ATOM   487  C CD1 . PHE A 1 64  ? 0.948   9.477   3.004   1.00 20.24 ? 64  PHE A CD1 1 
ATOM   488  C CD2 . PHE A 1 64  ? 0.032   9.933   5.184   1.00 19.51 ? 64  PHE A CD2 1 
ATOM   489  C CE1 . PHE A 1 64  ? 1.589   8.337   3.507   1.00 19.69 ? 64  PHE A CE1 1 
ATOM   490  C CE2 . PHE A 1 64  ? 0.660   8.799   5.696   1.00 19.26 ? 64  PHE A CE2 1 
ATOM   491  C CZ  . PHE A 1 64  ? 1.436   7.999   4.848   1.00 19.74 ? 64  PHE A CZ  1 
ATOM   492  N N   . ILE A 1 65  ? -0.285  13.835  5.322   1.00 20.97 ? 65  ILE A N   1 
ATOM   493  C CA  . ILE A 1 65  ? -0.358  14.092  6.754   1.00 21.21 ? 65  ILE A CA  1 
ATOM   494  C C   . ILE A 1 65  ? -1.467  13.193  7.323   1.00 21.28 ? 65  ILE A C   1 
ATOM   495  O O   . ILE A 1 65  ? -2.529  13.046  6.729   1.00 21.18 ? 65  ILE A O   1 
ATOM   496  C CB  . ILE A 1 65  ? -0.623  15.619  7.013   1.00 21.80 ? 65  ILE A CB  1 
ATOM   497  C CG1 . ILE A 1 65  ? 0.609   16.446  6.593   1.00 20.97 ? 65  ILE A CG1 1 
ATOM   498  C CG2 . ILE A 1 65  ? -0.938  15.888  8.504   1.00 21.40 ? 65  ILE A CG2 1 
ATOM   499  C CD1 . ILE A 1 65  ? 0.300   17.872  6.165   1.00 25.17 ? 65  ILE A CD1 1 
ATOM   500  N N   . LEU A 1 66  ? -1.196  12.571  8.459   1.00 21.77 ? 66  LEU A N   1 
ATOM   501  C CA  . LEU A 1 66  ? -2.171  11.738  9.132   1.00 22.50 ? 66  LEU A CA  1 
ATOM   502  C C   . LEU A 1 66  ? -3.497  12.502  9.338   1.00 23.01 ? 66  LEU A C   1 
ATOM   503  O O   . LEU A 1 66  ? -3.505  13.651  9.806   1.00 22.95 ? 66  LEU A O   1 
ATOM   504  C CB  . LEU A 1 66  ? -1.596  11.234  10.461  1.00 21.62 ? 66  LEU A CB  1 
ATOM   505  C CG  . LEU A 1 66  ? -0.385  10.289  10.419  1.00 21.92 ? 66  LEU A CG  1 
ATOM   506  C CD1 . LEU A 1 66  ? 0.189   10.070  11.816  1.00 20.80 ? 66  LEU A CD1 1 
ATOM   507  C CD2 . LEU A 1 66  ? -0.704  8.928   9.721   1.00 22.13 ? 66  LEU A CD2 1 
ATOM   508  N N   . GLY A 1 67  ? -4.597  11.874  8.926   1.00 23.73 ? 67  GLY A N   1 
ATOM   509  C CA  . GLY A 1 67  ? -5.949  12.410  9.135   1.00 24.49 ? 67  GLY A CA  1 
ATOM   510  C C   . GLY A 1 67  ? -6.394  13.442  8.119   1.00 25.06 ? 67  GLY A C   1 
ATOM   511  O O   . GLY A 1 67  ? -7.447  14.049  8.273   1.00 25.98 ? 67  GLY A O   1 
ATOM   512  N N   . GLN A 1 68  ? -5.590  13.656  7.085   1.00 25.54 ? 68  GLN A N   1 
ATOM   513  C CA  . GLN A 1 68  ? -5.910  14.609  6.034   1.00 25.57 ? 68  GLN A CA  1 
ATOM   514  C C   . GLN A 1 68  ? -6.140  13.859  4.729   1.00 25.94 ? 68  GLN A C   1 
ATOM   515  O O   . GLN A 1 68  ? -5.228  13.207  4.183   1.00 25.81 ? 68  GLN A O   1 
ATOM   516  C CB  . GLN A 1 68  ? -4.799  15.640  5.876   1.00 25.76 ? 68  GLN A CB  1 
ATOM   517  C CG  . GLN A 1 68  ? -5.029  16.616  4.735   1.00 26.96 ? 68  GLN A CG  1 
ATOM   518  C CD  . GLN A 1 68  ? -3.797  17.445  4.427   1.00 30.74 ? 68  GLN A CD  1 
ATOM   519  O OE1 . GLN A 1 68  ? -3.432  18.352  5.188   1.00 31.51 ? 68  GLN A OE1 1 
ATOM   520  N NE2 . GLN A 1 68  ? -3.158  17.145  3.308   1.00 30.10 ? 68  GLN A NE2 1 
ATOM   521  N N   . GLU A 1 69  ? -7.373  13.938  4.238   1.00 25.85 ? 69  GLU A N   1 
ATOM   522  C CA  . GLU A 1 69  ? -7.733  13.284  2.997   1.00 25.07 ? 69  GLU A CA  1 
ATOM   523  C C   . GLU A 1 69  ? -6.951  13.930  1.863   1.00 24.39 ? 69  GLU A C   1 
ATOM   524  O O   . GLU A 1 69  ? -6.730  15.142  1.881   1.00 23.77 ? 69  GLU A O   1 
ATOM   525  C CB  . GLU A 1 69  ? -9.233  13.375  2.758   1.00 24.84 ? 69  GLU A CB  1 
ATOM   526  C CG  . GLU A 1 69  ? -9.738  12.498  1.617   1.00 26.26 ? 69  GLU A CG  1 
ATOM   527  C CD  . GLU A 1 69  ? -11.232 12.628  1.388   1.00 26.61 ? 69  GLU A CD  1 
ATOM   528  O OE1 . GLU A 1 69  ? -11.698 13.743  1.093   1.00 26.65 ? 69  GLU A OE1 1 
ATOM   529  O OE2 . GLU A 1 69  ? -11.938 11.607  1.490   1.00 29.91 ? 69  GLU A OE2 1 
ATOM   530  N N   . PHE A 1 70  ? -6.543  13.115  0.887   1.00 23.05 ? 70  PHE A N   1 
ATOM   531  C CA  . PHE A 1 70  ? -5.773  13.581  -0.255  1.00 22.79 ? 70  PHE A CA  1 
ATOM   532  C C   . PHE A 1 70  ? -6.136  12.766  -1.496  1.00 22.98 ? 70  PHE A C   1 
ATOM   533  O O   . PHE A 1 70  ? -6.717  11.680  -1.375  1.00 23.14 ? 70  PHE A O   1 
ATOM   534  C CB  . PHE A 1 70  ? -4.255  13.566  0.049   1.00 22.28 ? 70  PHE A CB  1 
ATOM   535  C CG  . PHE A 1 70  ? -3.655  12.172  0.256   1.00 22.18 ? 70  PHE A CG  1 
ATOM   536  C CD1 . PHE A 1 70  ? -3.784  11.505  1.477   1.00 21.51 ? 70  PHE A CD1 1 
ATOM   537  C CD2 . PHE A 1 70  ? -2.918  11.564  -0.766  1.00 20.49 ? 70  PHE A CD2 1 
ATOM   538  C CE1 . PHE A 1 70  ? -3.229  10.218  1.670   1.00 21.94 ? 70  PHE A CE1 1 
ATOM   539  C CE2 . PHE A 1 70  ? -2.342  10.298  -0.585  1.00 20.63 ? 70  PHE A CE2 1 
ATOM   540  C CZ  . PHE A 1 70  ? -2.507  9.615   0.634   1.00 20.04 ? 70  PHE A CZ  1 
ATOM   541  N N   . ASP A 1 71  ? -5.849  13.316  -2.677  1.00 22.57 ? 71  ASP A N   1 
ATOM   542  C CA  . ASP A 1 71  ? -6.110  12.631  -3.943  1.00 22.88 ? 71  ASP A CA  1 
ATOM   543  C C   . ASP A 1 71  ? -4.934  11.743  -4.264  1.00 22.75 ? 71  ASP A C   1 
ATOM   544  O O   . ASP A 1 71  ? -3.773  12.185  -4.214  1.00 22.57 ? 71  ASP A O   1 
ATOM   545  C CB  . ASP A 1 71  ? -6.323  13.615  -5.096  1.00 23.12 ? 71  ASP A CB  1 
ATOM   546  C CG  . ASP A 1 71  ? -7.513  14.508  -4.882  1.00 24.06 ? 71  ASP A CG  1 
ATOM   547  O OD1 . ASP A 1 71  ? -8.629  13.994  -4.753  1.00 22.74 ? 71  ASP A OD1 1 
ATOM   548  O OD2 . ASP A 1 71  ? -7.426  15.746  -4.822  1.00 26.92 ? 71  ASP A OD2 1 
ATOM   549  N N   . GLU A 1 72  ? -5.233  10.486  -4.573  1.00 21.84 ? 72  GLU A N   1 
ATOM   550  C CA  . GLU A 1 72  ? -4.192  9.538   -4.918  1.00 21.34 ? 72  GLU A CA  1 
ATOM   551  C C   . GLU A 1 72  ? -4.466  8.922   -6.289  1.00 21.70 ? 72  GLU A C   1 
ATOM   552  O O   . GLU A 1 72  ? -5.600  8.576   -6.589  1.00 21.25 ? 72  GLU A O   1 
ATOM   553  C CB  . GLU A 1 72  ? -4.068  8.470   -3.824  1.00 21.13 ? 72  GLU A CB  1 
ATOM   554  C CG  . GLU A 1 72  ? -3.308  7.236   -4.285  1.00 21.09 ? 72  GLU A CG  1 
ATOM   555  C CD  . GLU A 1 72  ? -3.046  6.224   -3.194  1.00 20.96 ? 72  GLU A CD  1 
ATOM   556  O OE1 . GLU A 1 72  ? -3.767  6.218   -2.168  1.00 20.12 ? 72  GLU A OE1 1 
ATOM   557  O OE2 . GLU A 1 72  ? -2.116  5.414   -3.388  1.00 19.38 ? 72  GLU A OE2 1 
ATOM   558  N N   . VAL A 1 73  ? -3.433  8.848   -7.138  1.00 21.92 ? 73  VAL A N   1 
ATOM   559  C CA  . VAL A 1 73  ? -3.489  8.023   -8.349  1.00 22.08 ? 73  VAL A CA  1 
ATOM   560  C C   . VAL A 1 73  ? -2.759  6.713   -8.024  1.00 21.91 ? 73  VAL A C   1 
ATOM   561  O O   . VAL A 1 73  ? -1.575  6.734   -7.664  1.00 21.42 ? 73  VAL A O   1 
ATOM   562  C CB  . VAL A 1 73  ? -2.821  8.711   -9.579  1.00 22.58 ? 73  VAL A CB  1 
ATOM   563  C CG1 . VAL A 1 73  ? -2.869  7.783   -10.806 1.00 24.01 ? 73  VAL A CG1 1 
ATOM   564  C CG2 . VAL A 1 73  ? -3.475  10.069  -9.917  1.00 21.72 ? 73  VAL A CG2 1 
ATOM   565  N N   . THR A 1 74  ? -3.462  5.586   -8.126  1.00 21.29 ? 74  THR A N   1 
ATOM   566  C CA  . THR A 1 74  ? -2.861  4.301   -7.775  1.00 21.41 ? 74  THR A CA  1 
ATOM   567  C C   . THR A 1 74  ? -2.016  3.767   -8.926  1.00 21.23 ? 74  THR A C   1 
ATOM   568  O O   . THR A 1 74  ? -2.046  4.312   -10.036 1.00 20.68 ? 74  THR A O   1 
ATOM   569  C CB  . THR A 1 74  ? -3.916  3.260   -7.316  1.00 20.85 ? 74  THR A CB  1 
ATOM   570  O OG1 . THR A 1 74  ? -4.872  3.032   -8.360  1.00 21.69 ? 74  THR A OG1 1 
ATOM   571  C CG2 . THR A 1 74  ? -4.763  3.813   -6.154  1.00 20.48 ? 74  THR A CG2 1 
ATOM   572  N N   . ALA A 1 75  ? -1.264  2.703   -8.652  1.00 20.68 ? 75  ALA A N   1 
ATOM   573  C CA  . ALA A 1 75  ? -0.479  2.037   -9.694  1.00 21.35 ? 75  ALA A CA  1 
ATOM   574  C C   . ALA A 1 75  ? -1.354  1.537   -10.865 1.00 21.35 ? 75  ALA A C   1 
ATOM   575  O O   . ALA A 1 75  ? -0.903  1.532   -12.007 1.00 21.57 ? 75  ALA A O   1 
ATOM   576  C CB  . ALA A 1 75  ? 0.351   0.894   -9.100  1.00 21.00 ? 75  ALA A CB  1 
ATOM   577  N N   . ASP A 1 76  ? -2.590  1.127   -10.577 1.00 21.27 ? 76  ASP A N   1 
ATOM   578  C CA  . ASP A 1 76  ? -3.546  0.733   -11.626 1.00 21.95 ? 76  ASP A CA  1 
ATOM   579  C C   . ASP A 1 76  ? -4.375  1.891   -12.201 1.00 22.97 ? 76  ASP A C   1 
ATOM   580  O O   . ASP A 1 76  ? -5.355  1.658   -12.919 1.00 23.56 ? 76  ASP A O   1 
ATOM   581  C CB  . ASP A 1 76  ? -4.477  -0.386  -11.150 1.00 21.07 ? 76  ASP A CB  1 
ATOM   582  C CG  . ASP A 1 76  ? -5.302  0.002   -9.947  1.00 20.74 ? 76  ASP A CG  1 
ATOM   583  O OD1 . ASP A 1 76  ? -4.719  0.530   -8.975  1.00 21.92 ? 76  ASP A OD1 1 
ATOM   584  O OD2 . ASP A 1 76  ? -6.532  -0.225  -9.853  1.00 18.50 ? 76  ASP A OD2 1 
ATOM   585  N N   . ASP A 1 77  ? -3.979  3.126   -11.898 1.00 23.82 ? 77  ASP A N   1 
ATOM   586  C CA  . ASP A 1 77  ? -4.619  4.325   -12.451 1.00 24.92 ? 77  ASP A CA  1 
ATOM   587  C C   . ASP A 1 77  ? -6.031  4.635   -11.927 1.00 24.73 ? 77  ASP A C   1 
ATOM   588  O O   . ASP A 1 77  ? -6.834  5.258   -12.635 1.00 25.06 ? 77  ASP A O   1 
ATOM   589  C CB  . ASP A 1 77  ? -4.627  4.289   -13.992 1.00 25.88 ? 77  ASP A CB  1 
ATOM   590  C CG  . ASP A 1 77  ? -3.248  4.429   -14.590 1.00 29.01 ? 77  ASP A CG  1 
ATOM   591  O OD1 . ASP A 1 77  ? -2.396  5.153   -14.020 1.00 34.25 ? 77  ASP A OD1 1 
ATOM   592  O OD2 . ASP A 1 77  ? -2.917  3.850   -15.650 1.00 35.47 ? 77  ASP A OD2 1 
ATOM   593  N N   . ARG A 1 78  ? -6.356  4.186   -10.716 1.00 23.95 ? 78  ARG A N   1 
ATOM   594  C CA  . ARG A 1 78  ? -7.600  4.620   -10.079 1.00 23.54 ? 78  ARG A CA  1 
ATOM   595  C C   . ARG A 1 78  ? -7.342  6.001   -9.489  1.00 23.61 ? 78  ARG A C   1 
ATOM   596  O O   . ARG A 1 78  ? -6.234  6.273   -9.015  1.00 23.19 ? 78  ARG A O   1 
ATOM   597  C CB  . ARG A 1 78  ? -8.036  3.662   -8.963  1.00 23.30 ? 78  ARG A CB  1 
ATOM   598  C CG  . ARG A 1 78  ? -8.789  2.411   -9.394  1.00 22.52 ? 78  ARG A CG  1 
ATOM   599  C CD  . ARG A 1 78  ? -8.968  1.391   -8.259  1.00 22.87 ? 78  ARG A CD  1 
ATOM   600  N NE  . ARG A 1 78  ? -7.658  0.925   -7.779  1.00 20.94 ? 78  ARG A NE  1 
ATOM   601  C CZ  . ARG A 1 78  ? -7.247  0.883   -6.516  1.00 20.57 ? 78  ARG A CZ  1 
ATOM   602  N NH1 . ARG A 1 78  ? -8.049  1.227   -5.505  1.00 20.73 ? 78  ARG A NH1 1 
ATOM   603  N NH2 . ARG A 1 78  ? -6.017  0.450   -6.259  1.00 21.10 ? 78  ARG A NH2 1 
ATOM   604  N N   . LYS A 1 79  ? -8.352  6.863   -9.525  1.00 23.69 ? 79  LYS A N   1 
ATOM   605  C CA  . LYS A 1 79  ? -8.290  8.148   -8.836  1.00 24.26 ? 79  LYS A CA  1 
ATOM   606  C C   . LYS A 1 79  ? -9.161  8.023   -7.591  1.00 23.81 ? 79  LYS A C   1 
ATOM   607  O O   . LYS A 1 79  ? -10.392 7.920   -7.666  1.00 23.87 ? 79  LYS A O   1 
ATOM   608  C CB  . LYS A 1 79  ? -8.756  9.286   -9.750  1.00 25.36 ? 79  LYS A CB  1 
ATOM   609  C CG  . LYS A 1 79  ? -7.970  9.355   -11.062 1.00 28.39 ? 79  LYS A CG  1 
ATOM   610  C CD  . LYS A 1 79  ? -8.697  10.193  -12.095 1.00 35.21 ? 79  LYS A CD  1 
ATOM   611  C CE  . LYS A 1 79  ? -7.893  10.302  -13.381 1.00 37.84 ? 79  LYS A CE  1 
ATOM   612  N NZ  . LYS A 1 79  ? -8.509  11.320  -14.287 1.00 41.76 ? 79  LYS A NZ  1 
ATOM   613  N N   . VAL A 1 80  ? -8.502  7.979   -6.445  1.00 22.94 ? 80  VAL A N   1 
ATOM   614  C CA  . VAL A 1 80  ? -9.159  7.652   -5.212  1.00 22.06 ? 80  VAL A CA  1 
ATOM   615  C C   . VAL A 1 80  ? -8.941  8.774   -4.212  1.00 21.55 ? 80  VAL A C   1 
ATOM   616  O O   . VAL A 1 80  ? -7.992  9.547   -4.328  1.00 21.00 ? 80  VAL A O   1 
ATOM   617  C CB  . VAL A 1 80  ? -8.608  6.322   -4.614  1.00 22.23 ? 80  VAL A CB  1 
ATOM   618  C CG1 . VAL A 1 80  ? -8.674  5.185   -5.639  1.00 20.86 ? 80  VAL A CG1 1 
ATOM   619  C CG2 . VAL A 1 80  ? -7.170  6.513   -4.090  1.00 21.09 ? 80  VAL A CG2 1 
ATOM   620  N N   . LYS A 1 81  ? -9.837  8.842   -3.237  1.00 21.03 ? 81  LYS A N   1 
ATOM   621  C CA  . LYS A 1 81  ? -9.682  9.704   -2.084  1.00 21.48 ? 81  LYS A CA  1 
ATOM   622  C C   . LYS A 1 81  ? -9.127  8.861   -0.941  1.00 20.94 ? 81  LYS A C   1 
ATOM   623  O O   . LYS A 1 81  ? -9.762  7.896   -0.511  1.00 20.68 ? 81  LYS A O   1 
ATOM   624  C CB  . LYS A 1 81  ? -11.035 10.296  -1.692  1.00 21.95 ? 81  LYS A CB  1 
ATOM   625  C CG  . LYS A 1 81  ? -11.637 11.199  -2.730  1.00 22.81 ? 81  LYS A CG  1 
ATOM   626  C CD  . LYS A 1 81  ? -10.895 12.522  -2.820  1.00 24.73 ? 81  LYS A CD  1 
ATOM   627  C CE  . LYS A 1 81  ? -11.601 13.467  -3.789  1.00 25.65 ? 81  LYS A CE  1 
ATOM   628  N NZ  . LYS A 1 81  ? -10.862 14.765  -3.874  1.00 28.08 ? 81  LYS A NZ  1 
ATOM   629  N N   . SER A 1 82  ? -7.923  9.214   -0.487  1.00 20.38 ? 82  SER A N   1 
ATOM   630  C CA  . SER A 1 82  ? -7.199  8.429   0.508   1.00 19.81 ? 82  SER A CA  1 
ATOM   631  C C   . SER A 1 82  ? -7.093  9.160   1.835   1.00 19.88 ? 82  SER A C   1 
ATOM   632  O O   . SER A 1 82  ? -6.836  10.375  1.877   1.00 19.78 ? 82  SER A O   1 
ATOM   633  C CB  . SER A 1 82  ? -5.791  8.097   0.022   1.00 19.56 ? 82  SER A CB  1 
ATOM   634  O OG  . SER A 1 82  ? -5.816  7.224   -1.095  1.00 20.22 ? 82  SER A OG  1 
ATOM   635  N N   . THR A 1 83  ? -7.303  8.423   2.915   1.00 18.92 ? 83  THR A N   1 
ATOM   636  C CA  . THR A 1 83  ? -7.121  8.966   4.255   1.00 19.72 ? 83  THR A CA  1 
ATOM   637  C C   . THR A 1 83  ? -6.298  7.950   5.020   1.00 19.98 ? 83  THR A C   1 
ATOM   638  O O   . THR A 1 83  ? -6.614  6.756   5.032   1.00 19.25 ? 83  THR A O   1 
ATOM   639  C CB  . THR A 1 83  ? -8.473  9.225   4.939   1.00 20.09 ? 83  THR A CB  1 
ATOM   640  O OG1 . THR A 1 83  ? -9.217  10.171  4.165   1.00 20.29 ? 83  THR A OG1 1 
ATOM   641  C CG2 . THR A 1 83  ? -8.273  9.982   6.263   1.00 20.71 ? 83  THR A CG2 1 
ATOM   642  N N   . ILE A 1 84  ? -5.206  8.423   5.613   1.00 20.11 ? 84  ILE A N   1 
ATOM   643  C CA  . ILE A 1 84  ? -4.303  7.556   6.351   1.00 19.83 ? 84  ILE A CA  1 
ATOM   644  C C   . ILE A 1 84  ? -4.205  8.081   7.781   1.00 20.47 ? 84  ILE A C   1 
ATOM   645  O O   . ILE A 1 84  ? -3.980  9.282   7.999   1.00 19.57 ? 84  ILE A O   1 
ATOM   646  C CB  . ILE A 1 84  ? -2.917  7.504   5.669   1.00 20.32 ? 84  ILE A CB  1 
ATOM   647  C CG1 . ILE A 1 84  ? -3.062  7.138   4.180   1.00 18.45 ? 84  ILE A CG1 1 
ATOM   648  C CG2 . ILE A 1 84  ? -1.980  6.535   6.405   1.00 20.34 ? 84  ILE A CG2 1 
ATOM   649  C CD1 . ILE A 1 84  ? -1.779  6.922   3.476   1.00 18.12 ? 84  ILE A CD1 1 
ATOM   650  N N   . THR A 1 85  ? -4.411  7.182   8.739   1.00 20.84 ? 85  THR A N   1 
ATOM   651  C CA  . THR A 1 85  ? -4.275  7.512   10.151  1.00 22.63 ? 85  THR A CA  1 
ATOM   652  C C   . THR A 1 85  ? -3.345  6.521   10.848  1.00 23.40 ? 85  THR A C   1 
ATOM   653  O O   . THR A 1 85  ? -2.987  5.494   10.268  1.00 23.02 ? 85  THR A O   1 
ATOM   654  C CB  . THR A 1 85  ? -5.652  7.531   10.839  1.00 22.51 ? 85  THR A CB  1 
ATOM   655  O OG1 . THR A 1 85  ? -6.343  6.300   10.571  1.00 23.44 ? 85  THR A OG1 1 
ATOM   656  C CG2 . THR A 1 85  ? -6.562  8.603   10.224  1.00 22.06 ? 85  THR A CG2 1 
ATOM   657  N N   . LEU A 1 86  ? -2.974  6.827   12.092  1.00 24.86 ? 86  LEU A N   1 
ATOM   658  C CA  . LEU A 1 86  ? -2.147  5.934   12.905  1.00 26.29 ? 86  LEU A CA  1 
ATOM   659  C C   . LEU A 1 86  ? -2.929  5.463   14.128  1.00 27.44 ? 86  LEU A C   1 
ATOM   660  O O   . LEU A 1 86  ? -3.364  6.271   14.964  1.00 28.28 ? 86  LEU A O   1 
ATOM   661  C CB  . LEU A 1 86  ? -0.842  6.635   13.307  1.00 26.24 ? 86  LEU A CB  1 
ATOM   662  C CG  . LEU A 1 86  ? 0.255   5.874   14.063  1.00 26.05 ? 86  LEU A CG  1 
ATOM   663  C CD1 . LEU A 1 86  ? 0.998   4.960   13.120  1.00 26.01 ? 86  LEU A CD1 1 
ATOM   664  C CD2 . LEU A 1 86  ? 1.226   6.868   14.719  1.00 26.85 ? 86  LEU A CD2 1 
ATOM   665  N N   . ASP A 1 87  ? -3.091  4.148   14.228  1.00 28.15 ? 87  ASP A N   1 
ATOM   666  C CA  . ASP A 1 87  ? -4.084  3.528   15.088  1.00 29.02 ? 87  ASP A CA  1 
ATOM   667  C C   . ASP A 1 87  ? -3.405  2.332   15.761  1.00 28.84 ? 87  ASP A C   1 
ATOM   668  O O   . ASP A 1 87  ? -3.243  1.286   15.146  1.00 28.31 ? 87  ASP A O   1 
ATOM   669  C CB  . ASP A 1 87  ? -5.272  3.078   14.216  1.00 30.13 ? 87  ASP A CB  1 
ATOM   670  C CG  . ASP A 1 87  ? -6.448  2.517   15.020  1.00 32.58 ? 87  ASP A CG  1 
ATOM   671  O OD1 . ASP A 1 87  ? -7.491  2.188   14.399  1.00 35.38 ? 87  ASP A OD1 1 
ATOM   672  O OD2 . ASP A 1 87  ? -6.434  2.368   16.261  1.00 35.06 ? 87  ASP A OD2 1 
ATOM   673  N N   . GLY A 1 88  ? -2.973  2.528   17.010  1.00 28.75 ? 88  GLY A N   1 
ATOM   674  C CA  . GLY A 1 88  ? -2.263  1.507   17.777  1.00 28.65 ? 88  GLY A CA  1 
ATOM   675  C C   . GLY A 1 88  ? -0.964  1.093   17.109  1.00 28.48 ? 88  GLY A C   1 
ATOM   676  O O   . GLY A 1 88  ? -0.596  -0.088  17.132  1.00 28.42 ? 88  GLY A O   1 
ATOM   677  N N   . GLY A 1 89  ? -0.280  2.061   16.495  1.00 27.76 ? 89  GLY A N   1 
ATOM   678  C CA  . GLY A 1 89  ? 0.959   1.790   15.766  1.00 27.08 ? 89  GLY A CA  1 
ATOM   679  C C   . GLY A 1 89  ? 0.752   1.189   14.384  1.00 26.54 ? 89  GLY A C   1 
ATOM   680  O O   . GLY A 1 89  ? 1.725   0.836   13.704  1.00 26.82 ? 89  GLY A O   1 
ATOM   681  N N   . VAL A 1 90  ? -0.507  1.070   13.966  1.00 25.18 ? 90  VAL A N   1 
ATOM   682  C CA  . VAL A 1 90  ? -0.832  0.585   12.632  1.00 23.84 ? 90  VAL A CA  1 
ATOM   683  C C   . VAL A 1 90  ? -1.245  1.769   11.762  1.00 23.42 ? 90  VAL A C   1 
ATOM   684  O O   . VAL A 1 90  ? -2.086  2.584   12.157  1.00 22.47 ? 90  VAL A O   1 
ATOM   685  C CB  . VAL A 1 90  ? -1.938  -0.491  12.653  1.00 23.97 ? 90  VAL A CB  1 
ATOM   686  C CG1 . VAL A 1 90  ? -2.285  -0.976  11.229  1.00 23.88 ? 90  VAL A CG1 1 
ATOM   687  C CG2 . VAL A 1 90  ? -1.537  -1.686  13.545  1.00 23.85 ? 90  VAL A CG2 1 
ATOM   688  N N   . LEU A 1 91  ? -0.626  1.858   10.588  1.00 22.36 ? 91  LEU A N   1 
ATOM   689  C CA  . LEU A 1 91  ? -0.981  2.854   9.593   1.00 22.26 ? 91  LEU A CA  1 
ATOM   690  C C   . LEU A 1 91  ? -2.190  2.347   8.819   1.00 22.09 ? 91  LEU A C   1 
ATOM   691  O O   . LEU A 1 91  ? -2.118  1.316   8.143   1.00 22.28 ? 91  LEU A O   1 
ATOM   692  C CB  . LEU A 1 91  ? 0.196   3.098   8.648   1.00 22.34 ? 91  LEU A CB  1 
ATOM   693  C CG  . LEU A 1 91  ? 1.231   4.145   9.049   1.00 23.59 ? 91  LEU A CG  1 
ATOM   694  C CD1 . LEU A 1 91  ? 2.458   4.029   8.147   1.00 24.29 ? 91  LEU A CD1 1 
ATOM   695  C CD2 . LEU A 1 91  ? 0.659   5.574   8.984   1.00 23.38 ? 91  LEU A CD2 1 
ATOM   696  N N   . VAL A 1 92  ? -3.309  3.051   8.954   1.00 21.60 ? 92  VAL A N   1 
ATOM   697  C CA  . VAL A 1 92  ? -4.559  2.583   8.369   1.00 21.30 ? 92  VAL A CA  1 
ATOM   698  C C   . VAL A 1 92  ? -4.884  3.509   7.208   1.00 21.29 ? 92  VAL A C   1 
ATOM   699  O O   . VAL A 1 92  ? -5.180  4.698   7.402   1.00 21.11 ? 92  VAL A O   1 
ATOM   700  C CB  . VAL A 1 92  ? -5.717  2.521   9.412   1.00 21.17 ? 92  VAL A CB  1 
ATOM   701  C CG1 . VAL A 1 92  ? -7.052  2.105   8.730   1.00 22.30 ? 92  VAL A CG1 1 
ATOM   702  C CG2 . VAL A 1 92  ? -5.367  1.558   10.581  1.00 20.79 ? 92  VAL A CG2 1 
ATOM   703  N N   . HIS A 1 93  ? -4.815  2.941   6.009   1.00 20.70 ? 93  HIS A N   1 
ATOM   704  C CA  . HIS A 1 93  ? -5.016  3.664   4.759   1.00 20.73 ? 93  HIS A CA  1 
ATOM   705  C C   . HIS A 1 93  ? -6.297  3.168   4.084   1.00 21.01 ? 93  HIS A C   1 
ATOM   706  O O   . HIS A 1 93  ? -6.426  1.979   3.777   1.00 21.78 ? 93  HIS A O   1 
ATOM   707  C CB  . HIS A 1 93  ? -3.777  3.469   3.870   1.00 19.78 ? 93  HIS A CB  1 
ATOM   708  C CG  . HIS A 1 93  ? -3.850  4.136   2.530   1.00 18.70 ? 93  HIS A CG  1 
ATOM   709  N ND1 . HIS A 1 93  ? -2.911  3.907   1.549   1.00 16.37 ? 93  HIS A ND1 1 
ATOM   710  C CD2 . HIS A 1 93  ? -4.750  4.995   1.994   1.00 16.10 ? 93  HIS A CD2 1 
ATOM   711  C CE1 . HIS A 1 93  ? -3.217  4.610   0.475   1.00 17.85 ? 93  HIS A CE1 1 
ATOM   712  N NE2 . HIS A 1 93  ? -4.337  5.272   0.714   1.00 16.13 ? 93  HIS A NE2 1 
ATOM   713  N N   . VAL A 1 94  ? -7.244  4.085   3.891   1.00 20.90 ? 94  VAL A N   1 
ATOM   714  C CA  . VAL A 1 94  ? -8.481  3.808   3.157   1.00 20.87 ? 94  VAL A CA  1 
ATOM   715  C C   . VAL A 1 94  ? -8.513  4.640   1.875   1.00 20.63 ? 94  VAL A C   1 
ATOM   716  O O   . VAL A 1 94  ? -8.253  5.850   1.901   1.00 19.57 ? 94  VAL A O   1 
ATOM   717  C CB  . VAL A 1 94  ? -9.758  4.028   4.026   1.00 20.74 ? 94  VAL A CB  1 
ATOM   718  C CG1 . VAL A 1 94  ? -11.037 3.674   3.257   1.00 19.50 ? 94  VAL A CG1 1 
ATOM   719  C CG2 . VAL A 1 94  ? -9.698  3.116   5.213   1.00 22.27 ? 94  VAL A CG2 1 
ATOM   720  N N   . GLN A 1 95  ? -8.787  3.950   0.769   1.00 20.10 ? 95  GLN A N   1 
ATOM   721  C CA  . GLN A 1 95  ? -8.999  4.541   -0.541  1.00 20.36 ? 95  GLN A CA  1 
ATOM   722  C C   . GLN A 1 95  ? -10.470 4.397   -0.902  1.00 20.95 ? 95  GLN A C   1 
ATOM   723  O O   . GLN A 1 95  ? -11.036 3.302   -0.809  1.00 20.31 ? 95  GLN A O   1 
ATOM   724  C CB  . GLN A 1 95  ? -8.154  3.837   -1.601  1.00 20.49 ? 95  GLN A CB  1 
ATOM   725  C CG  . GLN A 1 95  ? -6.639  3.812   -1.322  1.00 20.91 ? 95  GLN A CG  1 
ATOM   726  C CD  . GLN A 1 95  ? -5.885  3.045   -2.384  1.00 19.62 ? 95  GLN A CD  1 
ATOM   727  O OE1 . GLN A 1 95  ? -6.399  2.073   -2.925  1.00 19.17 ? 95  GLN A OE1 1 
ATOM   728  N NE2 . GLN A 1 95  ? -4.676  3.483   -2.693  1.00 16.97 ? 95  GLN A NE2 1 
ATOM   729  N N   . LYS A 1 96  ? -11.079 5.510   -1.309  1.00 21.58 ? 96  LYS A N   1 
ATOM   730  C CA  . LYS A 1 96  ? -12.517 5.574   -1.601  1.00 22.80 ? 96  LYS A CA  1 
ATOM   731  C C   . LYS A 1 96  ? -12.702 6.087   -3.019  1.00 22.38 ? 96  LYS A C   1 
ATOM   732  O O   . LYS A 1 96  ? -12.083 7.077   -3.407  1.00 21.83 ? 96  LYS A O   1 
ATOM   733  C CB  . LYS A 1 96  ? -13.238 6.495   -0.597  1.00 22.57 ? 96  LYS A CB  1 
ATOM   734  C CG  . LYS A 1 96  ? -13.338 5.900   0.802   1.00 23.47 ? 96  LYS A CG  1 
ATOM   735  C CD  . LYS A 1 96  ? -14.067 6.803   1.774   1.00 25.18 ? 96  LYS A CD  1 
ATOM   736  C CE  . LYS A 1 96  ? -13.964 6.230   3.188   1.00 29.37 ? 96  LYS A CE  1 
ATOM   737  N NZ  . LYS A 1 96  ? -14.532 7.134   4.226   1.00 33.41 ? 96  LYS A NZ  1 
ATOM   738  N N   . TRP A 1 97  ? -13.526 5.392   -3.801  1.00 22.23 ? 97  TRP A N   1 
ATOM   739  C CA  . TRP A 1 97  ? -13.751 5.775   -5.200  1.00 22.26 ? 97  TRP A CA  1 
ATOM   740  C C   . TRP A 1 97  ? -14.974 5.035   -5.708  1.00 23.32 ? 97  TRP A C   1 
ATOM   741  O O   . TRP A 1 97  ? -15.157 3.842   -5.408  1.00 22.77 ? 97  TRP A O   1 
ATOM   742  C CB  . TRP A 1 97  ? -12.514 5.484   -6.090  1.00 21.06 ? 97  TRP A CB  1 
ATOM   743  C CG  . TRP A 1 97  ? -12.381 4.023   -6.552  1.00 20.63 ? 97  TRP A CG  1 
ATOM   744  C CD1 . TRP A 1 97  ? -12.622 3.536   -7.810  1.00 19.14 ? 97  TRP A CD1 1 
ATOM   745  C CD2 . TRP A 1 97  ? -12.013 2.889   -5.751  1.00 18.55 ? 97  TRP A CD2 1 
ATOM   746  N NE1 . TRP A 1 97  ? -12.410 2.179   -7.843  1.00 19.00 ? 97  TRP A NE1 1 
ATOM   747  C CE2 . TRP A 1 97  ? -12.036 1.755   -6.593  1.00 19.30 ? 97  TRP A CE2 1 
ATOM   748  C CE3 . TRP A 1 97  ? -11.646 2.720   -4.407  1.00 17.70 ? 97  TRP A CE3 1 
ATOM   749  C CZ2 . TRP A 1 97  ? -11.727 0.463   -6.136  1.00 18.58 ? 97  TRP A CZ2 1 
ATOM   750  C CZ3 . TRP A 1 97  ? -11.341 1.451   -3.950  1.00 19.37 ? 97  TRP A CZ3 1 
ATOM   751  C CH2 . TRP A 1 97  ? -11.378 0.332   -4.819  1.00 20.19 ? 97  TRP A CH2 1 
ATOM   752  N N   . ASP A 1 98  ? -15.814 5.755   -6.451  1.00 24.03 ? 98  ASP A N   1 
ATOM   753  C CA  . ASP A 1 98  ? -17.032 5.188   -7.033  1.00 24.89 ? 98  ASP A CA  1 
ATOM   754  C C   . ASP A 1 98  ? -17.875 4.433   -6.022  1.00 25.10 ? 98  ASP A C   1 
ATOM   755  O O   . ASP A 1 98  ? -18.370 3.351   -6.318  1.00 25.75 ? 98  ASP A O   1 
ATOM   756  C CB  . ASP A 1 98  ? -16.672 4.276   -8.212  1.00 25.21 ? 98  ASP A CB  1 
ATOM   757  C CG  . ASP A 1 98  ? -16.129 5.043   -9.393  1.00 26.41 ? 98  ASP A CG  1 
ATOM   758  O OD1 . ASP A 1 98  ? -16.360 6.277   -9.452  1.00 27.56 ? 98  ASP A OD1 1 
ATOM   759  O OD2 . ASP A 1 98  ? -15.464 4.504   -10.307 1.00 26.99 ? 98  ASP A OD2 1 
ATOM   760  N N   . GLY A 1 99  ? -18.036 5.001   -4.828  1.00 25.21 ? 99  GLY A N   1 
ATOM   761  C CA  . GLY A 1 99  ? -18.855 4.386   -3.784  1.00 25.40 ? 99  GLY A CA  1 
ATOM   762  C C   . GLY A 1 99  ? -18.266 3.096   -3.231  1.00 25.49 ? 99  GLY A C   1 
ATOM   763  O O   . GLY A 1 99  ? -18.927 2.391   -2.465  1.00 26.25 ? 99  GLY A O   1 
ATOM   764  N N   . LYS A 1 100 ? -17.035 2.780   -3.636  1.00 24.84 ? 100 LYS A N   1 
ATOM   765  C CA  . LYS A 1 100 ? -16.312 1.601   -3.133  1.00 24.26 ? 100 LYS A CA  1 
ATOM   766  C C   . LYS A 1 100 ? -15.172 2.028   -2.225  1.00 23.70 ? 100 LYS A C   1 
ATOM   767  O O   . LYS A 1 100 ? -14.801 3.202   -2.190  1.00 23.81 ? 100 LYS A O   1 
ATOM   768  C CB  . LYS A 1 100 ? -15.728 0.797   -4.285  1.00 24.14 ? 100 LYS A CB  1 
ATOM   769  C CG  . LYS A 1 100 ? -16.747 0.221   -5.252  1.00 25.91 ? 100 LYS A CG  1 
ATOM   770  C CD  . LYS A 1 100 ? -16.053 -0.522  -6.388  1.00 27.68 ? 100 LYS A CD  1 
ATOM   771  C CE  . LYS A 1 100 ? -15.590 0.408   -7.500  1.00 29.42 ? 100 LYS A CE  1 
ATOM   772  N NZ  . LYS A 1 100 ? -15.289 -0.366  -8.754  1.00 31.34 ? 100 LYS A NZ  1 
ATOM   773  N N   . SER A 1 101 ? -14.615 1.078   -1.485  1.00 23.14 ? 101 SER A N   1 
ATOM   774  C CA  . SER A 1 101 ? -13.427 1.369   -0.706  1.00 22.39 ? 101 SER A CA  1 
ATOM   775  C C   . SER A 1 101 ? -12.546 0.145   -0.533  1.00 22.01 ? 101 SER A C   1 
ATOM   776  O O   . SER A 1 101 ? -13.001 -1.009  -0.566  1.00 22.18 ? 101 SER A O   1 
ATOM   777  C CB  . SER A 1 101 ? -13.786 1.963   0.664   1.00 22.83 ? 101 SER A CB  1 
ATOM   778  O OG  . SER A 1 101 ? -14.350 0.987   1.510   1.00 23.83 ? 101 SER A OG  1 
ATOM   779  N N   . THR A 1 102 ? -11.269 0.413   -0.352  1.00 20.55 ? 102 THR A N   1 
ATOM   780  C CA  . THR A 1 102 ? -10.356 -0.622  0.033   1.00 20.03 ? 102 THR A CA  1 
ATOM   781  C C   . THR A 1 102 ? -9.507  -0.107  1.184   1.00 19.73 ? 102 THR A C   1 
ATOM   782  O O   . THR A 1 102 ? -9.279  1.099   1.316   1.00 19.12 ? 102 THR A O   1 
ATOM   783  C CB  . THR A 1 102 ? -9.532  -1.077  -1.196  1.00 19.80 ? 102 THR A CB  1 
ATOM   784  O OG1 . THR A 1 102 ? -8.670  -2.158  -0.828  1.00 20.03 ? 102 THR A OG1 1 
ATOM   785  C CG2 . THR A 1 102 ? -8.607  0.029   -1.689  1.00 18.78 ? 102 THR A CG2 1 
ATOM   786  N N   . THR A 1 103 ? -9.079  -1.029  2.031   1.00 20.22 ? 103 THR A N   1 
ATOM   787  C CA  . THR A 1 103 ? -8.318  -0.680  3.212   1.00 20.37 ? 103 THR A CA  1 
ATOM   788  C C   . THR A 1 103 ? -6.954  -1.369  3.191   1.00 20.28 ? 103 THR A C   1 
ATOM   789  O O   . THR A 1 103 ? -6.854  -2.571  2.921   1.00 20.50 ? 103 THR A O   1 
ATOM   790  C CB  . THR A 1 103 ? -9.121  -1.018  4.471   1.00 20.74 ? 103 THR A CB  1 
ATOM   791  O OG1 . THR A 1 103 ? -10.259 -0.142  4.530   1.00 22.32 ? 103 THR A OG1 1 
ATOM   792  C CG2 . THR A 1 103 ? -8.350  -0.642  5.717   1.00 20.57 ? 103 THR A CG2 1 
ATOM   793  N N   . ILE A 1 104 ? -5.912  -0.588  3.472   1.00 20.43 ? 104 ILE A N   1 
ATOM   794  C CA  . ILE A 1 104 ? -4.531  -1.065  3.436   1.00 20.39 ? 104 ILE A CA  1 
ATOM   795  C C   . ILE A 1 104 ? -3.866  -0.733  4.760   1.00 20.99 ? 104 ILE A C   1 
ATOM   796  O O   . ILE A 1 104 ? -3.673  0.443   5.087   1.00 21.08 ? 104 ILE A O   1 
ATOM   797  C CB  . ILE A 1 104 ? -3.772  -0.404  2.278   1.00 20.44 ? 104 ILE A CB  1 
ATOM   798  C CG1 . ILE A 1 104 ? -4.443  -0.736  0.941   1.00 20.78 ? 104 ILE A CG1 1 
ATOM   799  C CG2 . ILE A 1 104 ? -2.294  -0.831  2.285   1.00 19.55 ? 104 ILE A CG2 1 
ATOM   800  C CD1 . ILE A 1 104 ? -4.182  0.245   -0.147  1.00 22.61 ? 104 ILE A CD1 1 
ATOM   801  N N   . LYS A 1 105 ? -3.554  -1.775  5.530   1.00 21.56 ? 105 LYS A N   1 
ATOM   802  C CA  . LYS A 1 105 ? -2.927  -1.627  6.848   1.00 21.77 ? 105 LYS A CA  1 
ATOM   803  C C   . LYS A 1 105 ? -1.471  -2.002  6.738   1.00 22.07 ? 105 LYS A C   1 
ATOM   804  O O   . LYS A 1 105 ? -1.145  -3.074  6.246   1.00 22.29 ? 105 LYS A O   1 
ATOM   805  C CB  . LYS A 1 105 ? -3.610  -2.514  7.893   1.00 21.30 ? 105 LYS A CB  1 
ATOM   806  C CG  . LYS A 1 105 ? -4.961  -1.994  8.334   1.00 22.70 ? 105 LYS A CG  1 
ATOM   807  C CD  . LYS A 1 105 ? -5.696  -3.001  9.213   1.00 25.76 ? 105 LYS A CD  1 
ATOM   808  C CE  . LYS A 1 105 ? -7.174  -2.656  9.245   1.00 26.72 ? 105 LYS A CE  1 
ATOM   809  N NZ  . LYS A 1 105 ? -7.769  -3.000  10.570  1.00 30.04 ? 105 LYS A NZ  1 
ATOM   810  N N   . ARG A 1 106 ? -0.602  -1.100  7.168   1.00 22.33 ? 106 ARG A N   1 
ATOM   811  C CA  . ARG A 1 106 ? 0.814   -1.375  7.213   1.00 22.95 ? 106 ARG A CA  1 
ATOM   812  C C   . ARG A 1 106 ? 1.189   -1.416  8.687   1.00 24.25 ? 106 ARG A C   1 
ATOM   813  O O   . ARG A 1 106 ? 0.956   -0.449  9.439   1.00 22.91 ? 106 ARG A O   1 
ATOM   814  C CB  . ARG A 1 106 ? 1.592   -0.291  6.452   1.00 23.37 ? 106 ARG A CB  1 
ATOM   815  C CG  . ARG A 1 106 ? 1.190   -0.157  4.950   1.00 21.30 ? 106 ARG A CG  1 
ATOM   816  C CD  . ARG A 1 106 ? 1.609   1.159   4.277   1.00 24.48 ? 106 ARG A CD  1 
ATOM   817  N NE  . ARG A 1 106 ? 1.271   1.177   2.841   1.00 25.59 ? 106 ARG A NE  1 
ATOM   818  C CZ  . ARG A 1 106 ? 0.286   1.885   2.291   1.00 26.24 ? 106 ARG A CZ  1 
ATOM   819  N NH1 . ARG A 1 106 ? -0.481  2.664   3.023   1.00 25.89 ? 106 ARG A NH1 1 
ATOM   820  N NH2 . ARG A 1 106 ? 0.071   1.823   0.982   1.00 28.92 ? 106 ARG A NH2 1 
ATOM   821  N N   . LYS A 1 107 ? 1.729   -2.554  9.111   1.00 25.39 ? 107 LYS A N   1 
ATOM   822  C CA  . LYS A 1 107 ? 2.125   -2.714  10.511  1.00 27.38 ? 107 LYS A CA  1 
ATOM   823  C C   . LYS A 1 107 ? 3.558   -3.234  10.632  1.00 27.81 ? 107 LYS A C   1 
ATOM   824  O O   . LYS A 1 107 ? 4.073   -3.900  9.730   1.00 27.27 ? 107 LYS A O   1 
ATOM   825  C CB  . LYS A 1 107 ? 1.137   -3.621  11.259  1.00 26.50 ? 107 LYS A CB  1 
ATOM   826  C CG  . LYS A 1 107 ? 1.174   -5.083  10.836  1.00 29.07 ? 107 LYS A CG  1 
ATOM   827  C CD  . LYS A 1 107 ? 0.200   -5.944  11.626  1.00 30.20 ? 107 LYS A CD  1 
ATOM   828  C CE  . LYS A 1 107 ? -1.130  -6.114  10.901  1.00 35.19 ? 107 LYS A CE  1 
ATOM   829  N NZ  . LYS A 1 107 ? -1.936  -7.235  11.513  1.00 37.34 ? 107 LYS A NZ  1 
ATOM   830  N N   . ARG A 1 108 ? 4.199   -2.897  11.744  1.00 28.90 ? 108 ARG A N   1 
ATOM   831  C CA  . ARG A 1 108 ? 5.476   -3.496  12.102  1.00 30.50 ? 108 ARG A CA  1 
ATOM   832  C C   . ARG A 1 108 ? 5.218   -4.753  12.928  1.00 31.33 ? 108 ARG A C   1 
ATOM   833  O O   . ARG A 1 108 ? 4.397   -4.735  13.852  1.00 31.67 ? 108 ARG A O   1 
ATOM   834  C CB  . ARG A 1 108 ? 6.334   -2.489  12.867  1.00 30.19 ? 108 ARG A CB  1 
ATOM   835  C CG  . ARG A 1 108 ? 6.799   -1.292  12.031  1.00 32.37 ? 108 ARG A CG  1 
ATOM   836  C CD  . ARG A 1 108 ? 7.704   -1.647  10.819  1.00 35.09 ? 108 ARG A CD  1 
ATOM   837  N NE  . ARG A 1 108 ? 8.394   -2.922  11.012  1.00 37.04 ? 108 ARG A NE  1 
ATOM   838  C CZ  . ARG A 1 108 ? 9.421   -3.115  11.828  1.00 36.33 ? 108 ARG A CZ  1 
ATOM   839  N NH1 . ARG A 1 108 ? 9.929   -2.116  12.536  1.00 36.85 ? 108 ARG A NH1 1 
ATOM   840  N NH2 . ARG A 1 108 ? 9.941   -4.322  11.934  1.00 36.63 ? 108 ARG A NH2 1 
ATOM   841  N N   . GLU A 1 109 ? 5.890   -5.844  12.558  1.00 32.22 ? 109 GLU A N   1 
ATOM   842  C CA  . GLU A 1 109 ? 5.765   -7.142  13.225  1.00 33.72 ? 109 GLU A CA  1 
ATOM   843  C C   . GLU A 1 109 ? 7.141   -7.787  13.210  1.00 33.55 ? 109 GLU A C   1 
ATOM   844  O O   . GLU A 1 109 ? 7.653   -8.119  12.147  1.00 33.33 ? 109 GLU A O   1 
ATOM   845  C CB  . GLU A 1 109 ? 4.764   -8.056  12.508  1.00 33.31 ? 109 GLU A CB  1 
ATOM   846  C CG  . GLU A 1 109 ? 4.655   -9.456  13.118  1.00 35.14 ? 109 GLU A CG  1 
ATOM   847  C CD  . GLU A 1 109 ? 3.699   -10.383 12.364  1.00 36.04 ? 109 GLU A CD  1 
ATOM   848  O OE1 . GLU A 1 109 ? 2.779   -9.877  11.680  1.00 39.17 ? 109 GLU A OE1 1 
ATOM   849  O OE2 . GLU A 1 109 ? 3.863   -11.627 12.460  1.00 38.88 ? 109 GLU A OE2 1 
ATOM   850  N N   . ASP A 1 110 ? 7.739   -7.947  14.389  1.00 33.65 ? 110 ASP A N   1 
ATOM   851  C CA  . ASP A 1 110 ? 9.127   -8.374  14.480  1.00 33.71 ? 110 ASP A CA  1 
ATOM   852  C C   . ASP A 1 110 ? 9.999   -7.405  13.681  1.00 33.39 ? 110 ASP A C   1 
ATOM   853  O O   . ASP A 1 110 ? 10.032  -6.214  13.973  1.00 33.36 ? 110 ASP A O   1 
ATOM   854  C CB  . ASP A 1 110 ? 9.286   -9.813  13.978  1.00 33.66 ? 110 ASP A CB  1 
ATOM   855  C CG  . ASP A 1 110 ? 8.482   -10.815 14.790  1.00 34.81 ? 110 ASP A CG  1 
ATOM   856  O OD1 . ASP A 1 110 ? 8.093   -10.516 15.940  1.00 35.23 ? 110 ASP A OD1 1 
ATOM   857  O OD2 . ASP A 1 110 ? 8.204   -11.948 14.352  1.00 36.30 ? 110 ASP A OD2 1 
ATOM   858  N N   . ASP A 1 111 ? 10.685  -7.904  12.660  1.00 33.20 ? 111 ASP A N   1 
ATOM   859  C CA  . ASP A 1 111 ? 11.544  -7.047  11.843  1.00 33.15 ? 111 ASP A CA  1 
ATOM   860  C C   . ASP A 1 111 ? 10.966  -6.902  10.422  1.00 32.33 ? 111 ASP A C   1 
ATOM   861  O O   . ASP A 1 111 ? 11.628  -6.403  9.511   1.00 32.80 ? 111 ASP A O   1 
ATOM   862  C CB  . ASP A 1 111 ? 12.984  -7.573  11.842  1.00 33.64 ? 111 ASP A CB  1 
ATOM   863  C CG  . ASP A 1 111 ? 13.057  -9.059  11.604  1.00 34.61 ? 111 ASP A CG  1 
ATOM   864  O OD1 . ASP A 1 111 ? 11.997  -9.658  11.307  1.00 35.81 ? 111 ASP A OD1 1 
ATOM   865  O OD2 . ASP A 1 111 ? 14.121  -9.719  11.705  1.00 36.50 ? 111 ASP A OD2 1 
ATOM   866  N N   . LYS A 1 112 ? 9.713   -7.328  10.274  1.00 31.06 ? 112 LYS A N   1 
ATOM   867  C CA  . LYS A 1 112 ? 8.977   -7.259  9.022   1.00 29.58 ? 112 LYS A CA  1 
ATOM   868  C C   . LYS A 1 112 ? 8.039   -6.056  8.991   1.00 28.39 ? 112 LYS A C   1 
ATOM   869  O O   . LYS A 1 112 ? 7.613   -5.540  10.028  1.00 27.77 ? 112 LYS A O   1 
ATOM   870  C CB  . LYS A 1 112 ? 8.119   -8.512  8.819   1.00 30.03 ? 112 LYS A CB  1 
ATOM   871  C CG  . LYS A 1 112 ? 8.798   -9.846  9.098   1.00 32.64 ? 112 LYS A CG  1 
ATOM   872  C CD  . LYS A 1 112 ? 7.738   -10.947 9.295   1.00 36.24 ? 112 LYS A CD  1 
ATOM   873  C CE  . LYS A 1 112 ? 8.344   -12.215 9.918   1.00 38.75 ? 112 LYS A CE  1 
ATOM   874  N NZ  . LYS A 1 112 ? 7.459   -13.409 9.677   1.00 41.25 ? 112 LYS A NZ  1 
ATOM   875  N N   . LEU A 1 113 ? 7.741   -5.600  7.780   1.00 26.62 ? 113 LEU A N   1 
ATOM   876  C CA  . LEU A 1 113 ? 6.686   -4.643  7.559   1.00 24.75 ? 113 LEU A CA  1 
ATOM   877  C C   . LEU A 1 113 ? 5.595   -5.456  6.867   1.00 23.75 ? 113 LEU A C   1 
ATOM   878  O O   . LEU A 1 113 ? 5.814   -6.029  5.781   1.00 22.58 ? 113 LEU A O   1 
ATOM   879  C CB  . LEU A 1 113 ? 7.185   -3.487  6.698   1.00 25.06 ? 113 LEU A CB  1 
ATOM   880  C CG  . LEU A 1 113 ? 6.260   -2.289  6.455   1.00 25.63 ? 113 LEU A CG  1 
ATOM   881  C CD1 . LEU A 1 113 ? 5.643   -1.779  7.733   1.00 26.32 ? 113 LEU A CD1 1 
ATOM   882  C CD2 . LEU A 1 113 ? 7.049   -1.167  5.833   1.00 26.60 ? 113 LEU A CD2 1 
ATOM   883  N N   . VAL A 1 114 ? 4.443   -5.550  7.520   1.00 21.97 ? 114 VAL A N   1 
ATOM   884  C CA  . VAL A 1 114 ? 3.373   -6.398  7.022   1.00 22.17 ? 114 VAL A CA  1 
ATOM   885  C C   . VAL A 1 114 ? 2.275   -5.523  6.433   1.00 21.36 ? 114 VAL A C   1 
ATOM   886  O O   . VAL A 1 114 ? 1.787   -4.616  7.095   1.00 21.17 ? 114 VAL A O   1 
ATOM   887  C CB  . VAL A 1 114 ? 2.808   -7.324  8.120   1.00 21.71 ? 114 VAL A CB  1 
ATOM   888  C CG1 . VAL A 1 114 ? 1.605   -8.127  7.608   1.00 22.98 ? 114 VAL A CG1 1 
ATOM   889  C CG2 . VAL A 1 114 ? 3.908   -8.260  8.652   1.00 21.58 ? 114 VAL A CG2 1 
ATOM   890  N N   . VAL A 1 115 ? 1.910   -5.802  5.182   1.00 20.95 ? 115 VAL A N   1 
ATOM   891  C CA  . VAL A 1 115 ? 0.855   -5.054  4.517   1.00 19.45 ? 115 VAL A CA  1 
ATOM   892  C C   . VAL A 1 115 ? -0.374  -5.925  4.289   1.00 20.42 ? 115 VAL A C   1 
ATOM   893  O O   . VAL A 1 115 ? -0.316  -6.952  3.587   1.00 19.67 ? 115 VAL A O   1 
ATOM   894  C CB  . VAL A 1 115 ? 1.350   -4.438  3.187   1.00 20.01 ? 115 VAL A CB  1 
ATOM   895  C CG1 . VAL A 1 115 ? 0.273   -3.542  2.556   1.00 18.17 ? 115 VAL A CG1 1 
ATOM   896  C CG2 . VAL A 1 115 ? 2.622   -3.646  3.413   1.00 18.28 ? 115 VAL A CG2 1 
ATOM   897  N N   . GLU A 1 116 ? -1.491  -5.504  4.872   1.00 20.15 ? 116 GLU A N   1 
ATOM   898  C CA  . GLU A 1 116 ? -2.743  -6.200  4.680   1.00 20.54 ? 116 GLU A CA  1 
ATOM   899  C C   . GLU A 1 116 ? -3.659  -5.381  3.786   1.00 20.39 ? 116 GLU A C   1 
ATOM   900  O O   . GLU A 1 116 ? -3.972  -4.238  4.107   1.00 19.73 ? 116 GLU A O   1 
ATOM   901  C CB  . GLU A 1 116 ? -3.413  -6.451  6.023   1.00 21.03 ? 116 GLU A CB  1 
ATOM   902  C CG  . GLU A 1 116 ? -4.689  -7.268  5.892   1.00 23.72 ? 116 GLU A CG  1 
ATOM   903  C CD  . GLU A 1 116 ? -5.575  -7.133  7.112   1.00 27.10 ? 116 GLU A CD  1 
ATOM   904  O OE1 . GLU A 1 116 ? -6.144  -6.029  7.325   1.00 27.61 ? 116 GLU A OE1 1 
ATOM   905  O OE2 . GLU A 1 116 ? -5.692  -8.131  7.855   1.00 29.83 ? 116 GLU A OE2 1 
ATOM   906  N N   . CYS A 1 117 ? -4.076  -5.957  2.656   1.00 20.52 ? 117 CYS A N   1 
ATOM   907  C CA  . CYS A 1 117 ? -4.936  -5.233  1.711   1.00 21.18 ? 117 CYS A CA  1 
ATOM   908  C C   . CYS A 1 117 ? -6.274  -5.933  1.593   1.00 20.97 ? 117 CYS A C   1 
ATOM   909  O O   . CYS A 1 117 ? -6.333  -7.108  1.239   1.00 20.75 ? 117 CYS A O   1 
ATOM   910  C CB  . CYS A 1 117 ? -4.280  -5.127  0.329   1.00 21.45 ? 117 CYS A CB  1 
ATOM   911  S SG  . CYS A 1 117 ? -2.509  -4.733  0.332   1.00 25.46 ? 117 CYS A SG  1 
ATOM   912  N N   . VAL A 1 118 ? -7.344  -5.199  1.880   1.00 20.91 ? 118 VAL A N   1 
ATOM   913  C CA  . VAL A 1 118 ? -8.679  -5.784  1.957   1.00 20.49 ? 118 VAL A CA  1 
ATOM   914  C C   . VAL A 1 118 ? -9.575  -5.151  0.906   1.00 20.64 ? 118 VAL A C   1 
ATOM   915  O O   . VAL A 1 118 ? -9.639  -3.926  0.790   1.00 20.06 ? 118 VAL A O   1 
ATOM   916  C CB  . VAL A 1 118 ? -9.284  -5.639  3.392   1.00 21.03 ? 118 VAL A CB  1 
ATOM   917  C CG1 . VAL A 1 118 ? -10.770 -6.027  3.423   1.00 20.59 ? 118 VAL A CG1 1 
ATOM   918  C CG2 . VAL A 1 118 ? -8.490  -6.498  4.405   1.00 20.66 ? 118 VAL A CG2 1 
ATOM   919  N N   . MET A 1 119 ? -10.228 -5.994  0.108   1.00 20.72 ? 119 MET A N   1 
ATOM   920  C CA  . MET A 1 119 ? -11.257 -5.525  -0.813  1.00 21.37 ? 119 MET A CA  1 
ATOM   921  C C   . MET A 1 119 ? -12.404 -6.532  -0.790  1.00 21.63 ? 119 MET A C   1 
ATOM   922  O O   . MET A 1 119 ? -12.213 -7.697  -1.151  1.00 20.82 ? 119 MET A O   1 
ATOM   923  C CB  . MET A 1 119 ? -10.692 -5.380  -2.234  1.00 21.56 ? 119 MET A CB  1 
ATOM   924  C CG  . MET A 1 119 ? -11.704 -4.932  -3.268  1.00 22.51 ? 119 MET A CG  1 
ATOM   925  S SD  . MET A 1 119 ? -12.270 -3.240  -3.005  1.00 23.61 ? 119 MET A SD  1 
ATOM   926  C CE  . MET A 1 119 ? -13.607 -3.190  -4.213  1.00 24.13 ? 119 MET A CE  1 
ATOM   927  N N   . LYS A 1 120 ? -13.581 -6.083  -0.360  1.00 21.48 ? 120 LYS A N   1 
ATOM   928  C CA  . LYS A 1 120 ? -14.733 -6.972  -0.218  1.00 23.12 ? 120 LYS A CA  1 
ATOM   929  C C   . LYS A 1 120 ? -14.322 -8.194  0.599   1.00 22.28 ? 120 LYS A C   1 
ATOM   930  O O   . LYS A 1 120 ? -13.798 -8.043  1.701   1.00 23.00 ? 120 LYS A O   1 
ATOM   931  C CB  . LYS A 1 120 ? -15.308 -7.357  -1.597  1.00 22.66 ? 120 LYS A CB  1 
ATOM   932  C CG  . LYS A 1 120 ? -16.036 -6.227  -2.309  1.00 25.10 ? 120 LYS A CG  1 
ATOM   933  C CD  . LYS A 1 120 ? -16.480 -6.631  -3.730  1.00 26.40 ? 120 LYS A CD  1 
ATOM   934  C CE  . LYS A 1 120 ? -17.737 -7.523  -3.684  1.00 33.49 ? 120 LYS A CE  1 
ATOM   935  N NZ  . LYS A 1 120 ? -17.957 -8.305  -4.941  1.00 37.21 ? 120 LYS A NZ  1 
ATOM   936  N N   . GLY A 1 121 ? -14.532 -9.390  0.065   1.00 21.74 ? 121 GLY A N   1 
ATOM   937  C CA  . GLY A 1 121 ? -14.248 -10.619 0.813   1.00 21.24 ? 121 GLY A CA  1 
ATOM   938  C C   . GLY A 1 121 ? -12.815 -11.110 0.686   1.00 21.13 ? 121 GLY A C   1 
ATOM   939  O O   . GLY A 1 121 ? -12.470 -12.195 1.196   1.00 21.19 ? 121 GLY A O   1 
ATOM   940  N N   . VAL A 1 122 ? -11.970 -10.300 0.044   1.00 20.24 ? 122 VAL A N   1 
ATOM   941  C CA  . VAL A 1 122 ? -10.601 -10.705 -0.262  1.00 20.21 ? 122 VAL A CA  1 
ATOM   942  C C   . VAL A 1 122 ? -9.602  -10.004 0.632   1.00 19.81 ? 122 VAL A C   1 
ATOM   943  O O   . VAL A 1 122 ? -9.646  -8.784  0.786   1.00 19.35 ? 122 VAL A O   1 
ATOM   944  C CB  . VAL A 1 122 ? -10.247 -10.474 -1.760  1.00 20.60 ? 122 VAL A CB  1 
ATOM   945  C CG1 . VAL A 1 122 ? -8.769  -10.782 -2.028  1.00 21.23 ? 122 VAL A CG1 1 
ATOM   946  C CG2 . VAL A 1 122 ? -11.136 -11.353 -2.666  1.00 20.94 ? 122 VAL A CG2 1 
ATOM   947  N N   . THR A 1 123 ? -8.712  -10.787 1.242   1.00 19.73 ? 123 THR A N   1 
ATOM   948  C CA  . THR A 1 123 ? -7.626  -10.232 2.035   1.00 19.13 ? 123 THR A CA  1 
ATOM   949  C C   . THR A 1 123 ? -6.289  -10.752 1.536   1.00 19.09 ? 123 THR A C   1 
ATOM   950  O O   . THR A 1 123 ? -6.049  -11.974 1.503   1.00 18.24 ? 123 THR A O   1 
ATOM   951  C CB  . THR A 1 123 ? -7.777  -10.621 3.519   1.00 19.81 ? 123 THR A CB  1 
ATOM   952  O OG1 . THR A 1 123 ? -9.002  -10.105 4.039   1.00 20.47 ? 123 THR A OG1 1 
ATOM   953  C CG2 . THR A 1 123 ? -6.692  -9.943  4.362   1.00 18.56 ? 123 THR A CG2 1 
ATOM   954  N N   . SER A 1 124 ? -5.417  -9.809  1.192   1.00 18.80 ? 124 SER A N   1 
ATOM   955  C CA  . SER A 1 124 ? -4.081  -10.109 0.721   1.00 19.05 ? 124 SER A CA  1 
ATOM   956  C C   . SER A 1 124 ? -3.054  -9.639  1.735   1.00 19.32 ? 124 SER A C   1 
ATOM   957  O O   . SER A 1 124 ? -3.130  -8.506  2.249   1.00 18.91 ? 124 SER A O   1 
ATOM   958  C CB  . SER A 1 124 ? -3.814  -9.466  -0.649  1.00 19.12 ? 124 SER A CB  1 
ATOM   959  O OG  . SER A 1 124 ? -2.440  -9.571  -0.993  1.00 18.93 ? 124 SER A OG  1 
ATOM   960  N N   . THR A 1 125 ? -2.094  -10.514 2.018   1.00 18.46 ? 125 THR A N   1 
ATOM   961  C CA  . THR A 1 125 ? -1.044  -10.199 2.964   1.00 19.38 ? 125 THR A CA  1 
ATOM   962  C C   . THR A 1 125 ? 0.308   -10.162 2.267   1.00 19.62 ? 125 THR A C   1 
ATOM   963  O O   . THR A 1 125 ? 0.685   -11.106 1.568   1.00 19.08 ? 125 THR A O   1 
ATOM   964  C CB  . THR A 1 125 ? -1.054  -11.232 4.093   1.00 19.59 ? 125 THR A CB  1 
ATOM   965  O OG1 . THR A 1 125 ? -2.315  -11.157 4.748   1.00 20.27 ? 125 THR A OG1 1 
ATOM   966  C CG2 . THR A 1 125 ? -0.068  -10.868 5.183   1.00 20.19 ? 125 THR A CG2 1 
ATOM   967  N N   . ARG A 1 126 ? 1.019   -9.057  2.456   1.00 20.25 ? 126 ARG A N   1 
ATOM   968  C CA  . ARG A 1 126 ? 2.317   -8.848  1.816   1.00 21.35 ? 126 ARG A CA  1 
ATOM   969  C C   . ARG A 1 126 ? 3.349   -8.497  2.863   1.00 21.31 ? 126 ARG A C   1 
ATOM   970  O O   . ARG A 1 126 ? 3.145   -7.584  3.662   1.00 21.07 ? 126 ARG A O   1 
ATOM   971  C CB  . ARG A 1 126 ? 2.209   -7.768  0.723   1.00 21.84 ? 126 ARG A CB  1 
ATOM   972  C CG  . ARG A 1 126 ? 1.535   -8.309  -0.539  1.00 23.90 ? 126 ARG A CG  1 
ATOM   973  C CD  . ARG A 1 126 ? 0.964   -7.294  -1.481  1.00 25.39 ? 126 ARG A CD  1 
ATOM   974  N NE  . ARG A 1 126 ? 1.956   -6.598  -2.324  1.00 25.04 ? 126 ARG A NE  1 
ATOM   975  C CZ  . ARG A 1 126 ? 2.530   -7.064  -3.434  1.00 24.86 ? 126 ARG A CZ  1 
ATOM   976  N NH1 . ARG A 1 126 ? 2.301   -8.299  -3.880  1.00 23.98 ? 126 ARG A NH1 1 
ATOM   977  N NH2 . ARG A 1 126 ? 3.356   -6.272  -4.109  1.00 24.08 ? 126 ARG A NH2 1 
ATOM   978  N N   . VAL A 1 127 ? 4.440   -9.266  2.885   1.00 21.65 ? 127 VAL A N   1 
ATOM   979  C CA  . VAL A 1 127 ? 5.489   -9.069  3.882   1.00 21.29 ? 127 VAL A CA  1 
ATOM   980  C C   . VAL A 1 127 ? 6.750   -8.523  3.234   1.00 20.93 ? 127 VAL A C   1 
ATOM   981  O O   . VAL A 1 127 ? 7.196   -9.028  2.201   1.00 20.50 ? 127 VAL A O   1 
ATOM   982  C CB  . VAL A 1 127 ? 5.809   -10.371 4.657   1.00 21.57 ? 127 VAL A CB  1 
ATOM   983  C CG1 . VAL A 1 127 ? 6.853   -10.109 5.735   1.00 21.27 ? 127 VAL A CG1 1 
ATOM   984  C CG2 . VAL A 1 127 ? 4.546   -10.950 5.277   1.00 21.60 ? 127 VAL A CG2 1 
ATOM   985  N N   . TYR A 1 128 ? 7.292   -7.474  3.856   1.00 20.92 ? 128 TYR A N   1 
ATOM   986  C CA  . TYR A 1 128 ? 8.523   -6.831  3.439   1.00 21.00 ? 128 TYR A CA  1 
ATOM   987  C C   . TYR A 1 128 ? 9.546   -6.947  4.563   1.00 21.89 ? 128 TYR A C   1 
ATOM   988  O O   . TYR A 1 128 ? 9.191   -6.841  5.741   1.00 22.30 ? 128 TYR A O   1 
ATOM   989  C CB  . TYR A 1 128 ? 8.287   -5.338  3.170   1.00 20.74 ? 128 TYR A CB  1 
ATOM   990  C CG  . TYR A 1 128 ? 7.389   -4.996  1.985   1.00 20.11 ? 128 TYR A CG  1 
ATOM   991  C CD1 . TYR A 1 128 ? 6.011   -5.213  2.030   1.00 17.69 ? 128 TYR A CD1 1 
ATOM   992  C CD2 . TYR A 1 128 ? 7.928   -4.418  0.828   1.00 20.40 ? 128 TYR A CD2 1 
ATOM   993  C CE1 . TYR A 1 128 ? 5.187   -4.875  0.932   1.00 17.55 ? 128 TYR A CE1 1 
ATOM   994  C CE2 . TYR A 1 128 ? 7.119   -4.090  -0.280  1.00 19.86 ? 128 TYR A CE2 1 
ATOM   995  C CZ  . TYR A 1 128 ? 5.758   -4.314  -0.216  1.00 19.49 ? 128 TYR A CZ  1 
ATOM   996  O OH  . TYR A 1 128 ? 4.979   -3.981  -1.309  1.00 19.49 ? 128 TYR A OH  1 
ATOM   997  N N   . GLU A 1 129 ? 10.813  -7.125  4.202   1.00 22.06 ? 129 GLU A N   1 
ATOM   998  C CA  . GLU A 1 129 ? 11.902  -7.040  5.172   1.00 23.79 ? 129 GLU A CA  1 
ATOM   999  C C   . GLU A 1 129 ? 12.890  -5.932  4.792   1.00 23.09 ? 129 GLU A C   1 
ATOM   1000 O O   . GLU A 1 129 ? 12.917  -5.491  3.638   1.00 23.05 ? 129 GLU A O   1 
ATOM   1001 C CB  . GLU A 1 129 ? 12.572  -8.413  5.355   1.00 23.67 ? 129 GLU A CB  1 
ATOM   1002 C CG  . GLU A 1 129 ? 11.692  -9.352  6.186   1.00 26.24 ? 129 GLU A CG  1 
ATOM   1003 C CD  . GLU A 1 129 ? 12.130  -10.808 6.210   1.00 27.05 ? 129 GLU A CD  1 
ATOM   1004 O OE1 . GLU A 1 129 ? 13.129  -11.177 5.552   1.00 32.26 ? 129 GLU A OE1 1 
ATOM   1005 O OE2 . GLU A 1 129 ? 11.453  -11.595 6.897   1.00 30.15 ? 129 GLU A OE2 1 
ATOM   1006 N N   . ARG A 1 130 ? 13.668  -5.448  5.760   1.00 23.03 ? 130 ARG A N   1 
ATOM   1007 C CA  . ARG A 1 130 ? 14.617  -4.359  5.483   1.00 23.57 ? 130 ARG A CA  1 
ATOM   1008 C C   . ARG A 1 130 ? 15.605  -4.749  4.392   1.00 23.61 ? 130 ARG A C   1 
ATOM   1009 O O   . ARG A 1 130 ? 16.122  -5.867  4.396   1.00 22.46 ? 130 ARG A O   1 
ATOM   1010 C CB  . ARG A 1 130 ? 15.379  -3.932  6.735   1.00 24.04 ? 130 ARG A CB  1 
ATOM   1011 C CG  . ARG A 1 130 ? 14.518  -3.304  7.761   1.00 25.16 ? 130 ARG A CG  1 
ATOM   1012 C CD  . ARG A 1 130 ? 15.253  -2.546  8.828   1.00 27.45 ? 130 ARG A CD  1 
ATOM   1013 N NE  . ARG A 1 130 ? 14.303  -2.075  9.831   1.00 28.59 ? 130 ARG A NE  1 
ATOM   1014 C CZ  . ARG A 1 130 ? 13.755  -0.869  9.845   1.00 31.46 ? 130 ARG A CZ  1 
ATOM   1015 N NH1 . ARG A 1 130 ? 14.075  0.031   8.923   1.00 31.44 ? 130 ARG A NH1 1 
ATOM   1016 N NH2 . ARG A 1 130 ? 12.893  -0.556  10.805  1.00 33.88 ? 130 ARG A NH2 1 
ATOM   1017 N N   . ALA A 1 131 ? 15.855  -3.829  3.462   1.00 23.80 ? 131 ALA A N   1 
ATOM   1018 C CA  . ALA A 1 131 ? 16.705  -4.128  2.301   1.00 25.12 ? 131 ALA A CA  1 
ATOM   1019 C C   . ALA A 1 131 ? 18.192  -4.162  2.666   1.00 25.77 ? 131 ALA A C   1 
ATOM   1020 O O   . ALA A 1 131 ? 18.559  -3.815  3.796   1.00 26.53 ? 131 ALA A O   1 
ATOM   1021 C CB  . ALA A 1 131 ? 16.457  -3.123  1.183   1.00 25.72 ? 131 ALA A CB  1 
HETATM 1022 F F27 . B1V B 2 .   ? -2.347  -2.644  -2.925  1.00 35.51 ? 501 B1V A F27 1 
HETATM 1023 C C24 . B1V B 2 .   ? -1.486  -1.905  -2.254  1.00 32.74 ? 501 B1V A C24 1 
HETATM 1024 F F25 . B1V B 2 .   ? -1.784  -1.932  -1.035  1.00 36.21 ? 501 B1V A F25 1 
HETATM 1025 F F26 . B1V B 2 .   ? -1.540  -0.661  -2.699  1.00 35.84 ? 501 B1V A F26 1 
HETATM 1026 C C9  . B1V B 2 .   ? -0.149  -2.442  -2.448  1.00 31.54 ? 501 B1V A C9  1 
HETATM 1027 N N11 . B1V B 2 .   ? 0.492   -2.230  -3.620  1.00 30.18 ? 501 B1V A N11 1 
HETATM 1028 C C7  . B1V B 2 .   ? 0.468   -3.211  -1.461  1.00 30.18 ? 501 B1V A C7  1 
HETATM 1029 C C5  . B1V B 2 .   ? 1.740   -3.719  -1.711  1.00 30.15 ? 501 B1V A C5  1 
HETATM 1030 O O13 . B1V B 2 .   ? 2.389   -4.467  -0.779  1.00 30.46 ? 501 B1V A O13 1 
HETATM 1031 N N3  . B1V B 2 .   ? 2.337   -3.481  -2.886  1.00 30.62 ? 501 B1V A N3  1 
HETATM 1032 C C1  . B1V B 2 .   ? 1.712   -2.740  -3.832  1.00 30.54 ? 501 B1V A C1  1 
HETATM 1033 S S14 . B1V B 2 .   ? 2.549   -2.455  -5.339  1.00 30.71 ? 501 B1V A S14 1 
HETATM 1034 C C15 . B1V B 2 .   ? 1.348   -1.466  -6.273  1.00 29.93 ? 501 B1V A C15 1 
HETATM 1035 C C16 . B1V B 2 .   ? 0.524   -2.346  -7.196  1.00 29.19 ? 501 B1V A C16 1 
HETATM 1036 O O23 . B1V B 2 .   ? 1.051   -3.250  -7.832  1.00 29.27 ? 501 B1V A O23 1 
HETATM 1037 N N17 . B1V B 2 .   ? -0.865  -2.098  -7.369  1.00 30.25 ? 501 B1V A N17 1 
HETATM 1038 C C18 . B1V B 2 .   ? -1.549  -1.740  -6.111  1.00 31.36 ? 501 B1V A C18 1 
HETATM 1039 C C19 . B1V B 2 .   ? -2.965  -1.238  -6.406  1.00 29.26 ? 501 B1V A C19 1 
HETATM 1040 C C20 . B1V B 2 .   ? -3.752  -2.173  -7.339  1.00 29.60 ? 501 B1V A C20 1 
HETATM 1041 C C21 . B1V B 2 .   ? -2.933  -2.844  -8.449  1.00 29.83 ? 501 B1V A C21 1 
HETATM 1042 C C22 . B1V B 2 .   ? -1.540  -3.255  -7.991  1.00 31.41 ? 501 B1V A C22 1 
HETATM 1043 O O   . HOH C 3 .   ? 7.056   11.925  14.427  1.00 81.54 ? 502 HOH A O   1 
HETATM 1044 O O   . HOH C 3 .   ? 5.062   12.253  16.803  1.00 43.34 ? 503 HOH A O   1 
HETATM 1045 O O   . HOH C 3 .   ? 19.687  -2.997  6.050   1.00 52.46 ? 504 HOH A O   1 
HETATM 1046 O O   . HOH C 3 .   ? 12.438  2.151   11.274  1.00 26.71 ? 505 HOH A O   1 
HETATM 1047 O O   . HOH C 3 .   ? 7.962   13.748  12.677  1.00 36.17 ? 506 HOH A O   1 
HETATM 1048 O O   . HOH C 3 .   ? 12.710  9.679   7.392   1.00 19.25 ? 507 HOH A O   1 
HETATM 1049 O O   . HOH C 3 .   ? 15.755  0.213   6.142   1.00 29.81 ? 508 HOH A O   1 
HETATM 1050 O O   . HOH C 3 .   ? 10.458  15.857  13.876  1.00 49.26 ? 509 HOH A O   1 
HETATM 1051 O O   . HOH C 3 .   ? 19.330  2.814   1.360   1.00 45.40 ? 510 HOH A O   1 
HETATM 1052 O O   . HOH C 3 .   ? 15.533  4.075   3.805   1.00 23.42 ? 511 HOH A O   1 
HETATM 1053 O O   . HOH C 3 .   ? 17.434  -1.330  5.074   1.00 32.23 ? 512 HOH A O   1 
HETATM 1054 O O   . HOH C 3 .   ? 4.599   2.988   15.643  1.00 52.28 ? 513 HOH A O   1 
HETATM 1055 O O   . HOH C 3 .   ? 13.734  -6.946  8.253   1.00 23.75 ? 514 HOH A O   1 
HETATM 1056 O O   . HOH C 3 .   ? 3.546   -7.421  18.029  1.00 59.72 ? 515 HOH A O   1 
HETATM 1057 O O   . HOH C 3 .   ? 4.469   10.585  12.454  1.00 40.15 ? 516 HOH A O   1 
HETATM 1058 O O   . HOH C 3 .   ? 13.722  6.158   4.233   1.00 20.70 ? 517 HOH A O   1 
HETATM 1059 O O   . HOH C 3 .   ? 7.889   18.541  6.398   1.00 31.04 ? 518 HOH A O   1 
HETATM 1060 O O   . HOH C 3 .   ? 14.475  7.673   2.111   1.00 26.32 ? 519 HOH A O   1 
HETATM 1061 O O   . HOH C 3 .   ? -1.413  -0.363  20.554  1.00 53.77 ? 520 HOH A O   1 
HETATM 1062 O O   . HOH C 3 .   ? 10.756  12.398  3.477   1.00 43.00 ? 521 HOH A O   1 
HETATM 1063 O O   . HOH C 3 .   ? 11.615  -12.431 9.438   1.00 71.26 ? 522 HOH A O   1 
HETATM 1064 O O   . HOH C 3 .   ? 19.375  4.478   -3.114  1.00 49.45 ? 523 HOH A O   1 
HETATM 1065 O O   . HOH C 3 .   ? 14.835  -10.587 3.939   1.00 30.39 ? 524 HOH A O   1 
HETATM 1066 O O   . HOH C 3 .   ? 5.787   -13.706 11.890  1.00 44.07 ? 525 HOH A O   1 
HETATM 1067 O O   . HOH C 3 .   ? 11.323  13.190  1.166   1.00 30.10 ? 526 HOH A O   1 
HETATM 1068 O O   . HOH C 3 .   ? 7.981   13.117  3.903   1.00 23.20 ? 527 HOH A O   1 
HETATM 1069 O O   . HOH C 3 .   ? 1.334   13.238  9.820   1.00 18.91 ? 528 HOH A O   1 
HETATM 1070 O O   . HOH C 3 .   ? 10.180  7.808   1.125   1.00 20.58 ? 529 HOH A O   1 
HETATM 1071 O O   . HOH C 3 .   ? 16.077  3.362   -4.218  1.00 44.13 ? 530 HOH A O   1 
HETATM 1072 O O   . HOH C 3 .   ? -6.377  3.158   18.683  1.00 38.52 ? 531 HOH A O   1 
HETATM 1073 O O   . HOH C 3 .   ? 9.474   -13.161 6.312   1.00 26.04 ? 532 HOH A O   1 
HETATM 1074 O O   . HOH C 3 .   ? 8.951   13.630  0.090   1.00 30.88 ? 533 HOH A O   1 
HETATM 1075 O O   . HOH C 3 .   ? 7.703   16.160  -0.639  1.00 30.93 ? 534 HOH A O   1 
HETATM 1076 O O   . HOH C 3 .   ? -3.766  9.503   12.920  1.00 30.71 ? 535 HOH A O   1 
HETATM 1077 O O   . HOH C 3 .   ? 1.120   -12.227 11.462  1.00 56.54 ? 536 HOH A O   1 
HETATM 1078 O O   . HOH C 3 .   ? 9.298   13.326  -2.668  1.00 17.72 ? 537 HOH A O   1 
HETATM 1079 O O   . HOH C 3 .   ? 14.133  0.459   -6.521  1.00 31.59 ? 538 HOH A O   1 
HETATM 1080 O O   . HOH C 3 .   ? 7.037   -13.592 4.942   1.00 36.13 ? 539 HOH A O   1 
HETATM 1081 O O   . HOH C 3 .   ? 11.144  -13.903 -1.149  1.00 24.51 ? 540 HOH A O   1 
HETATM 1082 O O   . HOH C 3 .   ? -1.292  20.171  4.175   1.00 33.41 ? 541 HOH A O   1 
HETATM 1083 O O   . HOH C 3 .   ? 14.317  4.296   -8.379  1.00 31.02 ? 542 HOH A O   1 
HETATM 1084 O O   . HOH C 3 .   ? 12.760  -6.827  -4.763  1.00 43.11 ? 543 HOH A O   1 
HETATM 1085 O O   . HOH C 3 .   ? 2.480   -15.949 5.867   1.00 38.86 ? 544 HOH A O   1 
HETATM 1086 O O   . HOH C 3 .   ? 5.261   12.979  -2.561  1.00 26.28 ? 545 HOH A O   1 
HETATM 1087 O O   . HOH C 3 .   ? 9.064   8.218   -5.759  1.00 29.74 ? 546 HOH A O   1 
HETATM 1088 O O   . HOH C 3 .   ? -2.622  14.402  3.474   1.00 19.33 ? 547 HOH A O   1 
HETATM 1089 O O   . HOH C 3 .   ? 11.333  6.460   -7.769  1.00 53.27 ? 548 HOH A O   1 
HETATM 1090 O O   . HOH C 3 .   ? -1.438  1.907   5.446   1.00 19.06 ? 549 HOH A O   1 
HETATM 1091 O O   . HOH C 3 .   ? -0.054  -15.006 6.162   1.00 42.54 ? 550 HOH A O   1 
HETATM 1092 O O   . HOH C 3 .   ? -4.091  11.157  5.188   1.00 15.53 ? 551 HOH A O   1 
HETATM 1093 O O   . HOH C 3 .   ? 9.068   5.680   -6.507  1.00 31.60 ? 552 HOH A O   1 
HETATM 1094 O O   . HOH C 3 .   ? -2.604  -10.290 7.585   1.00 41.11 ? 553 HOH A O   1 
HETATM 1095 O O   . HOH C 3 .   ? 2.788   -12.956 2.611   1.00 26.52 ? 554 HOH A O   1 
HETATM 1096 O O   . HOH C 3 .   ? 0.851   15.251  -1.959  1.00 49.37 ? 555 HOH A O   1 
HETATM 1097 O O   . HOH C 3 .   ? -6.324  -8.074  10.108  1.00 32.87 ? 556 HOH A O   1 
HETATM 1098 O O   . HOH C 3 .   ? 3.627   -16.649 1.467   1.00 18.96 ? 557 HOH A O   1 
HETATM 1099 O O   . HOH C 3 .   ? 1.014   12.398  -2.797  1.00 29.00 ? 558 HOH A O   1 
HETATM 1100 O O   . HOH C 3 .   ? 11.832  7.177   -12.335 1.00 57.30 ? 559 HOH A O   1 
HETATM 1101 O O   . HOH C 3 .   ? 10.480  -5.363  -9.211  1.00 37.33 ? 560 HOH A O   1 
HETATM 1102 O O   . HOH C 3 .   ? 12.697  7.856   -14.836 1.00 29.10 ? 561 HOH A O   1 
HETATM 1103 O O   . HOH C 3 .   ? -5.153  17.216  0.896   1.00 31.29 ? 562 HOH A O   1 
HETATM 1104 O O   . HOH C 3 .   ? -8.409  -5.517  8.931   1.00 30.72 ? 563 HOH A O   1 
HETATM 1105 O O   . HOH C 3 .   ? -10.080 7.242   7.605   1.00 20.19 ? 564 HOH A O   1 
HETATM 1106 O O   . HOH C 3 .   ? 4.794   -0.087  -7.211  1.00 23.26 ? 565 HOH A O   1 
HETATM 1107 O O   . HOH C 3 .   ? -6.880  -3.843  5.980   1.00 26.58 ? 566 HOH A O   1 
HETATM 1108 O O   . HOH C 3 .   ? 2.158   10.582  -6.636  1.00 20.41 ? 567 HOH A O   1 
HETATM 1109 O O   . HOH C 3 .   ? 9.258   6.057   -13.389 1.00 47.43 ? 568 HOH A O   1 
HETATM 1110 O O   . HOH C 3 .   ? -11.374 11.355  5.856   1.00 45.19 ? 569 HOH A O   1 
HETATM 1111 O O   . HOH C 3 .   ? -3.983  -12.868 3.332   1.00 22.18 ? 570 HOH A O   1 
HETATM 1112 O O   . HOH C 3 .   ? -2.952  -15.455 3.328   1.00 26.53 ? 571 HOH A O   1 
HETATM 1113 O O   . HOH C 3 .   ? -1.217  11.462  -4.297  1.00 30.80 ? 572 HOH A O   1 
HETATM 1114 O O   . HOH C 3 .   ? 0.587   7.355   -6.109  1.00 40.58 ? 573 HOH A O   1 
HETATM 1115 O O   . HOH C 3 .   ? -0.374  5.053   -5.160  1.00 27.25 ? 574 HOH A O   1 
HETATM 1116 O O   . HOH C 3 .   ? 9.557   -8.732  -13.251 1.00 50.25 ? 575 HOH A O   1 
HETATM 1117 O O   . HOH C 3 .   ? 3.711   -8.025  -6.584  1.00 23.64 ? 576 HOH A O   1 
HETATM 1118 O O   . HOH C 3 .   ? 6.968   3.956   -13.166 1.00 27.61 ? 577 HOH A O   1 
HETATM 1119 O O   . HOH C 3 .   ? 3.224   -4.848  -7.550  1.00 35.12 ? 578 HOH A O   1 
HETATM 1120 O O   . HOH C 3 .   ? -0.947  10.641  -6.976  1.00 23.11 ? 579 HOH A O   1 
HETATM 1121 O O   . HOH C 3 .   ? -12.070 -3.636  5.935   1.00 32.92 ? 580 HOH A O   1 
HETATM 1122 O O   . HOH C 3 .   ? -2.944  1.461   -3.980  1.00 20.59 ? 581 HOH A O   1 
HETATM 1123 O O   . HOH C 3 .   ? 13.320  -9.638  -6.290  1.00 43.71 ? 582 HOH A O   1 
HETATM 1124 O O   . HOH C 3 .   ? -10.476 15.898  -0.060  1.00 32.75 ? 583 HOH A O   1 
HETATM 1125 O O   . HOH C 3 .   ? 0.947   7.111   -9.112  1.00 30.83 ? 584 HOH A O   1 
HETATM 1126 O O   . HOH C 3 .   ? -0.572  2.269   -6.012  1.00 21.17 ? 585 HOH A O   1 
HETATM 1127 O O   . HOH C 3 .   ? 8.693   1.031   -13.350 1.00 38.78 ? 586 HOH A O   1 
HETATM 1128 O O   . HOH C 3 .   ? -5.136  -0.245  -3.585  1.00 17.68 ? 587 HOH A O   1 
HETATM 1129 O O   . HOH C 3 .   ? 6.909   15.958  -3.364  1.00 18.90 ? 588 HOH A O   1 
HETATM 1130 O O   . HOH C 3 .   ? -12.672 -0.811  2.788   1.00 40.90 ? 589 HOH A O   1 
HETATM 1131 O O   . HOH C 3 .   ? -10.538 -12.704 3.457   1.00 19.42 ? 590 HOH A O   1 
HETATM 1132 O O   . HOH C 3 .   ? -8.779  -14.312 1.976   1.00 38.79 ? 591 HOH A O   1 
HETATM 1133 O O   . HOH C 3 .   ? -14.469 -6.178  3.421   1.00 28.29 ? 592 HOH A O   1 
HETATM 1134 O O   . HOH C 3 .   ? 1.810   -12.680 -13.000 1.00 36.22 ? 593 HOH A O   1 
HETATM 1135 O O   . HOH C 3 .   ? -1.233  -11.473 -10.529 1.00 30.71 ? 594 HOH A O   1 
HETATM 1136 O O   . HOH C 3 .   ? -4.716  -14.623 -5.606  1.00 21.39 ? 595 HOH A O   1 
HETATM 1137 O O   . HOH C 3 .   ? -8.352  -14.889 -2.034  1.00 28.55 ? 596 HOH A O   1 
HETATM 1138 O O   . HOH C 3 .   ? -14.013 -3.228  0.273   1.00 36.36 ? 597 HOH A O   1 
HETATM 1139 O O   . HOH C 3 .   ? -13.621 -14.365 2.280   1.00 22.62 ? 598 HOH A O   1 
HETATM 1140 O O   . HOH C 3 .   ? -11.746 -17.159 1.217   1.00 52.85 ? 599 HOH A O   1 
HETATM 1141 O O   . HOH C 3 .   ? -11.840 9.608   -6.125  1.00 42.08 ? 600 HOH A O   1 
HETATM 1142 O O   . HOH C 3 .   ? -1.062  4.525   -17.459 1.00 54.04 ? 601 HOH A O   1 
HETATM 1143 O O   . HOH C 3 .   ? -14.612 8.909   -3.257  1.00 38.02 ? 602 HOH A O   1 
HETATM 1144 O O   . HOH C 3 .   ? -16.770 5.272   -1.427  1.00 31.89 ? 603 HOH A O   1 
HETATM 1145 O O   . HOH C 3 .   ? -15.935 -1.674  -1.601  1.00 22.83 ? 604 HOH A O   1 
HETATM 1146 O O   . HOH C 3 .   ? -14.572 -13.088 -1.962  1.00 51.55 ? 605 HOH A O   1 
HETATM 1147 O O   . HOH C 3 .   ? -9.117  -17.401 -5.247  1.00 42.10 ? 606 HOH A O   1 
HETATM 1148 O O   . HOH C 3 .   ? -16.668 7.257   -3.410  1.00 25.19 ? 607 HOH A O   1 
HETATM 1149 O O   . HOH C 3 .   ? 0.959   -8.433  -18.929 1.00 51.74 ? 608 HOH A O   1 
HETATM 1150 O O   . HOH C 3 .   ? -7.432  -13.932 -9.215  1.00 35.72 ? 609 HOH A O   1 
HETATM 1151 O O   . HOH C 3 .   ? -10.699 5.899   -11.069 1.00 27.91 ? 610 HOH A O   1 
HETATM 1152 O O   . HOH C 3 .   ? 0.234   -3.113  -18.358 1.00 49.10 ? 611 HOH A O   1 
HETATM 1153 O O   . HOH C 3 .   ? -12.542 8.073   -9.260  1.00 39.42 ? 612 HOH A O   1 
HETATM 1154 O O   . HOH C 3 .   ? -15.081 8.469   -7.017  1.00 28.71 ? 613 HOH A O   1 
HETATM 1155 O O   . HOH C 3 .   ? -6.229  -1.571  -14.729 1.00 35.42 ? 614 HOH A O   1 
HETATM 1156 O O   . HOH C 3 .   ? -8.230  -0.568  -11.838 1.00 31.17 ? 615 HOH A O   1 
HETATM 1157 O O   . HOH C 3 .   ? -15.455 -10.657 -2.414  1.00 26.35 ? 616 HOH A O   1 
HETATM 1158 O O   . HOH C 3 .   ? -8.248  1.688   -13.344 1.00 40.27 ? 617 HOH A O   1 
HETATM 1159 O O   . HOH C 3 .   ? -12.292 -0.128  -9.615  1.00 26.97 ? 618 HOH A O   1 
HETATM 1160 O O   . HOH C 3 .   ? -20.231 -0.385  -3.297  1.00 45.68 ? 619 HOH A O   1 
HETATM 1161 O O   . HOH C 3 .   ? -15.037 -6.962  -8.090  1.00 50.91 ? 620 HOH A O   1 
HETATM 1162 O O   . HOH C 3 .   ? -6.612  -13.475 -12.521 1.00 38.65 ? 621 HOH A O   1 
HETATM 1163 O O   . HOH C 3 .   ? -11.650 -15.939 -7.126  1.00 50.65 ? 622 HOH A O   1 
HETATM 1164 O O   . HOH C 3 .   ? -5.020  -4.133  -17.673 1.00 29.41 ? 623 HOH A O   1 
HETATM 1165 O O   . HOH C 3 .   ? -16.194 -4.948  -10.220 1.00 57.60 ? 624 HOH A O   1 
HETATM 1166 O O   . HOH C 3 .   ? -18.725 7.485   -8.915  1.00 45.23 ? 625 HOH A O   1 
HETATM 1167 O O   . HOH C 3 .   ? -10.017 -1.953  -15.368 1.00 35.47 ? 626 HOH A O   1 
HETATM 1168 O O   . HOH C 3 .   ? -14.436 -2.160  -11.423 1.00 46.46 ? 627 HOH A O   1 
HETATM 1169 O O   . HOH C 3 .   ? -14.964 -12.909 -9.422  1.00 48.12 ? 628 HOH A O   1 
HETATM 1170 O O   . HOH C 3 .   ? -6.076  -6.800  -19.693 1.00 32.09 ? 629 HOH A O   1 
HETATM 1171 O O   . HOH C 3 .   ? -13.389 -4.153  -14.376 1.00 57.84 ? 630 HOH A O   1 
HETATM 1172 O O   . HOH C 3 .   ? -20.189 -5.532  -7.880  1.00 54.10 ? 631 HOH A O   1 
HETATM 1173 O O   . HOH C 3 .   ? 5.225   -1.565  -2.599  1.00 20.53 ? 632 HOH A O   1 
HETATM 1174 O O   . HOH C 3 .   ? 2.670   0.184   -3.150  1.00 44.18 ? 633 HOH A O   1 
HETATM 1175 O O   . HOH C 3 .   ? 1.897   1.701   -5.273  1.00 38.08 ? 634 HOH A O   1 
HETATM 1176 O O   . HOH C 3 .   ? 2.963   0.425   -0.472  1.00 54.33 ? 635 HOH A O   1 
# 
